data_2JAC
# 
_entry.id   2JAC 
# 
_audit_conform.dict_name       mmcif_pdbx.dic 
_audit_conform.dict_version    5.391 
_audit_conform.dict_location   http://mmcif.pdb.org/dictionaries/ascii/mmcif_pdbx.dic 
# 
loop_
_database_2.database_id 
_database_2.database_code 
_database_2.pdbx_database_accession 
_database_2.pdbx_DOI 
PDB   2JAC         pdb_00002jac 10.2210/pdb2jac/pdb 
PDBE  EBI-30640    ?            ?                   
WWPDB D_1290030640 ?            ?                   
# 
loop_
_pdbx_audit_revision_history.ordinal 
_pdbx_audit_revision_history.data_content_type 
_pdbx_audit_revision_history.major_revision 
_pdbx_audit_revision_history.minor_revision 
_pdbx_audit_revision_history.revision_date 
1 'Structure model' 1 0 2006-12-11 
2 'Structure model' 1 1 2011-07-13 
3 'Structure model' 1 2 2011-12-07 
4 'Structure model' 1 3 2014-10-22 
5 'Structure model' 1 4 2018-01-17 
6 'Structure model' 1 5 2024-05-08 
# 
_pdbx_audit_revision_details.ordinal             1 
_pdbx_audit_revision_details.revision_ordinal    1 
_pdbx_audit_revision_details.data_content_type   'Structure model' 
_pdbx_audit_revision_details.provider            repository 
_pdbx_audit_revision_details.type                'Initial release' 
_pdbx_audit_revision_details.description         ? 
_pdbx_audit_revision_details.details             ? 
# 
loop_
_pdbx_audit_revision_group.ordinal 
_pdbx_audit_revision_group.revision_ordinal 
_pdbx_audit_revision_group.data_content_type 
_pdbx_audit_revision_group.group 
1  2 'Structure model' 'Database references'       
2  2 'Structure model' 'Derived calculations'      
3  2 'Structure model' 'Non-polymer description'   
4  2 'Structure model' 'Version format compliance' 
5  3 'Structure model' 'Atomic model'              
6  3 'Structure model' 'Database references'       
7  3 'Structure model' 'Derived calculations'      
8  3 'Structure model' 'Non-polymer description'   
9  3 'Structure model' Other                       
10 3 'Structure model' 'Refinement description'    
11 3 'Structure model' 'Source and taxonomy'       
12 3 'Structure model' 'Structure summary'         
13 4 'Structure model' 'Database references'       
14 5 'Structure model' 'Data collection'           
15 6 'Structure model' 'Data collection'           
16 6 'Structure model' 'Database references'       
17 6 'Structure model' 'Derived calculations'      
18 6 'Structure model' Other                       
# 
loop_
_pdbx_audit_revision_category.ordinal 
_pdbx_audit_revision_category.revision_ordinal 
_pdbx_audit_revision_category.data_content_type 
_pdbx_audit_revision_category.category 
1 5 'Structure model' diffrn_source        
2 6 'Structure model' chem_comp_atom       
3 6 'Structure model' chem_comp_bond       
4 6 'Structure model' database_2           
5 6 'Structure model' pdbx_database_status 
6 6 'Structure model' struct_site          
# 
loop_
_pdbx_audit_revision_item.ordinal 
_pdbx_audit_revision_item.revision_ordinal 
_pdbx_audit_revision_item.data_content_type 
_pdbx_audit_revision_item.item 
1 5 'Structure model' '_diffrn_source.pdbx_synchrotron_site' 
2 6 'Structure model' '_database_2.pdbx_DOI'                 
3 6 'Structure model' '_database_2.pdbx_database_accession'  
4 6 'Structure model' '_pdbx_database_status.status_code_sf' 
5 6 'Structure model' '_struct_site.pdbx_auth_asym_id'       
6 6 'Structure model' '_struct_site.pdbx_auth_comp_id'       
7 6 'Structure model' '_struct_site.pdbx_auth_seq_id'        
# 
_pdbx_database_status.status_code                     REL 
_pdbx_database_status.entry_id                        2JAC 
_pdbx_database_status.deposit_site                    PDBE 
_pdbx_database_status.process_site                    PDBE 
_pdbx_database_status.SG_entry                        . 
_pdbx_database_status.recvd_initial_deposition_date   2006-11-27 
_pdbx_database_status.pdb_format_compatible           Y 
_pdbx_database_status.status_code_sf                  REL 
_pdbx_database_status.status_code_mr                  ? 
_pdbx_database_status.status_code_cs                  ? 
_pdbx_database_status.methods_development_category    ? 
_pdbx_database_status.status_code_nmr_data            ? 
# 
_pdbx_database_related.db_name        PDB 
_pdbx_database_related.db_id          2JAD 
_pdbx_database_related.content_type   unspecified 
_pdbx_database_related.details        'YELLOW FLUORESCENT PROTEIN - GLUTAREDOXIN FUSION PROTEIN' 
# 
loop_
_audit_author.name 
_audit_author.pdbx_ordinal 
'Hakansson, K.O.' 1 
'Winther, J.R.'   2 
# 
loop_
_citation.id 
_citation.title 
_citation.journal_abbrev 
_citation.journal_volume 
_citation.page_first 
_citation.page_last 
_citation.year 
_citation.journal_id_ASTM 
_citation.country 
_citation.journal_id_ISSN 
_citation.journal_id_CSD 
_citation.book_publisher 
_citation.pdbx_database_id_PubMed 
_citation.pdbx_database_id_DOI 
primary 'Structure of Glutaredoxin Grx1P C30S Mutant from Yeast.'          'Acta Crystallogr.,Sect.D' 63 288 ? 2007 ABCRE6 DK 
0907-4449 0766 ? 17327665 10.1107/S0907444906051675 
1       'Crystallisation of Mutant Forms of Glutaredoxin Grx1P from Yeast' 'Acta Crystallogr.,Sect.F' 62 920 ? 2006 ?      DK 
1744-3091 ?    ? 16946480 10.1107/S1744309106031216 
# 
loop_
_citation_author.citation_id 
_citation_author.name 
_citation_author.ordinal 
_citation_author.identifier_ORCID 
primary 'Hakansson, K.O.' 1 ? 
primary 'Winther, J.R.'   2 ? 
1       'Hakansson, K.O.' 3 ? 
1       'Ostergaard, H.'  4 ? 
1       'Winther, J.R.'   5 ? 
# 
loop_
_entity.id 
_entity.type 
_entity.src_method 
_entity.pdbx_description 
_entity.formula_weight 
_entity.pdbx_number_of_molecules 
_entity.pdbx_ec 
_entity.pdbx_mutation 
_entity.pdbx_fragment 
_entity.details 
1 polymer     man GLUTAREDOXIN-1 12378.087 1  ? YES ? ? 
2 non-polymer syn GLUTATHIONE    307.323   1  ? ?   ? ? 
3 water       nat water          18.015    65 ? ?   ? ? 
# 
_entity_name_com.entity_id   1 
_entity_name_com.name        'GLUTAREDOXIN, GLUTATHIONE-DEPENDENT OXIDOREDUCTASE 1' 
# 
_entity_poly.entity_id                      1 
_entity_poly.type                           'polypeptide(L)' 
_entity_poly.nstd_linkage                   no 
_entity_poly.nstd_monomer                   no 
_entity_poly.pdbx_seq_one_letter_code       
;MVSQETIKHVKDLIAENEIFVASKTYCPYSHAALNTLFEKLKVPRSKVLVLQLNDMKEGADIQAALYEINGQRTVPNIYI
NGKHIGGNDDLQELRETGELEELLEPILAN
;
_entity_poly.pdbx_seq_one_letter_code_can   
;MVSQETIKHVKDLIAENEIFVASKTYCPYSHAALNTLFEKLKVPRSKVLVLQLNDMKEGADIQAALYEINGQRTVPNIYI
NGKHIGGNDDLQELRETGELEELLEPILAN
;
_entity_poly.pdbx_strand_id                 A 
_entity_poly.pdbx_target_identifier         ? 
# 
loop_
_pdbx_entity_nonpoly.entity_id 
_pdbx_entity_nonpoly.name 
_pdbx_entity_nonpoly.comp_id 
2 GLUTATHIONE GSH 
3 water       HOH 
# 
loop_
_entity_poly_seq.entity_id 
_entity_poly_seq.num 
_entity_poly_seq.mon_id 
_entity_poly_seq.hetero 
1 1   MET n 
1 2   VAL n 
1 3   SER n 
1 4   GLN n 
1 5   GLU n 
1 6   THR n 
1 7   ILE n 
1 8   LYS n 
1 9   HIS n 
1 10  VAL n 
1 11  LYS n 
1 12  ASP n 
1 13  LEU n 
1 14  ILE n 
1 15  ALA n 
1 16  GLU n 
1 17  ASN n 
1 18  GLU n 
1 19  ILE n 
1 20  PHE n 
1 21  VAL n 
1 22  ALA n 
1 23  SER n 
1 24  LYS n 
1 25  THR n 
1 26  TYR n 
1 27  CYS n 
1 28  PRO n 
1 29  TYR n 
1 30  SER n 
1 31  HIS n 
1 32  ALA n 
1 33  ALA n 
1 34  LEU n 
1 35  ASN n 
1 36  THR n 
1 37  LEU n 
1 38  PHE n 
1 39  GLU n 
1 40  LYS n 
1 41  LEU n 
1 42  LYS n 
1 43  VAL n 
1 44  PRO n 
1 45  ARG n 
1 46  SER n 
1 47  LYS n 
1 48  VAL n 
1 49  LEU n 
1 50  VAL n 
1 51  LEU n 
1 52  GLN n 
1 53  LEU n 
1 54  ASN n 
1 55  ASP n 
1 56  MET n 
1 57  LYS n 
1 58  GLU n 
1 59  GLY n 
1 60  ALA n 
1 61  ASP n 
1 62  ILE n 
1 63  GLN n 
1 64  ALA n 
1 65  ALA n 
1 66  LEU n 
1 67  TYR n 
1 68  GLU n 
1 69  ILE n 
1 70  ASN n 
1 71  GLY n 
1 72  GLN n 
1 73  ARG n 
1 74  THR n 
1 75  VAL n 
1 76  PRO n 
1 77  ASN n 
1 78  ILE n 
1 79  TYR n 
1 80  ILE n 
1 81  ASN n 
1 82  GLY n 
1 83  LYS n 
1 84  HIS n 
1 85  ILE n 
1 86  GLY n 
1 87  GLY n 
1 88  ASN n 
1 89  ASP n 
1 90  ASP n 
1 91  LEU n 
1 92  GLN n 
1 93  GLU n 
1 94  LEU n 
1 95  ARG n 
1 96  GLU n 
1 97  THR n 
1 98  GLY n 
1 99  GLU n 
1 100 LEU n 
1 101 GLU n 
1 102 GLU n 
1 103 LEU n 
1 104 LEU n 
1 105 GLU n 
1 106 PRO n 
1 107 ILE n 
1 108 LEU n 
1 109 ALA n 
1 110 ASN n 
# 
_entity_src_gen.entity_id                          1 
_entity_src_gen.pdbx_src_id                        1 
_entity_src_gen.pdbx_alt_source_flag               sample 
_entity_src_gen.pdbx_seq_type                      ? 
_entity_src_gen.pdbx_beg_seq_num                   ? 
_entity_src_gen.pdbx_end_seq_num                   ? 
_entity_src_gen.gene_src_common_name               
;BAKERS' YEAST
;
_entity_src_gen.gene_src_genus                     ? 
_entity_src_gen.pdbx_gene_src_gene                 ? 
_entity_src_gen.gene_src_species                   ? 
_entity_src_gen.gene_src_strain                    ? 
_entity_src_gen.gene_src_tissue                    ? 
_entity_src_gen.gene_src_tissue_fraction           ? 
_entity_src_gen.gene_src_details                   ? 
_entity_src_gen.pdbx_gene_src_fragment             ? 
_entity_src_gen.pdbx_gene_src_scientific_name      'SACCHAROMYCES CEREVISIAE' 
_entity_src_gen.pdbx_gene_src_ncbi_taxonomy_id     4932 
_entity_src_gen.pdbx_gene_src_variant              ? 
_entity_src_gen.pdbx_gene_src_cell_line            ? 
_entity_src_gen.pdbx_gene_src_atcc                 ? 
_entity_src_gen.pdbx_gene_src_organ                ? 
_entity_src_gen.pdbx_gene_src_organelle            ? 
_entity_src_gen.pdbx_gene_src_cell                 ? 
_entity_src_gen.pdbx_gene_src_cellular_location    ? 
_entity_src_gen.host_org_common_name               ? 
_entity_src_gen.pdbx_host_org_scientific_name      'ESCHERICHIA COLI' 
_entity_src_gen.pdbx_host_org_ncbi_taxonomy_id     469008 
_entity_src_gen.host_org_genus                     ? 
_entity_src_gen.pdbx_host_org_gene                 ? 
_entity_src_gen.pdbx_host_org_organ                ? 
_entity_src_gen.host_org_species                   ? 
_entity_src_gen.pdbx_host_org_tissue               ? 
_entity_src_gen.pdbx_host_org_tissue_fraction      ? 
_entity_src_gen.pdbx_host_org_strain               'BL21(DE3)' 
_entity_src_gen.pdbx_host_org_variant              ? 
_entity_src_gen.pdbx_host_org_cell_line            ? 
_entity_src_gen.pdbx_host_org_atcc                 ? 
_entity_src_gen.pdbx_host_org_culture_collection   ? 
_entity_src_gen.pdbx_host_org_cell                 ? 
_entity_src_gen.pdbx_host_org_organelle            ? 
_entity_src_gen.pdbx_host_org_cellular_location    ? 
_entity_src_gen.pdbx_host_org_vector_type          ? 
_entity_src_gen.pdbx_host_org_vector               ? 
_entity_src_gen.host_org_details                   ? 
_entity_src_gen.expression_system_id               ? 
_entity_src_gen.plasmid_name                       ? 
_entity_src_gen.plasmid_details                    ? 
_entity_src_gen.pdbx_description                   ? 
# 
loop_
_chem_comp.id 
_chem_comp.type 
_chem_comp.mon_nstd_flag 
_chem_comp.name 
_chem_comp.pdbx_synonyms 
_chem_comp.formula 
_chem_comp.formula_weight 
ALA 'L-peptide linking' y ALANINE         ? 'C3 H7 N O2'      89.093  
ARG 'L-peptide linking' y ARGININE        ? 'C6 H15 N4 O2 1'  175.209 
ASN 'L-peptide linking' y ASPARAGINE      ? 'C4 H8 N2 O3'     132.118 
ASP 'L-peptide linking' y 'ASPARTIC ACID' ? 'C4 H7 N O4'      133.103 
CYS 'L-peptide linking' y CYSTEINE        ? 'C3 H7 N O2 S'    121.158 
GLN 'L-peptide linking' y GLUTAMINE       ? 'C5 H10 N2 O3'    146.144 
GLU 'L-peptide linking' y 'GLUTAMIC ACID' ? 'C5 H9 N O4'      147.129 
GLY 'peptide linking'   y GLYCINE         ? 'C2 H5 N O2'      75.067  
GSH non-polymer         . GLUTATHIONE     ? 'C10 H17 N3 O6 S' 307.323 
HIS 'L-peptide linking' y HISTIDINE       ? 'C6 H10 N3 O2 1'  156.162 
HOH non-polymer         . WATER           ? 'H2 O'            18.015  
ILE 'L-peptide linking' y ISOLEUCINE      ? 'C6 H13 N O2'     131.173 
LEU 'L-peptide linking' y LEUCINE         ? 'C6 H13 N O2'     131.173 
LYS 'L-peptide linking' y LYSINE          ? 'C6 H15 N2 O2 1'  147.195 
MET 'L-peptide linking' y METHIONINE      ? 'C5 H11 N O2 S'   149.211 
PHE 'L-peptide linking' y PHENYLALANINE   ? 'C9 H11 N O2'     165.189 
PRO 'L-peptide linking' y PROLINE         ? 'C5 H9 N O2'      115.130 
SER 'L-peptide linking' y SERINE          ? 'C3 H7 N O3'      105.093 
THR 'L-peptide linking' y THREONINE       ? 'C4 H9 N O3'      119.119 
TYR 'L-peptide linking' y TYROSINE        ? 'C9 H11 N O3'     181.189 
VAL 'L-peptide linking' y VALINE          ? 'C5 H11 N O2'     117.146 
# 
loop_
_pdbx_poly_seq_scheme.asym_id 
_pdbx_poly_seq_scheme.entity_id 
_pdbx_poly_seq_scheme.seq_id 
_pdbx_poly_seq_scheme.mon_id 
_pdbx_poly_seq_scheme.ndb_seq_num 
_pdbx_poly_seq_scheme.pdb_seq_num 
_pdbx_poly_seq_scheme.auth_seq_num 
_pdbx_poly_seq_scheme.pdb_mon_id 
_pdbx_poly_seq_scheme.auth_mon_id 
_pdbx_poly_seq_scheme.pdb_strand_id 
_pdbx_poly_seq_scheme.pdb_ins_code 
_pdbx_poly_seq_scheme.hetero 
A 1 1   MET 1   1   1   MET MET A . n 
A 1 2   VAL 2   2   2   VAL VAL A . n 
A 1 3   SER 3   3   3   SER SER A . n 
A 1 4   GLN 4   4   4   GLN GLN A . n 
A 1 5   GLU 5   5   5   GLU GLU A . n 
A 1 6   THR 6   6   6   THR THR A . n 
A 1 7   ILE 7   7   7   ILE ILE A . n 
A 1 8   LYS 8   8   8   LYS LYS A . n 
A 1 9   HIS 9   9   9   HIS HIS A . n 
A 1 10  VAL 10  10  10  VAL VAL A . n 
A 1 11  LYS 11  11  11  LYS LYS A . n 
A 1 12  ASP 12  12  12  ASP ASP A . n 
A 1 13  LEU 13  13  13  LEU LEU A . n 
A 1 14  ILE 14  14  14  ILE ILE A . n 
A 1 15  ALA 15  15  15  ALA ALA A . n 
A 1 16  GLU 16  16  16  GLU GLU A . n 
A 1 17  ASN 17  17  17  ASN ASN A . n 
A 1 18  GLU 18  18  18  GLU GLU A . n 
A 1 19  ILE 19  19  19  ILE ILE A . n 
A 1 20  PHE 20  20  20  PHE PHE A . n 
A 1 21  VAL 21  21  21  VAL VAL A . n 
A 1 22  ALA 22  22  22  ALA ALA A . n 
A 1 23  SER 23  23  23  SER SER A . n 
A 1 24  LYS 24  24  24  LYS LYS A . n 
A 1 25  THR 25  25  25  THR THR A . n 
A 1 26  TYR 26  26  26  TYR TYR A . n 
A 1 27  CYS 27  27  27  CYS CYS A . n 
A 1 28  PRO 28  28  28  PRO PRO A . n 
A 1 29  TYR 29  29  29  TYR TYR A . n 
A 1 30  SER 30  30  30  SER SER A . n 
A 1 31  HIS 31  31  31  HIS HIS A . n 
A 1 32  ALA 32  32  32  ALA ALA A . n 
A 1 33  ALA 33  33  33  ALA ALA A . n 
A 1 34  LEU 34  34  34  LEU LEU A . n 
A 1 35  ASN 35  35  35  ASN ASN A . n 
A 1 36  THR 36  36  36  THR THR A . n 
A 1 37  LEU 37  37  37  LEU LEU A . n 
A 1 38  PHE 38  38  38  PHE PHE A . n 
A 1 39  GLU 39  39  39  GLU GLU A . n 
A 1 40  LYS 40  40  40  LYS LYS A . n 
A 1 41  LEU 41  41  41  LEU LEU A . n 
A 1 42  LYS 42  42  42  LYS LYS A . n 
A 1 43  VAL 43  43  43  VAL VAL A . n 
A 1 44  PRO 44  44  44  PRO PRO A . n 
A 1 45  ARG 45  45  45  ARG ARG A . n 
A 1 46  SER 46  46  46  SER SER A . n 
A 1 47  LYS 47  47  47  LYS LYS A . n 
A 1 48  VAL 48  48  48  VAL VAL A . n 
A 1 49  LEU 49  49  49  LEU LEU A . n 
A 1 50  VAL 50  50  50  VAL VAL A . n 
A 1 51  LEU 51  51  51  LEU LEU A . n 
A 1 52  GLN 52  52  52  GLN GLN A . n 
A 1 53  LEU 53  53  53  LEU LEU A . n 
A 1 54  ASN 54  54  54  ASN ASN A . n 
A 1 55  ASP 55  55  55  ASP ASP A . n 
A 1 56  MET 56  56  56  MET MET A . n 
A 1 57  LYS 57  57  57  LYS LYS A . n 
A 1 58  GLU 58  58  58  GLU GLU A . n 
A 1 59  GLY 59  59  59  GLY GLY A . n 
A 1 60  ALA 60  60  60  ALA ALA A . n 
A 1 61  ASP 61  61  61  ASP ASP A . n 
A 1 62  ILE 62  62  62  ILE ILE A . n 
A 1 63  GLN 63  63  63  GLN GLN A . n 
A 1 64  ALA 64  64  64  ALA ALA A . n 
A 1 65  ALA 65  65  65  ALA ALA A . n 
A 1 66  LEU 66  66  66  LEU LEU A . n 
A 1 67  TYR 67  67  67  TYR TYR A . n 
A 1 68  GLU 68  68  68  GLU GLU A . n 
A 1 69  ILE 69  69  69  ILE ILE A . n 
A 1 70  ASN 70  70  70  ASN ASN A . n 
A 1 71  GLY 71  71  71  GLY GLY A . n 
A 1 72  GLN 72  72  72  GLN GLN A . n 
A 1 73  ARG 73  73  73  ARG ARG A . n 
A 1 74  THR 74  74  74  THR THR A . n 
A 1 75  VAL 75  75  75  VAL VAL A . n 
A 1 76  PRO 76  76  76  PRO PRO A . n 
A 1 77  ASN 77  77  77  ASN ASN A . n 
A 1 78  ILE 78  78  78  ILE ILE A . n 
A 1 79  TYR 79  79  79  TYR TYR A . n 
A 1 80  ILE 80  80  80  ILE ILE A . n 
A 1 81  ASN 81  81  81  ASN ASN A . n 
A 1 82  GLY 82  82  82  GLY GLY A . n 
A 1 83  LYS 83  83  83  LYS LYS A . n 
A 1 84  HIS 84  84  84  HIS HIS A . n 
A 1 85  ILE 85  85  85  ILE ILE A . n 
A 1 86  GLY 86  86  86  GLY GLY A . n 
A 1 87  GLY 87  87  87  GLY GLY A . n 
A 1 88  ASN 88  88  88  ASN ASN A . n 
A 1 89  ASP 89  89  89  ASP ASP A . n 
A 1 90  ASP 90  90  90  ASP ASP A . n 
A 1 91  LEU 91  91  91  LEU LEU A . n 
A 1 92  GLN 92  92  92  GLN GLN A . n 
A 1 93  GLU 93  93  93  GLU GLU A . n 
A 1 94  LEU 94  94  94  LEU LEU A . n 
A 1 95  ARG 95  95  95  ARG ARG A . n 
A 1 96  GLU 96  96  96  GLU GLU A . n 
A 1 97  THR 97  97  97  THR THR A . n 
A 1 98  GLY 98  98  98  GLY GLY A . n 
A 1 99  GLU 99  99  99  GLU GLU A . n 
A 1 100 LEU 100 100 100 LEU LEU A . n 
A 1 101 GLU 101 101 101 GLU GLU A . n 
A 1 102 GLU 102 102 102 GLU GLU A . n 
A 1 103 LEU 103 103 103 LEU LEU A . n 
A 1 104 LEU 104 104 104 LEU LEU A . n 
A 1 105 GLU 105 105 105 GLU GLU A . n 
A 1 106 PRO 106 106 106 PRO PRO A . n 
A 1 107 ILE 107 107 107 ILE ILE A . n 
A 1 108 LEU 108 108 108 LEU LEU A . n 
A 1 109 ALA 109 109 ?   ?   ?   A . n 
A 1 110 ASN 110 110 ?   ?   ?   A . n 
# 
loop_
_pdbx_nonpoly_scheme.asym_id 
_pdbx_nonpoly_scheme.entity_id 
_pdbx_nonpoly_scheme.mon_id 
_pdbx_nonpoly_scheme.ndb_seq_num 
_pdbx_nonpoly_scheme.pdb_seq_num 
_pdbx_nonpoly_scheme.auth_seq_num 
_pdbx_nonpoly_scheme.pdb_mon_id 
_pdbx_nonpoly_scheme.auth_mon_id 
_pdbx_nonpoly_scheme.pdb_strand_id 
_pdbx_nonpoly_scheme.pdb_ins_code 
B 2 GSH 1  1000 1000 GSH GSH A . 
C 3 HOH 1  2001 2001 HOH HOH A . 
C 3 HOH 2  2002 2002 HOH HOH A . 
C 3 HOH 3  2003 2003 HOH HOH A . 
C 3 HOH 4  2004 2004 HOH HOH A . 
C 3 HOH 5  2005 2005 HOH HOH A . 
C 3 HOH 6  2006 2006 HOH HOH A . 
C 3 HOH 7  2007 2007 HOH HOH A . 
C 3 HOH 8  2008 2008 HOH HOH A . 
C 3 HOH 9  2009 2009 HOH HOH A . 
C 3 HOH 10 2010 2010 HOH HOH A . 
C 3 HOH 11 2011 2011 HOH HOH A . 
C 3 HOH 12 2012 2012 HOH HOH A . 
C 3 HOH 13 2013 2013 HOH HOH A . 
C 3 HOH 14 2014 2014 HOH HOH A . 
C 3 HOH 15 2015 2015 HOH HOH A . 
C 3 HOH 16 2016 2016 HOH HOH A . 
C 3 HOH 17 2017 2017 HOH HOH A . 
C 3 HOH 18 2018 2018 HOH HOH A . 
C 3 HOH 19 2019 2019 HOH HOH A . 
C 3 HOH 20 2020 2020 HOH HOH A . 
C 3 HOH 21 2021 2021 HOH HOH A . 
C 3 HOH 22 2022 2022 HOH HOH A . 
C 3 HOH 23 2023 2023 HOH HOH A . 
C 3 HOH 24 2024 2024 HOH HOH A . 
C 3 HOH 25 2025 2025 HOH HOH A . 
C 3 HOH 26 2026 2026 HOH HOH A . 
C 3 HOH 27 2027 2027 HOH HOH A . 
C 3 HOH 28 2028 2028 HOH HOH A . 
C 3 HOH 29 2029 2029 HOH HOH A . 
C 3 HOH 30 2030 2030 HOH HOH A . 
C 3 HOH 31 2031 2031 HOH HOH A . 
C 3 HOH 32 2032 2032 HOH HOH A . 
C 3 HOH 33 2033 2033 HOH HOH A . 
C 3 HOH 34 2034 2034 HOH HOH A . 
C 3 HOH 35 2035 2035 HOH HOH A . 
C 3 HOH 36 2036 2036 HOH HOH A . 
C 3 HOH 37 2037 2037 HOH HOH A . 
C 3 HOH 38 2038 2038 HOH HOH A . 
C 3 HOH 39 2039 2039 HOH HOH A . 
C 3 HOH 40 2040 2040 HOH HOH A . 
C 3 HOH 41 2041 2041 HOH HOH A . 
C 3 HOH 42 2042 2042 HOH HOH A . 
C 3 HOH 43 2043 2043 HOH HOH A . 
C 3 HOH 44 2044 2044 HOH HOH A . 
C 3 HOH 45 2045 2045 HOH HOH A . 
C 3 HOH 46 2046 2046 HOH HOH A . 
C 3 HOH 47 2047 2047 HOH HOH A . 
C 3 HOH 48 2048 2048 HOH HOH A . 
C 3 HOH 49 2049 2049 HOH HOH A . 
C 3 HOH 50 2050 2050 HOH HOH A . 
C 3 HOH 51 2051 2051 HOH HOH A . 
C 3 HOH 52 2052 2052 HOH HOH A . 
C 3 HOH 53 2053 2053 HOH HOH A . 
C 3 HOH 54 2054 2054 HOH HOH A . 
C 3 HOH 55 2055 2055 HOH HOH A . 
C 3 HOH 56 2056 2056 HOH HOH A . 
C 3 HOH 57 2057 2057 HOH HOH A . 
C 3 HOH 58 3001 3001 HOH HOH A . 
C 3 HOH 59 3002 3002 HOH HOH A . 
C 3 HOH 60 3003 3003 HOH HOH A . 
C 3 HOH 61 3004 3004 HOH HOH A . 
C 3 HOH 62 3005 3005 HOH HOH A . 
C 3 HOH 63 3006 3006 HOH HOH A . 
C 3 HOH 64 3007 3007 HOH HOH A . 
C 3 HOH 65 3008 3008 HOH HOH A . 
# 
loop_
_software.name 
_software.classification 
_software.version 
_software.citation_id 
_software.pdbx_ordinal 
MOSFLM 'data reduction' .   ? 1 
SCALA  'data scaling'   .   ? 2 
AMoRE  phasing          .   ? 3 
CCP4   phasing          .   ? 4 
CNS    refinement       1.0 ? 5 
# 
_cell.entry_id           2JAC 
_cell.length_a           32.023 
_cell.length_b           78.461 
_cell.length_c           100.114 
_cell.angle_alpha        90.00 
_cell.angle_beta         90.00 
_cell.angle_gamma        90.00 
_cell.Z_PDB              8 
_cell.pdbx_unique_axis   ? 
# 
_symmetry.entry_id                         2JAC 
_symmetry.space_group_name_H-M             'C 2 2 21' 
_symmetry.pdbx_full_space_group_name_H-M   ? 
_symmetry.cell_setting                     ? 
_symmetry.Int_Tables_number                20 
# 
_exptl.entry_id          2JAC 
_exptl.method            'X-RAY DIFFRACTION' 
_exptl.crystals_number   1 
# 
_exptl_crystal.id                    1 
_exptl_crystal.density_meas          ? 
_exptl_crystal.density_Matthews      2.5 
_exptl_crystal.density_percent_sol   52 
_exptl_crystal.description           ? 
# 
_exptl_crystal_grow.crystal_id      1 
_exptl_crystal_grow.method          ? 
_exptl_crystal_grow.temp            ? 
_exptl_crystal_grow.temp_details    ? 
_exptl_crystal_grow.pH              4.75 
_exptl_crystal_grow.pdbx_pH_range   ? 
_exptl_crystal_grow.pdbx_details    '50MM CITRATE PH 4.75 10-22.5% PEG 4000' 
# 
_diffrn.id                     1 
_diffrn.ambient_temp           100.0 
_diffrn.ambient_temp_details   ? 
_diffrn.crystal_id             1 
# 
_diffrn_detector.diffrn_id              1 
_diffrn_detector.detector               CCD 
_diffrn_detector.type                   MARRESEARCH 
_diffrn_detector.pdbx_collection_date   2005-10-30 
_diffrn_detector.details                ? 
# 
_diffrn_radiation.diffrn_id                        1 
_diffrn_radiation.wavelength_id                    1 
_diffrn_radiation.pdbx_monochromatic_or_laue_m_l   M 
_diffrn_radiation.monochromator                    ? 
_diffrn_radiation.pdbx_diffrn_protocol             'SINGLE WAVELENGTH' 
_diffrn_radiation.pdbx_scattering_type             x-ray 
# 
_diffrn_radiation_wavelength.id           1 
_diffrn_radiation_wavelength.wavelength   1.115 
_diffrn_radiation_wavelength.wt           1.0 
# 
_diffrn_source.diffrn_id                   1 
_diffrn_source.source                      SYNCHROTRON 
_diffrn_source.type                        'MAX II BEAMLINE I711' 
_diffrn_source.pdbx_synchrotron_site       'MAX II' 
_diffrn_source.pdbx_synchrotron_beamline   I711 
_diffrn_source.pdbx_wavelength             1.115 
_diffrn_source.pdbx_wavelength_list        ? 
# 
_reflns.pdbx_diffrn_id               1 
_reflns.pdbx_ordinal                 1 
_reflns.entry_id                     2JAC 
_reflns.observed_criterion_sigma_I   -10.000 
_reflns.observed_criterion_sigma_F   ? 
_reflns.d_resolution_low             20.000 
_reflns.d_resolution_high            2.020 
_reflns.number_obs                   8364 
_reflns.number_all                   ? 
_reflns.percent_possible_obs         97.5 
_reflns.pdbx_Rmerge_I_obs            0.06000 
_reflns.pdbx_Rsym_value              ? 
_reflns.pdbx_netI_over_sigmaI        8.9000 
_reflns.B_iso_Wilson_estimate        ? 
_reflns.pdbx_redundancy              4.100 
# 
_reflns_shell.pdbx_diffrn_id         1 
_reflns_shell.pdbx_ordinal           1 
_reflns_shell.d_res_high             2.02 
_reflns_shell.d_res_low              2.13 
_reflns_shell.percent_possible_all   84.5 
_reflns_shell.Rmerge_I_obs           0.23000 
_reflns_shell.pdbx_Rsym_value        ? 
_reflns_shell.meanI_over_sigI_obs    3.100 
_reflns_shell.pdbx_redundancy        4.00 
# 
_refine.pdbx_refine_id                           'X-RAY DIFFRACTION' 
_refine.entry_id                                 2JAC 
_refine.pdbx_diffrn_id                           1 
_refine.pdbx_TLS_residual_ADP_flag               ? 
_refine.ls_number_reflns_obs                     8343 
_refine.ls_number_reflns_all                     ? 
_refine.pdbx_ls_sigma_I                          ? 
_refine.pdbx_ls_sigma_F                          0 
_refine.pdbx_data_cutoff_high_absF               ? 
_refine.pdbx_data_cutoff_low_absF                ? 
_refine.pdbx_data_cutoff_high_rms_absF           ? 
_refine.ls_d_res_low                             20 
_refine.ls_d_res_high                            2.02 
_refine.ls_percent_reflns_obs                    97.5 
_refine.ls_R_factor_obs                          0.208 
_refine.ls_R_factor_all                          ? 
_refine.ls_R_factor_R_work                       0.208 
_refine.ls_R_factor_R_free                       0.243 
_refine.ls_R_factor_R_free_error                 ? 
_refine.ls_R_factor_R_free_error_details         ? 
_refine.ls_percent_reflns_R_free                 5.0 
_refine.ls_number_reflns_R_free                  ? 
_refine.ls_number_parameters                     ? 
_refine.ls_number_restraints                     ? 
_refine.occupancy_min                            ? 
_refine.occupancy_max                            ? 
_refine.correlation_coeff_Fo_to_Fc               ? 
_refine.correlation_coeff_Fo_to_Fc_free          ? 
_refine.B_iso_mean                               ? 
_refine.aniso_B[1][1]                            ? 
_refine.aniso_B[2][2]                            ? 
_refine.aniso_B[3][3]                            ? 
_refine.aniso_B[1][2]                            ? 
_refine.aniso_B[1][3]                            ? 
_refine.aniso_B[2][3]                            ? 
_refine.solvent_model_details                    ? 
_refine.solvent_model_param_ksol                 ? 
_refine.solvent_model_param_bsol                 ? 
_refine.pdbx_solvent_vdw_probe_radii             ? 
_refine.pdbx_solvent_ion_probe_radii             ? 
_refine.pdbx_solvent_shrinkage_radii             ? 
_refine.pdbx_ls_cross_valid_method               THROUGHOUT 
_refine.details                                  ? 
_refine.pdbx_starting_model                      ? 
_refine.pdbx_method_to_determine_struct          'MOLECULAR REPLACEMENT' 
_refine.pdbx_isotropic_thermal_model             ? 
_refine.pdbx_stereochemistry_target_values       ? 
_refine.pdbx_stereochem_target_val_spec_case     ? 
_refine.pdbx_R_Free_selection_details            RANDOM 
_refine.pdbx_overall_ESU_R                       ? 
_refine.pdbx_overall_ESU_R_Free                  ? 
_refine.overall_SU_ML                            ? 
_refine.pdbx_overall_phase_error                 ? 
_refine.overall_SU_B                             ? 
_refine.overall_SU_R_Cruickshank_DPI             ? 
_refine.pdbx_overall_SU_R_free_Cruickshank_DPI   ? 
_refine.pdbx_overall_SU_R_Blow_DPI               ? 
_refine.pdbx_overall_SU_R_free_Blow_DPI          ? 
# 
_refine_hist.pdbx_refine_id                   'X-RAY DIFFRACTION' 
_refine_hist.cycle_id                         LAST 
_refine_hist.pdbx_number_atoms_protein        855 
_refine_hist.pdbx_number_atoms_nucleic_acid   0 
_refine_hist.pdbx_number_atoms_ligand         20 
_refine_hist.number_atoms_solvent             65 
_refine_hist.number_atoms_total               940 
_refine_hist.d_res_high                       2.02 
_refine_hist.d_res_low                        20 
# 
loop_
_refine_ls_restr.type 
_refine_ls_restr.dev_ideal 
_refine_ls_restr.dev_ideal_target 
_refine_ls_restr.weight 
_refine_ls_restr.number 
_refine_ls_restr.pdbx_refine_id 
_refine_ls_restr.pdbx_restraint_function 
c_bond_d                0.0045 ? ? ? 'X-RAY DIFFRACTION' ? 
c_bond_d_na             ?      ? ? ? 'X-RAY DIFFRACTION' ? 
c_bond_d_prot           ?      ? ? ? 'X-RAY DIFFRACTION' ? 
c_angle_d               ?      ? ? ? 'X-RAY DIFFRACTION' ? 
c_angle_d_na            ?      ? ? ? 'X-RAY DIFFRACTION' ? 
c_angle_d_prot          ?      ? ? ? 'X-RAY DIFFRACTION' ? 
c_angle_deg             1.23   ? ? ? 'X-RAY DIFFRACTION' ? 
c_angle_deg_na          ?      ? ? ? 'X-RAY DIFFRACTION' ? 
c_angle_deg_prot        ?      ? ? ? 'X-RAY DIFFRACTION' ? 
c_dihedral_angle_d      22.4   ? ? ? 'X-RAY DIFFRACTION' ? 
c_dihedral_angle_d_na   ?      ? ? ? 'X-RAY DIFFRACTION' ? 
c_dihedral_angle_d_prot ?      ? ? ? 'X-RAY DIFFRACTION' ? 
c_improper_angle_d      0.69   ? ? ? 'X-RAY DIFFRACTION' ? 
c_improper_angle_d_na   ?      ? ? ? 'X-RAY DIFFRACTION' ? 
c_improper_angle_d_prot ?      ? ? ? 'X-RAY DIFFRACTION' ? 
c_mcbond_it             ?      ? ? ? 'X-RAY DIFFRACTION' ? 
c_mcangle_it            ?      ? ? ? 'X-RAY DIFFRACTION' ? 
c_scbond_it             ?      ? ? ? 'X-RAY DIFFRACTION' ? 
c_scangle_it            ?      ? ? ? 'X-RAY DIFFRACTION' ? 
# 
_struct.entry_id                  2JAC 
_struct.title                     'Glutaredoxin Grx1p C30S mutant from yeast' 
_struct.pdbx_model_details        ? 
_struct.pdbx_CASP_flag            ? 
_struct.pdbx_model_type_details   ? 
# 
_struct_keywords.entry_id        2JAC 
_struct_keywords.pdbx_keywords   'ELECTRON TRANSPORT' 
_struct_keywords.text            'ELECTRON TRANSPORT, REDOX-ACTIVE CENTER, OXIDOREDUCTASE, GLUTATHIONE, GLUTAREDOXIN' 
# 
loop_
_struct_asym.id 
_struct_asym.pdbx_blank_PDB_chainid_flag 
_struct_asym.pdbx_modified 
_struct_asym.entity_id 
_struct_asym.details 
A N N 1 ? 
B N N 2 ? 
C N N 3 ? 
# 
_struct_ref.id                         1 
_struct_ref.db_name                    UNP 
_struct_ref.db_code                    GLRX1_YEAST 
_struct_ref.entity_id                  1 
_struct_ref.pdbx_seq_one_letter_code   ? 
_struct_ref.pdbx_align_begin           ? 
_struct_ref.pdbx_db_accession          P25373 
_struct_ref.pdbx_db_isoform            ? 
# 
_struct_ref_seq.align_id                      1 
_struct_ref_seq.ref_id                        1 
_struct_ref_seq.pdbx_PDB_id_code              2JAC 
_struct_ref_seq.pdbx_strand_id                A 
_struct_ref_seq.seq_align_beg                 1 
_struct_ref_seq.pdbx_seq_align_beg_ins_code   ? 
_struct_ref_seq.seq_align_end                 110 
_struct_ref_seq.pdbx_seq_align_end_ins_code   ? 
_struct_ref_seq.pdbx_db_accession             P25373 
_struct_ref_seq.db_align_beg                  1 
_struct_ref_seq.pdbx_db_align_beg_ins_code    ? 
_struct_ref_seq.db_align_end                  110 
_struct_ref_seq.pdbx_db_align_end_ins_code    ? 
_struct_ref_seq.pdbx_auth_seq_align_beg       1 
_struct_ref_seq.pdbx_auth_seq_align_end       110 
# 
_struct_ref_seq_dif.align_id                     1 
_struct_ref_seq_dif.pdbx_pdb_id_code             2JAC 
_struct_ref_seq_dif.mon_id                       SER 
_struct_ref_seq_dif.pdbx_pdb_strand_id           A 
_struct_ref_seq_dif.seq_num                      30 
_struct_ref_seq_dif.pdbx_pdb_ins_code            ? 
_struct_ref_seq_dif.pdbx_seq_db_name             UNP 
_struct_ref_seq_dif.pdbx_seq_db_accession_code   P25373 
_struct_ref_seq_dif.db_mon_id                    CYS 
_struct_ref_seq_dif.pdbx_seq_db_seq_num          30 
_struct_ref_seq_dif.details                      'engineered mutation' 
_struct_ref_seq_dif.pdbx_auth_seq_num            30 
_struct_ref_seq_dif.pdbx_ordinal                 1 
# 
_pdbx_struct_assembly.id                   1 
_pdbx_struct_assembly.details              author_and_software_defined_assembly 
_pdbx_struct_assembly.method_details       PISA 
_pdbx_struct_assembly.oligomeric_details   monomeric 
_pdbx_struct_assembly.oligomeric_count     1 
# 
_pdbx_struct_assembly_gen.assembly_id       1 
_pdbx_struct_assembly_gen.oper_expression   1 
_pdbx_struct_assembly_gen.asym_id_list      A,B,C 
# 
_pdbx_struct_oper_list.id                   1 
_pdbx_struct_oper_list.type                 'identity operation' 
_pdbx_struct_oper_list.name                 1_555 
_pdbx_struct_oper_list.symmetry_operation   x,y,z 
_pdbx_struct_oper_list.matrix[1][1]         1.0000000000 
_pdbx_struct_oper_list.matrix[1][2]         0.0000000000 
_pdbx_struct_oper_list.matrix[1][3]         0.0000000000 
_pdbx_struct_oper_list.vector[1]            0.0000000000 
_pdbx_struct_oper_list.matrix[2][1]         0.0000000000 
_pdbx_struct_oper_list.matrix[2][2]         1.0000000000 
_pdbx_struct_oper_list.matrix[2][3]         0.0000000000 
_pdbx_struct_oper_list.vector[2]            0.0000000000 
_pdbx_struct_oper_list.matrix[3][1]         0.0000000000 
_pdbx_struct_oper_list.matrix[3][2]         0.0000000000 
_pdbx_struct_oper_list.matrix[3][3]         1.0000000000 
_pdbx_struct_oper_list.vector[3]            0.0000000000 
# 
_struct_biol.id   1 
# 
loop_
_struct_conf.conf_type_id 
_struct_conf.id 
_struct_conf.pdbx_PDB_helix_id 
_struct_conf.beg_label_comp_id 
_struct_conf.beg_label_asym_id 
_struct_conf.beg_label_seq_id 
_struct_conf.pdbx_beg_PDB_ins_code 
_struct_conf.end_label_comp_id 
_struct_conf.end_label_asym_id 
_struct_conf.end_label_seq_id 
_struct_conf.pdbx_end_PDB_ins_code 
_struct_conf.beg_auth_comp_id 
_struct_conf.beg_auth_asym_id 
_struct_conf.beg_auth_seq_id 
_struct_conf.end_auth_comp_id 
_struct_conf.end_auth_asym_id 
_struct_conf.end_auth_seq_id 
_struct_conf.pdbx_PDB_helix_class 
_struct_conf.details 
_struct_conf.pdbx_PDB_helix_length 
HELX_P HELX_P1 1 SER A 3  ? GLU A 16  ? SER A 3  GLU A 16  1 ? 14 
HELX_P HELX_P2 2 CYS A 27 ? GLU A 39  ? CYS A 27 GLU A 39  1 ? 13 
HELX_P HELX_P3 3 PRO A 44 ? SER A 46  ? PRO A 44 SER A 46  5 ? 3  
HELX_P HELX_P4 4 ASN A 54 ? MET A 56  ? ASN A 54 MET A 56  5 ? 3  
HELX_P HELX_P5 5 GLU A 58 ? GLY A 71  ? GLU A 58 GLY A 71  1 ? 14 
HELX_P HELX_P6 6 GLY A 87 ? THR A 97  ? GLY A 87 THR A 97  1 ? 11 
HELX_P HELX_P7 7 GLU A 99 ? GLU A 105 ? GLU A 99 GLU A 105 1 ? 7  
# 
_struct_conf_type.id          HELX_P 
_struct_conf_type.criteria    ? 
_struct_conf_type.reference   ? 
# 
_struct_mon_prot_cis.pdbx_id                1 
_struct_mon_prot_cis.label_comp_id          VAL 
_struct_mon_prot_cis.label_seq_id           75 
_struct_mon_prot_cis.label_asym_id          A 
_struct_mon_prot_cis.label_alt_id           . 
_struct_mon_prot_cis.pdbx_PDB_ins_code      ? 
_struct_mon_prot_cis.auth_comp_id           VAL 
_struct_mon_prot_cis.auth_seq_id            75 
_struct_mon_prot_cis.auth_asym_id           A 
_struct_mon_prot_cis.pdbx_label_comp_id_2   PRO 
_struct_mon_prot_cis.pdbx_label_seq_id_2    76 
_struct_mon_prot_cis.pdbx_label_asym_id_2   A 
_struct_mon_prot_cis.pdbx_PDB_ins_code_2    ? 
_struct_mon_prot_cis.pdbx_auth_comp_id_2    PRO 
_struct_mon_prot_cis.pdbx_auth_seq_id_2     76 
_struct_mon_prot_cis.pdbx_auth_asym_id_2    A 
_struct_mon_prot_cis.pdbx_PDB_model_num     1 
_struct_mon_prot_cis.pdbx_omega_angle       0.11 
# 
_struct_sheet.id               AA 
_struct_sheet.type             ? 
_struct_sheet.number_strands   4 
_struct_sheet.details          ? 
# 
loop_
_struct_sheet_order.sheet_id 
_struct_sheet_order.range_id_1 
_struct_sheet_order.range_id_2 
_struct_sheet_order.offset 
_struct_sheet_order.sense 
AA 1 2 ? parallel      
AA 2 3 ? anti-parallel 
AA 3 4 ? anti-parallel 
# 
loop_
_struct_sheet_range.sheet_id 
_struct_sheet_range.id 
_struct_sheet_range.beg_label_comp_id 
_struct_sheet_range.beg_label_asym_id 
_struct_sheet_range.beg_label_seq_id 
_struct_sheet_range.pdbx_beg_PDB_ins_code 
_struct_sheet_range.end_label_comp_id 
_struct_sheet_range.end_label_asym_id 
_struct_sheet_range.end_label_seq_id 
_struct_sheet_range.pdbx_end_PDB_ins_code 
_struct_sheet_range.beg_auth_comp_id 
_struct_sheet_range.beg_auth_asym_id 
_struct_sheet_range.beg_auth_seq_id 
_struct_sheet_range.end_auth_comp_id 
_struct_sheet_range.end_auth_asym_id 
_struct_sheet_range.end_auth_seq_id 
AA 1 VAL A 48 ? GLN A 52 ? VAL A 48 GLN A 52 
AA 2 ILE A 19 ? SER A 23 ? ILE A 19 SER A 23 
AA 3 ASN A 77 ? ILE A 80 ? ASN A 77 ILE A 80 
AA 4 LYS A 83 ? GLY A 86 ? LYS A 83 GLY A 86 
# 
loop_
_pdbx_struct_sheet_hbond.sheet_id 
_pdbx_struct_sheet_hbond.range_id_1 
_pdbx_struct_sheet_hbond.range_id_2 
_pdbx_struct_sheet_hbond.range_1_label_atom_id 
_pdbx_struct_sheet_hbond.range_1_label_comp_id 
_pdbx_struct_sheet_hbond.range_1_label_asym_id 
_pdbx_struct_sheet_hbond.range_1_label_seq_id 
_pdbx_struct_sheet_hbond.range_1_PDB_ins_code 
_pdbx_struct_sheet_hbond.range_1_auth_atom_id 
_pdbx_struct_sheet_hbond.range_1_auth_comp_id 
_pdbx_struct_sheet_hbond.range_1_auth_asym_id 
_pdbx_struct_sheet_hbond.range_1_auth_seq_id 
_pdbx_struct_sheet_hbond.range_2_label_atom_id 
_pdbx_struct_sheet_hbond.range_2_label_comp_id 
_pdbx_struct_sheet_hbond.range_2_label_asym_id 
_pdbx_struct_sheet_hbond.range_2_label_seq_id 
_pdbx_struct_sheet_hbond.range_2_PDB_ins_code 
_pdbx_struct_sheet_hbond.range_2_auth_atom_id 
_pdbx_struct_sheet_hbond.range_2_auth_comp_id 
_pdbx_struct_sheet_hbond.range_2_auth_asym_id 
_pdbx_struct_sheet_hbond.range_2_auth_seq_id 
AA 1 2 N LEU A 49 ? N LEU A 49 O ILE A 19 ? O ILE A 19 
AA 2 3 N ALA A 22 ? N ALA A 22 O ASN A 77 ? O ASN A 77 
AA 3 4 N ILE A 80 ? N ILE A 80 O LYS A 83 ? O LYS A 83 
# 
_struct_site.id                   AC1 
_struct_site.pdbx_evidence_code   Software 
_struct_site.pdbx_auth_asym_id    A 
_struct_site.pdbx_auth_comp_id    GSH 
_struct_site.pdbx_auth_seq_id     1000 
_struct_site.pdbx_auth_ins_code   ? 
_struct_site.pdbx_num_residues    20 
_struct_site.details              'BINDING SITE FOR RESIDUE GSH A 1000' 
# 
loop_
_struct_site_gen.id 
_struct_site_gen.site_id 
_struct_site_gen.pdbx_num_res 
_struct_site_gen.label_comp_id 
_struct_site_gen.label_asym_id 
_struct_site_gen.label_seq_id 
_struct_site_gen.pdbx_auth_ins_code 
_struct_site_gen.auth_comp_id 
_struct_site_gen.auth_asym_id 
_struct_site_gen.auth_seq_id 
_struct_site_gen.label_atom_id 
_struct_site_gen.label_alt_id 
_struct_site_gen.symmetry 
_struct_site_gen.details 
1  AC1 20 LYS A 24 ? LYS A 24   . ? 1_555 ? 
2  AC1 20 TYR A 26 ? TYR A 26   . ? 3_655 ? 
3  AC1 20 CYS A 27 ? CYS A 27   . ? 1_555 ? 
4  AC1 20 PRO A 28 ? PRO A 28   . ? 1_555 ? 
5  AC1 20 TYR A 29 ? TYR A 29   . ? 1_555 ? 
6  AC1 20 GLN A 63 ? GLN A 63   . ? 1_555 ? 
7  AC1 20 THR A 74 ? THR A 74   . ? 1_555 ? 
8  AC1 20 VAL A 75 ? VAL A 75   . ? 1_555 ? 
9  AC1 20 PRO A 76 ? PRO A 76   . ? 1_555 ? 
10 AC1 20 GLY A 87 ? GLY A 87   . ? 1_555 ? 
11 AC1 20 ASN A 88 ? ASN A 88   . ? 1_555 ? 
12 AC1 20 ASP A 89 ? ASP A 89   . ? 1_555 ? 
13 AC1 20 HOH C .  ? HOH A 2014 . ? 3_655 ? 
14 AC1 20 HOH C .  ? HOH A 3003 . ? 1_555 ? 
15 AC1 20 HOH C .  ? HOH A 3004 . ? 1_555 ? 
16 AC1 20 HOH C .  ? HOH A 3005 . ? 1_555 ? 
17 AC1 20 HOH C .  ? HOH A 3006 . ? 1_555 ? 
18 AC1 20 HOH C .  ? HOH A 3007 . ? 3_655 ? 
19 AC1 20 HOH C .  ? HOH A 3007 . ? 1_555 ? 
20 AC1 20 HOH C .  ? HOH A 3008 . ? 1_555 ? 
# 
_pdbx_struct_special_symmetry.id              1 
_pdbx_struct_special_symmetry.PDB_model_num   1 
_pdbx_struct_special_symmetry.auth_asym_id    A 
_pdbx_struct_special_symmetry.auth_comp_id    HOH 
_pdbx_struct_special_symmetry.auth_seq_id     3007 
_pdbx_struct_special_symmetry.PDB_ins_code    ? 
_pdbx_struct_special_symmetry.label_asym_id   C 
_pdbx_struct_special_symmetry.label_comp_id   HOH 
_pdbx_struct_special_symmetry.label_seq_id    . 
# 
_pdbx_entry_details.entry_id                 2JAC 
_pdbx_entry_details.compound_details         'ENGINEERED RESIDUE IN CHAIN A, CYS 30 TO SER' 
_pdbx_entry_details.source_details           ? 
_pdbx_entry_details.nonpolymer_details       ? 
_pdbx_entry_details.sequence_details         ? 
_pdbx_entry_details.has_ligand_of_interest   ? 
# 
loop_
_pdbx_unobs_or_zero_occ_residues.id 
_pdbx_unobs_or_zero_occ_residues.PDB_model_num 
_pdbx_unobs_or_zero_occ_residues.polymer_flag 
_pdbx_unobs_or_zero_occ_residues.occupancy_flag 
_pdbx_unobs_or_zero_occ_residues.auth_asym_id 
_pdbx_unobs_or_zero_occ_residues.auth_comp_id 
_pdbx_unobs_or_zero_occ_residues.auth_seq_id 
_pdbx_unobs_or_zero_occ_residues.PDB_ins_code 
_pdbx_unobs_or_zero_occ_residues.label_asym_id 
_pdbx_unobs_or_zero_occ_residues.label_comp_id 
_pdbx_unobs_or_zero_occ_residues.label_seq_id 
1 1 Y 1 A ALA 109 ? A ALA 109 
2 1 Y 1 A ASN 110 ? A ASN 110 
# 
loop_
_chem_comp_atom.comp_id 
_chem_comp_atom.atom_id 
_chem_comp_atom.type_symbol 
_chem_comp_atom.pdbx_aromatic_flag 
_chem_comp_atom.pdbx_stereo_config 
_chem_comp_atom.pdbx_ordinal 
ALA N    N N N 1   
ALA CA   C N S 2   
ALA C    C N N 3   
ALA O    O N N 4   
ALA CB   C N N 5   
ALA OXT  O N N 6   
ALA H    H N N 7   
ALA H2   H N N 8   
ALA HA   H N N 9   
ALA HB1  H N N 10  
ALA HB2  H N N 11  
ALA HB3  H N N 12  
ALA HXT  H N N 13  
ARG N    N N N 14  
ARG CA   C N S 15  
ARG C    C N N 16  
ARG O    O N N 17  
ARG CB   C N N 18  
ARG CG   C N N 19  
ARG CD   C N N 20  
ARG NE   N N N 21  
ARG CZ   C N N 22  
ARG NH1  N N N 23  
ARG NH2  N N N 24  
ARG OXT  O N N 25  
ARG H    H N N 26  
ARG H2   H N N 27  
ARG HA   H N N 28  
ARG HB2  H N N 29  
ARG HB3  H N N 30  
ARG HG2  H N N 31  
ARG HG3  H N N 32  
ARG HD2  H N N 33  
ARG HD3  H N N 34  
ARG HE   H N N 35  
ARG HH11 H N N 36  
ARG HH12 H N N 37  
ARG HH21 H N N 38  
ARG HH22 H N N 39  
ARG HXT  H N N 40  
ASN N    N N N 41  
ASN CA   C N S 42  
ASN C    C N N 43  
ASN O    O N N 44  
ASN CB   C N N 45  
ASN CG   C N N 46  
ASN OD1  O N N 47  
ASN ND2  N N N 48  
ASN OXT  O N N 49  
ASN H    H N N 50  
ASN H2   H N N 51  
ASN HA   H N N 52  
ASN HB2  H N N 53  
ASN HB3  H N N 54  
ASN HD21 H N N 55  
ASN HD22 H N N 56  
ASN HXT  H N N 57  
ASP N    N N N 58  
ASP CA   C N S 59  
ASP C    C N N 60  
ASP O    O N N 61  
ASP CB   C N N 62  
ASP CG   C N N 63  
ASP OD1  O N N 64  
ASP OD2  O N N 65  
ASP OXT  O N N 66  
ASP H    H N N 67  
ASP H2   H N N 68  
ASP HA   H N N 69  
ASP HB2  H N N 70  
ASP HB3  H N N 71  
ASP HD2  H N N 72  
ASP HXT  H N N 73  
CYS N    N N N 74  
CYS CA   C N R 75  
CYS C    C N N 76  
CYS O    O N N 77  
CYS CB   C N N 78  
CYS SG   S N N 79  
CYS OXT  O N N 80  
CYS H    H N N 81  
CYS H2   H N N 82  
CYS HA   H N N 83  
CYS HB2  H N N 84  
CYS HB3  H N N 85  
CYS HG   H N N 86  
CYS HXT  H N N 87  
GLN N    N N N 88  
GLN CA   C N S 89  
GLN C    C N N 90  
GLN O    O N N 91  
GLN CB   C N N 92  
GLN CG   C N N 93  
GLN CD   C N N 94  
GLN OE1  O N N 95  
GLN NE2  N N N 96  
GLN OXT  O N N 97  
GLN H    H N N 98  
GLN H2   H N N 99  
GLN HA   H N N 100 
GLN HB2  H N N 101 
GLN HB3  H N N 102 
GLN HG2  H N N 103 
GLN HG3  H N N 104 
GLN HE21 H N N 105 
GLN HE22 H N N 106 
GLN HXT  H N N 107 
GLU N    N N N 108 
GLU CA   C N S 109 
GLU C    C N N 110 
GLU O    O N N 111 
GLU CB   C N N 112 
GLU CG   C N N 113 
GLU CD   C N N 114 
GLU OE1  O N N 115 
GLU OE2  O N N 116 
GLU OXT  O N N 117 
GLU H    H N N 118 
GLU H2   H N N 119 
GLU HA   H N N 120 
GLU HB2  H N N 121 
GLU HB3  H N N 122 
GLU HG2  H N N 123 
GLU HG3  H N N 124 
GLU HE2  H N N 125 
GLU HXT  H N N 126 
GLY N    N N N 127 
GLY CA   C N N 128 
GLY C    C N N 129 
GLY O    O N N 130 
GLY OXT  O N N 131 
GLY H    H N N 132 
GLY H2   H N N 133 
GLY HA2  H N N 134 
GLY HA3  H N N 135 
GLY HXT  H N N 136 
GSH N1   N N N 137 
GSH CA1  C N S 138 
GSH C1   C N N 139 
GSH O11  O N N 140 
GSH O12  O N N 141 
GSH CB1  C N N 142 
GSH CG1  C N N 143 
GSH CD1  C N N 144 
GSH OE1  O N N 145 
GSH N2   N N N 146 
GSH CA2  C N R 147 
GSH C2   C N N 148 
GSH O2   O N N 149 
GSH CB2  C N N 150 
GSH SG2  S N N 151 
GSH N3   N N N 152 
GSH CA3  C N N 153 
GSH C3   C N N 154 
GSH O31  O N N 155 
GSH O32  O N N 156 
GSH HN11 H N N 157 
GSH HN12 H N N 158 
GSH HA1  H N N 159 
GSH H12  H N N 160 
GSH HB12 H N N 161 
GSH HB13 H N N 162 
GSH HG12 H N N 163 
GSH HG13 H N N 164 
GSH HN2  H N N 165 
GSH HA2  H N N 166 
GSH HB22 H N N 167 
GSH HB23 H N N 168 
GSH HSG  H N N 169 
GSH HN3  H N N 170 
GSH HA31 H N N 171 
GSH HA32 H N N 172 
GSH H32  H N N 173 
HIS N    N N N 174 
HIS CA   C N S 175 
HIS C    C N N 176 
HIS O    O N N 177 
HIS CB   C N N 178 
HIS CG   C Y N 179 
HIS ND1  N Y N 180 
HIS CD2  C Y N 181 
HIS CE1  C Y N 182 
HIS NE2  N Y N 183 
HIS OXT  O N N 184 
HIS H    H N N 185 
HIS H2   H N N 186 
HIS HA   H N N 187 
HIS HB2  H N N 188 
HIS HB3  H N N 189 
HIS HD1  H N N 190 
HIS HD2  H N N 191 
HIS HE1  H N N 192 
HIS HE2  H N N 193 
HIS HXT  H N N 194 
HOH O    O N N 195 
HOH H1   H N N 196 
HOH H2   H N N 197 
ILE N    N N N 198 
ILE CA   C N S 199 
ILE C    C N N 200 
ILE O    O N N 201 
ILE CB   C N S 202 
ILE CG1  C N N 203 
ILE CG2  C N N 204 
ILE CD1  C N N 205 
ILE OXT  O N N 206 
ILE H    H N N 207 
ILE H2   H N N 208 
ILE HA   H N N 209 
ILE HB   H N N 210 
ILE HG12 H N N 211 
ILE HG13 H N N 212 
ILE HG21 H N N 213 
ILE HG22 H N N 214 
ILE HG23 H N N 215 
ILE HD11 H N N 216 
ILE HD12 H N N 217 
ILE HD13 H N N 218 
ILE HXT  H N N 219 
LEU N    N N N 220 
LEU CA   C N S 221 
LEU C    C N N 222 
LEU O    O N N 223 
LEU CB   C N N 224 
LEU CG   C N N 225 
LEU CD1  C N N 226 
LEU CD2  C N N 227 
LEU OXT  O N N 228 
LEU H    H N N 229 
LEU H2   H N N 230 
LEU HA   H N N 231 
LEU HB2  H N N 232 
LEU HB3  H N N 233 
LEU HG   H N N 234 
LEU HD11 H N N 235 
LEU HD12 H N N 236 
LEU HD13 H N N 237 
LEU HD21 H N N 238 
LEU HD22 H N N 239 
LEU HD23 H N N 240 
LEU HXT  H N N 241 
LYS N    N N N 242 
LYS CA   C N S 243 
LYS C    C N N 244 
LYS O    O N N 245 
LYS CB   C N N 246 
LYS CG   C N N 247 
LYS CD   C N N 248 
LYS CE   C N N 249 
LYS NZ   N N N 250 
LYS OXT  O N N 251 
LYS H    H N N 252 
LYS H2   H N N 253 
LYS HA   H N N 254 
LYS HB2  H N N 255 
LYS HB3  H N N 256 
LYS HG2  H N N 257 
LYS HG3  H N N 258 
LYS HD2  H N N 259 
LYS HD3  H N N 260 
LYS HE2  H N N 261 
LYS HE3  H N N 262 
LYS HZ1  H N N 263 
LYS HZ2  H N N 264 
LYS HZ3  H N N 265 
LYS HXT  H N N 266 
MET N    N N N 267 
MET CA   C N S 268 
MET C    C N N 269 
MET O    O N N 270 
MET CB   C N N 271 
MET CG   C N N 272 
MET SD   S N N 273 
MET CE   C N N 274 
MET OXT  O N N 275 
MET H    H N N 276 
MET H2   H N N 277 
MET HA   H N N 278 
MET HB2  H N N 279 
MET HB3  H N N 280 
MET HG2  H N N 281 
MET HG3  H N N 282 
MET HE1  H N N 283 
MET HE2  H N N 284 
MET HE3  H N N 285 
MET HXT  H N N 286 
PHE N    N N N 287 
PHE CA   C N S 288 
PHE C    C N N 289 
PHE O    O N N 290 
PHE CB   C N N 291 
PHE CG   C Y N 292 
PHE CD1  C Y N 293 
PHE CD2  C Y N 294 
PHE CE1  C Y N 295 
PHE CE2  C Y N 296 
PHE CZ   C Y N 297 
PHE OXT  O N N 298 
PHE H    H N N 299 
PHE H2   H N N 300 
PHE HA   H N N 301 
PHE HB2  H N N 302 
PHE HB3  H N N 303 
PHE HD1  H N N 304 
PHE HD2  H N N 305 
PHE HE1  H N N 306 
PHE HE2  H N N 307 
PHE HZ   H N N 308 
PHE HXT  H N N 309 
PRO N    N N N 310 
PRO CA   C N S 311 
PRO C    C N N 312 
PRO O    O N N 313 
PRO CB   C N N 314 
PRO CG   C N N 315 
PRO CD   C N N 316 
PRO OXT  O N N 317 
PRO H    H N N 318 
PRO HA   H N N 319 
PRO HB2  H N N 320 
PRO HB3  H N N 321 
PRO HG2  H N N 322 
PRO HG3  H N N 323 
PRO HD2  H N N 324 
PRO HD3  H N N 325 
PRO HXT  H N N 326 
SER N    N N N 327 
SER CA   C N S 328 
SER C    C N N 329 
SER O    O N N 330 
SER CB   C N N 331 
SER OG   O N N 332 
SER OXT  O N N 333 
SER H    H N N 334 
SER H2   H N N 335 
SER HA   H N N 336 
SER HB2  H N N 337 
SER HB3  H N N 338 
SER HG   H N N 339 
SER HXT  H N N 340 
THR N    N N N 341 
THR CA   C N S 342 
THR C    C N N 343 
THR O    O N N 344 
THR CB   C N R 345 
THR OG1  O N N 346 
THR CG2  C N N 347 
THR OXT  O N N 348 
THR H    H N N 349 
THR H2   H N N 350 
THR HA   H N N 351 
THR HB   H N N 352 
THR HG1  H N N 353 
THR HG21 H N N 354 
THR HG22 H N N 355 
THR HG23 H N N 356 
THR HXT  H N N 357 
TYR N    N N N 358 
TYR CA   C N S 359 
TYR C    C N N 360 
TYR O    O N N 361 
TYR CB   C N N 362 
TYR CG   C Y N 363 
TYR CD1  C Y N 364 
TYR CD2  C Y N 365 
TYR CE1  C Y N 366 
TYR CE2  C Y N 367 
TYR CZ   C Y N 368 
TYR OH   O N N 369 
TYR OXT  O N N 370 
TYR H    H N N 371 
TYR H2   H N N 372 
TYR HA   H N N 373 
TYR HB2  H N N 374 
TYR HB3  H N N 375 
TYR HD1  H N N 376 
TYR HD2  H N N 377 
TYR HE1  H N N 378 
TYR HE2  H N N 379 
TYR HH   H N N 380 
TYR HXT  H N N 381 
VAL N    N N N 382 
VAL CA   C N S 383 
VAL C    C N N 384 
VAL O    O N N 385 
VAL CB   C N N 386 
VAL CG1  C N N 387 
VAL CG2  C N N 388 
VAL OXT  O N N 389 
VAL H    H N N 390 
VAL H2   H N N 391 
VAL HA   H N N 392 
VAL HB   H N N 393 
VAL HG11 H N N 394 
VAL HG12 H N N 395 
VAL HG13 H N N 396 
VAL HG21 H N N 397 
VAL HG22 H N N 398 
VAL HG23 H N N 399 
VAL HXT  H N N 400 
# 
loop_
_chem_comp_bond.comp_id 
_chem_comp_bond.atom_id_1 
_chem_comp_bond.atom_id_2 
_chem_comp_bond.value_order 
_chem_comp_bond.pdbx_aromatic_flag 
_chem_comp_bond.pdbx_stereo_config 
_chem_comp_bond.pdbx_ordinal 
ALA N   CA   sing N N 1   
ALA N   H    sing N N 2   
ALA N   H2   sing N N 3   
ALA CA  C    sing N N 4   
ALA CA  CB   sing N N 5   
ALA CA  HA   sing N N 6   
ALA C   O    doub N N 7   
ALA C   OXT  sing N N 8   
ALA CB  HB1  sing N N 9   
ALA CB  HB2  sing N N 10  
ALA CB  HB3  sing N N 11  
ALA OXT HXT  sing N N 12  
ARG N   CA   sing N N 13  
ARG N   H    sing N N 14  
ARG N   H2   sing N N 15  
ARG CA  C    sing N N 16  
ARG CA  CB   sing N N 17  
ARG CA  HA   sing N N 18  
ARG C   O    doub N N 19  
ARG C   OXT  sing N N 20  
ARG CB  CG   sing N N 21  
ARG CB  HB2  sing N N 22  
ARG CB  HB3  sing N N 23  
ARG CG  CD   sing N N 24  
ARG CG  HG2  sing N N 25  
ARG CG  HG3  sing N N 26  
ARG CD  NE   sing N N 27  
ARG CD  HD2  sing N N 28  
ARG CD  HD3  sing N N 29  
ARG NE  CZ   sing N N 30  
ARG NE  HE   sing N N 31  
ARG CZ  NH1  sing N N 32  
ARG CZ  NH2  doub N N 33  
ARG NH1 HH11 sing N N 34  
ARG NH1 HH12 sing N N 35  
ARG NH2 HH21 sing N N 36  
ARG NH2 HH22 sing N N 37  
ARG OXT HXT  sing N N 38  
ASN N   CA   sing N N 39  
ASN N   H    sing N N 40  
ASN N   H2   sing N N 41  
ASN CA  C    sing N N 42  
ASN CA  CB   sing N N 43  
ASN CA  HA   sing N N 44  
ASN C   O    doub N N 45  
ASN C   OXT  sing N N 46  
ASN CB  CG   sing N N 47  
ASN CB  HB2  sing N N 48  
ASN CB  HB3  sing N N 49  
ASN CG  OD1  doub N N 50  
ASN CG  ND2  sing N N 51  
ASN ND2 HD21 sing N N 52  
ASN ND2 HD22 sing N N 53  
ASN OXT HXT  sing N N 54  
ASP N   CA   sing N N 55  
ASP N   H    sing N N 56  
ASP N   H2   sing N N 57  
ASP CA  C    sing N N 58  
ASP CA  CB   sing N N 59  
ASP CA  HA   sing N N 60  
ASP C   O    doub N N 61  
ASP C   OXT  sing N N 62  
ASP CB  CG   sing N N 63  
ASP CB  HB2  sing N N 64  
ASP CB  HB3  sing N N 65  
ASP CG  OD1  doub N N 66  
ASP CG  OD2  sing N N 67  
ASP OD2 HD2  sing N N 68  
ASP OXT HXT  sing N N 69  
CYS N   CA   sing N N 70  
CYS N   H    sing N N 71  
CYS N   H2   sing N N 72  
CYS CA  C    sing N N 73  
CYS CA  CB   sing N N 74  
CYS CA  HA   sing N N 75  
CYS C   O    doub N N 76  
CYS C   OXT  sing N N 77  
CYS CB  SG   sing N N 78  
CYS CB  HB2  sing N N 79  
CYS CB  HB3  sing N N 80  
CYS SG  HG   sing N N 81  
CYS OXT HXT  sing N N 82  
GLN N   CA   sing N N 83  
GLN N   H    sing N N 84  
GLN N   H2   sing N N 85  
GLN CA  C    sing N N 86  
GLN CA  CB   sing N N 87  
GLN CA  HA   sing N N 88  
GLN C   O    doub N N 89  
GLN C   OXT  sing N N 90  
GLN CB  CG   sing N N 91  
GLN CB  HB2  sing N N 92  
GLN CB  HB3  sing N N 93  
GLN CG  CD   sing N N 94  
GLN CG  HG2  sing N N 95  
GLN CG  HG3  sing N N 96  
GLN CD  OE1  doub N N 97  
GLN CD  NE2  sing N N 98  
GLN NE2 HE21 sing N N 99  
GLN NE2 HE22 sing N N 100 
GLN OXT HXT  sing N N 101 
GLU N   CA   sing N N 102 
GLU N   H    sing N N 103 
GLU N   H2   sing N N 104 
GLU CA  C    sing N N 105 
GLU CA  CB   sing N N 106 
GLU CA  HA   sing N N 107 
GLU C   O    doub N N 108 
GLU C   OXT  sing N N 109 
GLU CB  CG   sing N N 110 
GLU CB  HB2  sing N N 111 
GLU CB  HB3  sing N N 112 
GLU CG  CD   sing N N 113 
GLU CG  HG2  sing N N 114 
GLU CG  HG3  sing N N 115 
GLU CD  OE1  doub N N 116 
GLU CD  OE2  sing N N 117 
GLU OE2 HE2  sing N N 118 
GLU OXT HXT  sing N N 119 
GLY N   CA   sing N N 120 
GLY N   H    sing N N 121 
GLY N   H2   sing N N 122 
GLY CA  C    sing N N 123 
GLY CA  HA2  sing N N 124 
GLY CA  HA3  sing N N 125 
GLY C   O    doub N N 126 
GLY C   OXT  sing N N 127 
GLY OXT HXT  sing N N 128 
GSH N1  CA1  sing N N 129 
GSH N1  HN11 sing N N 130 
GSH N1  HN12 sing N N 131 
GSH CA1 C1   sing N N 132 
GSH CA1 CB1  sing N N 133 
GSH CA1 HA1  sing N N 134 
GSH C1  O11  doub N N 135 
GSH C1  O12  sing N N 136 
GSH O12 H12  sing N N 137 
GSH CB1 CG1  sing N N 138 
GSH CB1 HB12 sing N N 139 
GSH CB1 HB13 sing N N 140 
GSH CG1 CD1  sing N N 141 
GSH CG1 HG12 sing N N 142 
GSH CG1 HG13 sing N N 143 
GSH CD1 OE1  doub N N 144 
GSH CD1 N2   sing N N 145 
GSH N2  CA2  sing N N 146 
GSH N2  HN2  sing N N 147 
GSH CA2 C2   sing N N 148 
GSH CA2 CB2  sing N N 149 
GSH CA2 HA2  sing N N 150 
GSH C2  O2   doub N N 151 
GSH C2  N3   sing N N 152 
GSH CB2 SG2  sing N N 153 
GSH CB2 HB22 sing N N 154 
GSH CB2 HB23 sing N N 155 
GSH SG2 HSG  sing N N 156 
GSH N3  CA3  sing N N 157 
GSH N3  HN3  sing N N 158 
GSH CA3 C3   sing N N 159 
GSH CA3 HA31 sing N N 160 
GSH CA3 HA32 sing N N 161 
GSH C3  O31  doub N N 162 
GSH C3  O32  sing N N 163 
GSH O32 H32  sing N N 164 
HIS N   CA   sing N N 165 
HIS N   H    sing N N 166 
HIS N   H2   sing N N 167 
HIS CA  C    sing N N 168 
HIS CA  CB   sing N N 169 
HIS CA  HA   sing N N 170 
HIS C   O    doub N N 171 
HIS C   OXT  sing N N 172 
HIS CB  CG   sing N N 173 
HIS CB  HB2  sing N N 174 
HIS CB  HB3  sing N N 175 
HIS CG  ND1  sing Y N 176 
HIS CG  CD2  doub Y N 177 
HIS ND1 CE1  doub Y N 178 
HIS ND1 HD1  sing N N 179 
HIS CD2 NE2  sing Y N 180 
HIS CD2 HD2  sing N N 181 
HIS CE1 NE2  sing Y N 182 
HIS CE1 HE1  sing N N 183 
HIS NE2 HE2  sing N N 184 
HIS OXT HXT  sing N N 185 
HOH O   H1   sing N N 186 
HOH O   H2   sing N N 187 
ILE N   CA   sing N N 188 
ILE N   H    sing N N 189 
ILE N   H2   sing N N 190 
ILE CA  C    sing N N 191 
ILE CA  CB   sing N N 192 
ILE CA  HA   sing N N 193 
ILE C   O    doub N N 194 
ILE C   OXT  sing N N 195 
ILE CB  CG1  sing N N 196 
ILE CB  CG2  sing N N 197 
ILE CB  HB   sing N N 198 
ILE CG1 CD1  sing N N 199 
ILE CG1 HG12 sing N N 200 
ILE CG1 HG13 sing N N 201 
ILE CG2 HG21 sing N N 202 
ILE CG2 HG22 sing N N 203 
ILE CG2 HG23 sing N N 204 
ILE CD1 HD11 sing N N 205 
ILE CD1 HD12 sing N N 206 
ILE CD1 HD13 sing N N 207 
ILE OXT HXT  sing N N 208 
LEU N   CA   sing N N 209 
LEU N   H    sing N N 210 
LEU N   H2   sing N N 211 
LEU CA  C    sing N N 212 
LEU CA  CB   sing N N 213 
LEU CA  HA   sing N N 214 
LEU C   O    doub N N 215 
LEU C   OXT  sing N N 216 
LEU CB  CG   sing N N 217 
LEU CB  HB2  sing N N 218 
LEU CB  HB3  sing N N 219 
LEU CG  CD1  sing N N 220 
LEU CG  CD2  sing N N 221 
LEU CG  HG   sing N N 222 
LEU CD1 HD11 sing N N 223 
LEU CD1 HD12 sing N N 224 
LEU CD1 HD13 sing N N 225 
LEU CD2 HD21 sing N N 226 
LEU CD2 HD22 sing N N 227 
LEU CD2 HD23 sing N N 228 
LEU OXT HXT  sing N N 229 
LYS N   CA   sing N N 230 
LYS N   H    sing N N 231 
LYS N   H2   sing N N 232 
LYS CA  C    sing N N 233 
LYS CA  CB   sing N N 234 
LYS CA  HA   sing N N 235 
LYS C   O    doub N N 236 
LYS C   OXT  sing N N 237 
LYS CB  CG   sing N N 238 
LYS CB  HB2  sing N N 239 
LYS CB  HB3  sing N N 240 
LYS CG  CD   sing N N 241 
LYS CG  HG2  sing N N 242 
LYS CG  HG3  sing N N 243 
LYS CD  CE   sing N N 244 
LYS CD  HD2  sing N N 245 
LYS CD  HD3  sing N N 246 
LYS CE  NZ   sing N N 247 
LYS CE  HE2  sing N N 248 
LYS CE  HE3  sing N N 249 
LYS NZ  HZ1  sing N N 250 
LYS NZ  HZ2  sing N N 251 
LYS NZ  HZ3  sing N N 252 
LYS OXT HXT  sing N N 253 
MET N   CA   sing N N 254 
MET N   H    sing N N 255 
MET N   H2   sing N N 256 
MET CA  C    sing N N 257 
MET CA  CB   sing N N 258 
MET CA  HA   sing N N 259 
MET C   O    doub N N 260 
MET C   OXT  sing N N 261 
MET CB  CG   sing N N 262 
MET CB  HB2  sing N N 263 
MET CB  HB3  sing N N 264 
MET CG  SD   sing N N 265 
MET CG  HG2  sing N N 266 
MET CG  HG3  sing N N 267 
MET SD  CE   sing N N 268 
MET CE  HE1  sing N N 269 
MET CE  HE2  sing N N 270 
MET CE  HE3  sing N N 271 
MET OXT HXT  sing N N 272 
PHE N   CA   sing N N 273 
PHE N   H    sing N N 274 
PHE N   H2   sing N N 275 
PHE CA  C    sing N N 276 
PHE CA  CB   sing N N 277 
PHE CA  HA   sing N N 278 
PHE C   O    doub N N 279 
PHE C   OXT  sing N N 280 
PHE CB  CG   sing N N 281 
PHE CB  HB2  sing N N 282 
PHE CB  HB3  sing N N 283 
PHE CG  CD1  doub Y N 284 
PHE CG  CD2  sing Y N 285 
PHE CD1 CE1  sing Y N 286 
PHE CD1 HD1  sing N N 287 
PHE CD2 CE2  doub Y N 288 
PHE CD2 HD2  sing N N 289 
PHE CE1 CZ   doub Y N 290 
PHE CE1 HE1  sing N N 291 
PHE CE2 CZ   sing Y N 292 
PHE CE2 HE2  sing N N 293 
PHE CZ  HZ   sing N N 294 
PHE OXT HXT  sing N N 295 
PRO N   CA   sing N N 296 
PRO N   CD   sing N N 297 
PRO N   H    sing N N 298 
PRO CA  C    sing N N 299 
PRO CA  CB   sing N N 300 
PRO CA  HA   sing N N 301 
PRO C   O    doub N N 302 
PRO C   OXT  sing N N 303 
PRO CB  CG   sing N N 304 
PRO CB  HB2  sing N N 305 
PRO CB  HB3  sing N N 306 
PRO CG  CD   sing N N 307 
PRO CG  HG2  sing N N 308 
PRO CG  HG3  sing N N 309 
PRO CD  HD2  sing N N 310 
PRO CD  HD3  sing N N 311 
PRO OXT HXT  sing N N 312 
SER N   CA   sing N N 313 
SER N   H    sing N N 314 
SER N   H2   sing N N 315 
SER CA  C    sing N N 316 
SER CA  CB   sing N N 317 
SER CA  HA   sing N N 318 
SER C   O    doub N N 319 
SER C   OXT  sing N N 320 
SER CB  OG   sing N N 321 
SER CB  HB2  sing N N 322 
SER CB  HB3  sing N N 323 
SER OG  HG   sing N N 324 
SER OXT HXT  sing N N 325 
THR N   CA   sing N N 326 
THR N   H    sing N N 327 
THR N   H2   sing N N 328 
THR CA  C    sing N N 329 
THR CA  CB   sing N N 330 
THR CA  HA   sing N N 331 
THR C   O    doub N N 332 
THR C   OXT  sing N N 333 
THR CB  OG1  sing N N 334 
THR CB  CG2  sing N N 335 
THR CB  HB   sing N N 336 
THR OG1 HG1  sing N N 337 
THR CG2 HG21 sing N N 338 
THR CG2 HG22 sing N N 339 
THR CG2 HG23 sing N N 340 
THR OXT HXT  sing N N 341 
TYR N   CA   sing N N 342 
TYR N   H    sing N N 343 
TYR N   H2   sing N N 344 
TYR CA  C    sing N N 345 
TYR CA  CB   sing N N 346 
TYR CA  HA   sing N N 347 
TYR C   O    doub N N 348 
TYR C   OXT  sing N N 349 
TYR CB  CG   sing N N 350 
TYR CB  HB2  sing N N 351 
TYR CB  HB3  sing N N 352 
TYR CG  CD1  doub Y N 353 
TYR CG  CD2  sing Y N 354 
TYR CD1 CE1  sing Y N 355 
TYR CD1 HD1  sing N N 356 
TYR CD2 CE2  doub Y N 357 
TYR CD2 HD2  sing N N 358 
TYR CE1 CZ   doub Y N 359 
TYR CE1 HE1  sing N N 360 
TYR CE2 CZ   sing Y N 361 
TYR CE2 HE2  sing N N 362 
TYR CZ  OH   sing N N 363 
TYR OH  HH   sing N N 364 
TYR OXT HXT  sing N N 365 
VAL N   CA   sing N N 366 
VAL N   H    sing N N 367 
VAL N   H2   sing N N 368 
VAL CA  C    sing N N 369 
VAL CA  CB   sing N N 370 
VAL CA  HA   sing N N 371 
VAL C   O    doub N N 372 
VAL C   OXT  sing N N 373 
VAL CB  CG1  sing N N 374 
VAL CB  CG2  sing N N 375 
VAL CB  HB   sing N N 376 
VAL CG1 HG11 sing N N 377 
VAL CG1 HG12 sing N N 378 
VAL CG1 HG13 sing N N 379 
VAL CG2 HG21 sing N N 380 
VAL CG2 HG22 sing N N 381 
VAL CG2 HG23 sing N N 382 
VAL OXT HXT  sing N N 383 
# 
_atom_sites.entry_id                    2JAC 
_atom_sites.fract_transf_matrix[1][1]   -0.02324670 
_atom_sites.fract_transf_matrix[1][2]   0.02078195 
_atom_sites.fract_transf_matrix[1][3]   -0.00169993 
_atom_sites.fract_transf_matrix[2][1]   0.00046719 
_atom_sites.fract_transf_matrix[2][2]   0.00155660 
_atom_sites.fract_transf_matrix[2][3]   0.01264095 
_atom_sites.fract_transf_matrix[3][1]   0.00665973 
_atom_sites.fract_transf_matrix[3][2]   0.00735536 
_atom_sites.fract_transf_matrix[3][3]   -0.00115187 
_atom_sites.fract_transf_vector[1]      0.430657 
_atom_sites.fract_transf_vector[2]      0.394186 
_atom_sites.fract_transf_vector[3]      0.094769 
# 
loop_
_atom_type.symbol 
C 
N 
O 
S 
# 
loop_
_atom_site.group_PDB 
_atom_site.id 
_atom_site.type_symbol 
_atom_site.label_atom_id 
_atom_site.label_alt_id 
_atom_site.label_comp_id 
_atom_site.label_asym_id 
_atom_site.label_entity_id 
_atom_site.label_seq_id 
_atom_site.pdbx_PDB_ins_code 
_atom_site.Cartn_x 
_atom_site.Cartn_y 
_atom_site.Cartn_z 
_atom_site.occupancy 
_atom_site.B_iso_or_equiv 
_atom_site.pdbx_formal_charge 
_atom_site.auth_seq_id 
_atom_site.auth_comp_id 
_atom_site.auth_asym_id 
_atom_site.auth_atom_id 
_atom_site.pdbx_PDB_model_num 
ATOM   1   N N   . MET A 1 1   ? -1.124  17.043  15.608  1.00 54.86 ? 1    MET A N   1 
ATOM   2   C CA  . MET A 1 1   ? -1.074  15.612  15.195  1.00 54.63 ? 1    MET A CA  1 
ATOM   3   C C   . MET A 1 1   ? -2.297  15.267  14.349  1.00 52.90 ? 1    MET A C   1 
ATOM   4   O O   . MET A 1 1   ? -3.239  16.054  14.249  1.00 52.86 ? 1    MET A O   1 
ATOM   5   C CB  . MET A 1 1   ? -1.032  14.705  16.428  1.00 56.92 ? 1    MET A CB  1 
ATOM   6   C CG  . MET A 1 1   ? -0.839  13.231  16.106  1.00 60.43 ? 1    MET A CG  1 
ATOM   7   S SD  . MET A 1 1   ? -0.979  12.159  17.549  1.00 65.94 ? 1    MET A SD  1 
ATOM   8   C CE  . MET A 1 1   ? -2.709  11.646  17.425  1.00 64.88 ? 1    MET A CE  1 
ATOM   9   N N   . VAL A 1 2   ? -2.275  14.084  13.744  1.00 50.75 ? 2    VAL A N   1 
ATOM   10  C CA  . VAL A 1 2   ? -3.376  13.632  12.907  1.00 47.94 ? 2    VAL A CA  1 
ATOM   11  C C   . VAL A 1 2   ? -4.562  13.251  13.784  1.00 45.78 ? 2    VAL A C   1 
ATOM   12  O O   . VAL A 1 2   ? -4.400  12.562  14.791  1.00 44.70 ? 2    VAL A O   1 
ATOM   13  C CB  . VAL A 1 2   ? -2.967  12.402  12.076  1.00 48.15 ? 2    VAL A CB  1 
ATOM   14  C CG1 . VAL A 1 2   ? -3.922  12.221  10.914  1.00 47.72 ? 2    VAL A CG1 1 
ATOM   15  C CG2 . VAL A 1 2   ? -1.540  12.556  11.591  1.00 48.35 ? 2    VAL A CG2 1 
ATOM   16  N N   . SER A 1 3   ? -5.751  13.700  13.396  1.00 43.67 ? 3    SER A N   1 
ATOM   17  C CA  . SER A 1 3   ? -6.962  13.406  14.155  1.00 42.00 ? 3    SER A CA  1 
ATOM   18  C C   . SER A 1 3   ? -7.191  11.904  14.251  1.00 41.01 ? 3    SER A C   1 
ATOM   19  O O   . SER A 1 3   ? -6.685  11.135  13.435  1.00 39.78 ? 3    SER A O   1 
ATOM   20  C CB  . SER A 1 3   ? -8.175  14.058  13.491  1.00 42.56 ? 3    SER A CB  1 
ATOM   21  O OG  . SER A 1 3   ? -8.415  13.508  12.207  1.00 41.43 ? 3    SER A OG  1 
ATOM   22  N N   . GLN A 1 4   ? -7.958  11.491  15.254  1.00 40.31 ? 4    GLN A N   1 
ATOM   23  C CA  . GLN A 1 4   ? -8.257  10.078  15.441  1.00 40.76 ? 4    GLN A CA  1 
ATOM   24  C C   . GLN A 1 4   ? -9.204  9.628   14.340  1.00 39.34 ? 4    GLN A C   1 
ATOM   25  O O   . GLN A 1 4   ? -9.248  8.449   13.989  1.00 40.30 ? 4    GLN A O   1 
ATOM   26  C CB  . GLN A 1 4   ? -8.897  9.846   16.810  1.00 42.67 ? 4    GLN A CB  1 
ATOM   27  C CG  . GLN A 1 4   ? -7.977  10.160  17.980  1.00 47.98 ? 4    GLN A CG  1 
ATOM   28  C CD  . GLN A 1 4   ? -6.759  9.256   18.022  1.00 50.95 ? 4    GLN A CD  1 
ATOM   29  O OE1 . GLN A 1 4   ? -6.884  8.034   18.105  1.00 52.87 ? 4    GLN A OE1 1 
ATOM   30  N NE2 . GLN A 1 4   ? -5.572  9.854   17.965  1.00 52.86 ? 4    GLN A NE2 1 
ATOM   31  N N   . GLU A 1 5   ? -9.961  10.576  13.799  1.00 37.01 ? 5    GLU A N   1 
ATOM   32  C CA  . GLU A 1 5   ? -10.896 10.278  12.727  1.00 36.40 ? 5    GLU A CA  1 
ATOM   33  C C   . GLU A 1 5   ? -10.117 9.896   11.471  1.00 32.90 ? 5    GLU A C   1 
ATOM   34  O O   . GLU A 1 5   ? -10.498 8.975   10.753  1.00 30.24 ? 5    GLU A O   1 
ATOM   35  C CB  . GLU A 1 5   ? -11.779 11.492  12.438  1.00 39.99 ? 5    GLU A CB  1 
ATOM   36  C CG  . GLU A 1 5   ? -13.273 11.194  12.497  1.00 47.07 ? 5    GLU A CG  1 
ATOM   37  C CD  . GLU A 1 5   ? -13.680 10.051  11.584  1.00 51.06 ? 5    GLU A CD  1 
ATOM   38  O OE1 . GLU A 1 5   ? -13.454 10.154  10.357  1.00 53.45 ? 5    GLU A OE1 1 
ATOM   39  O OE2 . GLU A 1 5   ? -14.224 9.047   12.094  1.00 52.76 ? 5    GLU A OE2 1 
ATOM   40  N N   . THR A 1 6   ? -9.026  10.611  11.212  1.00 29.95 ? 6    THR A N   1 
ATOM   41  C CA  . THR A 1 6   ? -8.192  10.332  10.048  1.00 27.40 ? 6    THR A CA  1 
ATOM   42  C C   . THR A 1 6   ? -7.547  8.961   10.204  1.00 27.36 ? 6    THR A C   1 
ATOM   43  O O   . THR A 1 6   ? -7.493  8.178   9.256   1.00 25.95 ? 6    THR A O   1 
ATOM   44  C CB  . THR A 1 6   ? -7.080  11.383  9.890   1.00 27.69 ? 6    THR A CB  1 
ATOM   45  O OG1 . THR A 1 6   ? -7.670  12.682  9.753   1.00 27.41 ? 6    THR A OG1 1 
ATOM   46  C CG2 . THR A 1 6   ? -6.241  11.087  8.648   1.00 26.09 ? 6    THR A CG2 1 
ATOM   47  N N   . ILE A 1 7   ? -7.054  8.682   11.408  1.00 26.81 ? 7    ILE A N   1 
ATOM   48  C CA  . ILE A 1 7   ? -6.429  7.400   11.709  1.00 27.08 ? 7    ILE A CA  1 
ATOM   49  C C   . ILE A 1 7   ? -7.418  6.276   11.418  1.00 26.81 ? 7    ILE A C   1 
ATOM   50  O O   . ILE A 1 7   ? -7.087  5.297   10.756  1.00 26.97 ? 7    ILE A O   1 
ATOM   51  C CB  . ILE A 1 7   ? -6.020  7.312   13.199  1.00 29.21 ? 7    ILE A CB  1 
ATOM   52  C CG1 . ILE A 1 7   ? -4.947  8.357   13.516  1.00 30.32 ? 7    ILE A CG1 1 
ATOM   53  C CG2 . ILE A 1 7   ? -5.519  5.911   13.522  1.00 30.28 ? 7    ILE A CG2 1 
ATOM   54  C CD1 . ILE A 1 7   ? -3.658  8.176   12.754  1.00 32.57 ? 7    ILE A CD1 1 
ATOM   55  N N   . LYS A 1 8   ? -8.638  6.435   11.923  1.00 26.76 ? 8    LYS A N   1 
ATOM   56  C CA  . LYS A 1 8   ? -9.704  5.456   11.747  1.00 26.49 ? 8    LYS A CA  1 
ATOM   57  C C   . LYS A 1 8   ? -10.049 5.250   10.274  1.00 25.28 ? 8    LYS A C   1 
ATOM   58  O O   . LYS A 1 8   ? -10.253 4.121   9.827   1.00 25.95 ? 8    LYS A O   1 
ATOM   59  C CB  . LYS A 1 8   ? -10.951 5.911   12.510  1.00 27.91 ? 8    LYS A CB  1 
ATOM   60  C CG  . LYS A 1 8   ? -12.175 5.042   12.280  1.00 31.86 ? 8    LYS A CG  1 
ATOM   61  C CD  . LYS A 1 8   ? -13.429 5.686   12.860  1.00 34.93 ? 8    LYS A CD  1 
ATOM   62  C CE  . LYS A 1 8   ? -14.669 4.898   12.476  1.00 36.13 ? 8    LYS A CE  1 
ATOM   63  N NZ  . LYS A 1 8   ? -15.907 5.512   13.021  1.00 42.61 ? 8    LYS A NZ  1 
ATOM   64  N N   . HIS A 1 9   ? -10.125 6.345   9.527   1.00 22.80 ? 9    HIS A N   1 
ATOM   65  C CA  . HIS A 1 9   ? -10.437 6.282   8.101   1.00 21.76 ? 9    HIS A CA  1 
ATOM   66  C C   . HIS A 1 9   ? -9.405  5.428   7.362   1.00 20.89 ? 9    HIS A C   1 
ATOM   67  O O   . HIS A 1 9   ? -9.762  4.530   6.600   1.00 17.80 ? 9    HIS A O   1 
ATOM   68  C CB  . HIS A 1 9   ? -10.441 7.691   7.497   1.00 24.50 ? 9    HIS A CB  1 
ATOM   69  C CG  . HIS A 1 9   ? -10.965 7.750   6.093   1.00 27.79 ? 9    HIS A CG  1 
ATOM   70  N ND1 . HIS A 1 9   ? -10.826 8.864   5.295   1.00 28.65 ? 9    HIS A ND1 1 
ATOM   71  C CD2 . HIS A 1 9   ? -11.648 6.842   5.356   1.00 27.72 ? 9    HIS A CD2 1 
ATOM   72  C CE1 . HIS A 1 9   ? -11.400 8.640   4.126   1.00 30.05 ? 9    HIS A CE1 1 
ATOM   73  N NE2 . HIS A 1 9   ? -11.906 7.420   4.137   1.00 30.03 ? 9    HIS A NE2 1 
ATOM   74  N N   . VAL A 1 10  ? -8.126  5.714   7.597   1.00 19.07 ? 10   VAL A N   1 
ATOM   75  C CA  . VAL A 1 10  ? -7.043  4.978   6.953   1.00 17.76 ? 10   VAL A CA  1 
ATOM   76  C C   . VAL A 1 10  ? -7.062  3.499   7.340   1.00 17.93 ? 10   VAL A C   1 
ATOM   77  O O   . VAL A 1 10  ? -6.884  2.631   6.487   1.00 18.57 ? 10   VAL A O   1 
ATOM   78  C CB  . VAL A 1 10  ? -5.665  5.598   7.308   1.00 18.28 ? 10   VAL A CB  1 
ATOM   79  C CG1 . VAL A 1 10  ? -4.541  4.779   6.683   1.00 14.63 ? 10   VAL A CG1 1 
ATOM   80  C CG2 . VAL A 1 10  ? -5.607  7.041   6.797   1.00 17.61 ? 10   VAL A CG2 1 
ATOM   81  N N   . LYS A 1 11  ? -7.272  3.209   8.620   1.00 17.26 ? 11   LYS A N   1 
ATOM   82  C CA  . LYS A 1 11  ? -7.335  1.822   9.069   1.00 17.44 ? 11   LYS A CA  1 
ATOM   83  C C   . LYS A 1 11  ? -8.480  1.114   8.361   1.00 17.86 ? 11   LYS A C   1 
ATOM   84  O O   . LYS A 1 11  ? -8.358  -0.046  7.974   1.00 16.07 ? 11   LYS A O   1 
ATOM   85  C CB  . LYS A 1 11  ? -7.539  1.743   10.586  1.00 19.62 ? 11   LYS A CB  1 
ATOM   86  C CG  . LYS A 1 11  ? -6.296  2.061   11.390  1.00 19.25 ? 11   LYS A CG  1 
ATOM   87  C CD  . LYS A 1 11  ? -6.563  1.994   12.889  1.00 25.53 ? 11   LYS A CD  1 
ATOM   88  C CE  . LYS A 1 11  ? -5.273  2.167   13.682  1.00 25.98 ? 11   LYS A CE  1 
ATOM   89  N NZ  . LYS A 1 11  ? -5.525  2.210   15.147  1.00 28.85 ? 11   LYS A NZ  1 
ATOM   90  N N   . ASP A 1 12  ? -9.593  1.823   8.185   1.00 19.67 ? 12   ASP A N   1 
ATOM   91  C CA  . ASP A 1 12  ? -10.761 1.259   7.517   1.00 19.73 ? 12   ASP A CA  1 
ATOM   92  C C   . ASP A 1 12  ? -10.493 0.957   6.043   1.00 20.36 ? 12   ASP A C   1 
ATOM   93  O O   . ASP A 1 12  ? -10.894 -0.090  5.535   1.00 19.79 ? 12   ASP A O   1 
ATOM   94  C CB  . ASP A 1 12  ? -11.957 2.211   7.637   1.00 19.62 ? 12   ASP A CB  1 
ATOM   95  C CG  . ASP A 1 12  ? -12.557 2.232   9.038   1.00 22.23 ? 12   ASP A CG  1 
ATOM   96  O OD1 . ASP A 1 12  ? -12.119 1.429   9.892   1.00 18.49 ? 12   ASP A OD1 1 
ATOM   97  O OD2 . ASP A 1 12  ? -13.478 3.050   9.279   1.00 20.62 ? 12   ASP A OD2 1 
ATOM   98  N N   . LEU A 1 13  ? -9.828  1.874   5.350   1.00 18.74 ? 13   LEU A N   1 
ATOM   99  C CA  . LEU A 1 13  ? -9.525  1.656   3.939   1.00 20.26 ? 13   LEU A CA  1 
ATOM   100 C C   . LEU A 1 13  ? -8.593  0.462   3.771   1.00 19.41 ? 13   LEU A C   1 
ATOM   101 O O   . LEU A 1 13  ? -8.719  -0.301  2.815   1.00 21.07 ? 13   LEU A O   1 
ATOM   102 C CB  . LEU A 1 13  ? -8.901  2.914   3.322   1.00 18.99 ? 13   LEU A CB  1 
ATOM   103 C CG  . LEU A 1 13  ? -9.871  4.089   3.169   1.00 19.29 ? 13   LEU A CG  1 
ATOM   104 C CD1 . LEU A 1 13  ? -9.142  5.303   2.620   1.00 18.79 ? 13   LEU A CD1 1 
ATOM   105 C CD2 . LEU A 1 13  ? -10.999 3.689   2.228   1.00 18.54 ? 13   LEU A CD2 1 
ATOM   106 N N   . ILE A 1 14  ? -7.660  0.302   4.703   1.00 19.34 ? 14   ILE A N   1 
ATOM   107 C CA  . ILE A 1 14  ? -6.719  -0.814  4.661   1.00 20.62 ? 14   ILE A CA  1 
ATOM   108 C C   . ILE A 1 14  ? -7.457  -2.149  4.864   1.00 22.74 ? 14   ILE A C   1 
ATOM   109 O O   . ILE A 1 14  ? -7.165  -3.149  4.205   1.00 22.58 ? 14   ILE A O   1 
ATOM   110 C CB  . ILE A 1 14  ? -5.632  -0.641  5.759   1.00 20.78 ? 14   ILE A CB  1 
ATOM   111 C CG1 . ILE A 1 14  ? -4.706  0.527   5.392   1.00 16.70 ? 14   ILE A CG1 1 
ATOM   112 C CG2 . ILE A 1 14  ? -4.837  -1.926  5.929   1.00 20.90 ? 14   ILE A CG2 1 
ATOM   113 C CD1 . ILE A 1 14  ? -3.728  0.894   6.486   1.00 18.48 ? 14   ILE A CD1 1 
ATOM   114 N N   . ALA A 1 15  ? -8.431  -2.153  5.767   1.00 22.50 ? 15   ALA A N   1 
ATOM   115 C CA  . ALA A 1 15  ? -9.195  -3.361  6.064   1.00 23.72 ? 15   ALA A CA  1 
ATOM   116 C C   . ALA A 1 15  ? -10.222 -3.724  4.992   1.00 23.63 ? 15   ALA A C   1 
ATOM   117 O O   . ALA A 1 15  ? -10.528 -4.899  4.792   1.00 25.69 ? 15   ALA A O   1 
ATOM   118 C CB  . ALA A 1 15  ? -9.890  -3.201  7.414   1.00 23.89 ? 15   ALA A CB  1 
ATOM   119 N N   . GLU A 1 16  ? -10.739 -2.722  4.287   1.00 23.03 ? 16   GLU A N   1 
ATOM   120 C CA  . GLU A 1 16  ? -11.753 -2.954  3.266   1.00 23.39 ? 16   GLU A CA  1 
ATOM   121 C C   . GLU A 1 16  ? -11.226 -3.279  1.871   1.00 24.81 ? 16   GLU A C   1 
ATOM   122 O O   . GLU A 1 16  ? -12.012 -3.473  0.942   1.00 24.67 ? 16   GLU A O   1 
ATOM   123 C CB  . GLU A 1 16  ? -12.673 -1.735  3.185   1.00 24.37 ? 16   GLU A CB  1 
ATOM   124 C CG  . GLU A 1 16  ? -13.294 -1.359  4.528   1.00 24.19 ? 16   GLU A CG  1 
ATOM   125 C CD  . GLU A 1 16  ? -13.879 0.038   4.535   1.00 24.50 ? 16   GLU A CD  1 
ATOM   126 O OE1 . GLU A 1 16  ? -13.664 0.783   3.556   1.00 26.91 ? 16   GLU A OE1 1 
ATOM   127 O OE2 . GLU A 1 16  ? -14.547 0.397   5.530   1.00 23.54 ? 16   GLU A OE2 1 
ATOM   128 N N   . ASN A 1 17  ? -9.907  -3.337  1.717   1.00 22.78 ? 17   ASN A N   1 
ATOM   129 C CA  . ASN A 1 17  ? -9.309  -3.622  0.418   1.00 22.61 ? 17   ASN A CA  1 
ATOM   130 C C   . ASN A 1 17  ? -8.238  -4.703  0.542   1.00 23.74 ? 17   ASN A C   1 
ATOM   131 O O   . ASN A 1 17  ? -7.328  -4.589  1.359   1.00 25.41 ? 17   ASN A O   1 
ATOM   132 C CB  . ASN A 1 17  ? -8.705  -2.338  -0.156  1.00 22.98 ? 17   ASN A CB  1 
ATOM   133 C CG  . ASN A 1 17  ? -9.765  -1.332  -0.571  1.00 23.17 ? 17   ASN A CG  1 
ATOM   134 O OD1 . ASN A 1 17  ? -10.372 -1.458  -1.634  1.00 22.30 ? 17   ASN A OD1 1 
ATOM   135 N ND2 . ASN A 1 17  ? -10.001 -0.334  0.275   1.00 20.56 ? 17   ASN A ND2 1 
ATOM   136 N N   . GLU A 1 18  ? -8.343  -5.752  -0.271  1.00 24.09 ? 18   GLU A N   1 
ATOM   137 C CA  . GLU A 1 18  ? -7.377  -6.845  -0.205  1.00 23.65 ? 18   GLU A CA  1 
ATOM   138 C C   . GLU A 1 18  ? -5.939  -6.338  -0.288  1.00 22.00 ? 18   GLU A C   1 
ATOM   139 O O   . GLU A 1 18  ? -5.067  -6.824  0.432   1.00 24.01 ? 18   GLU A O   1 
ATOM   140 C CB  . GLU A 1 18  ? -7.695  -7.883  -1.285  1.00 26.41 ? 18   GLU A CB  1 
ATOM   141 C CG  . GLU A 1 18  ? -9.019  -8.593  -0.984  1.00 31.12 ? 18   GLU A CG  1 
ATOM   142 C CD  . GLU A 1 18  ? -9.406  -9.631  -2.011  1.00 36.78 ? 18   GLU A CD  1 
ATOM   143 O OE1 . GLU A 1 18  ? -8.634  -10.590 -2.216  1.00 38.64 ? 18   GLU A OE1 1 
ATOM   144 O OE2 . GLU A 1 18  ? -10.494 -9.490  -2.609  1.00 40.80 ? 18   GLU A OE2 1 
ATOM   145 N N   . ILE A 1 19  ? -5.688  -5.372  -1.168  1.00 21.14 ? 19   ILE A N   1 
ATOM   146 C CA  . ILE A 1 19  ? -4.369  -4.762  -1.257  1.00 18.08 ? 19   ILE A CA  1 
ATOM   147 C C   . ILE A 1 19  ? -4.598  -3.257  -1.213  1.00 18.97 ? 19   ILE A C   1 
ATOM   148 O O   . ILE A 1 19  ? -5.491  -2.729  -1.871  1.00 20.12 ? 19   ILE A O   1 
ATOM   149 C CB  . ILE A 1 19  ? -3.603  -5.123  -2.543  1.00 17.90 ? 19   ILE A CB  1 
ATOM   150 C CG1 . ILE A 1 19  ? -3.373  -6.638  -2.613  1.00 15.35 ? 19   ILE A CG1 1 
ATOM   151 C CG2 . ILE A 1 19  ? -2.233  -4.430  -2.534  1.00 16.03 ? 19   ILE A CG2 1 
ATOM   152 C CD1 . ILE A 1 19  ? -2.501  -7.068  -3.772  1.00 19.26 ? 19   ILE A CD1 1 
ATOM   153 N N   . PHE A 1 20  ? -3.793  -2.582  -0.404  1.00 17.45 ? 20   PHE A N   1 
ATOM   154 C CA  . PHE A 1 20  ? -3.882  -1.139  -0.215  1.00 16.91 ? 20   PHE A CA  1 
ATOM   155 C C   . PHE A 1 20  ? -2.528  -0.547  -0.556  1.00 16.44 ? 20   PHE A C   1 
ATOM   156 O O   . PHE A 1 20  ? -1.509  -0.995  -0.029  1.00 15.82 ? 20   PHE A O   1 
ATOM   157 C CB  . PHE A 1 20  ? -4.210  -0.836  1.255   1.00 16.97 ? 20   PHE A CB  1 
ATOM   158 C CG  . PHE A 1 20  ? -4.145  0.626   1.611   1.00 18.61 ? 20   PHE A CG  1 
ATOM   159 C CD1 . PHE A 1 20  ? -5.268  1.438   1.484   1.00 18.27 ? 20   PHE A CD1 1 
ATOM   160 C CD2 . PHE A 1 20  ? -2.957  1.189   2.065   1.00 18.30 ? 20   PHE A CD2 1 
ATOM   161 C CE1 . PHE A 1 20  ? -5.210  2.786   1.803   1.00 20.28 ? 20   PHE A CE1 1 
ATOM   162 C CE2 . PHE A 1 20  ? -2.884  2.541   2.386   1.00 18.84 ? 20   PHE A CE2 1 
ATOM   163 C CZ  . PHE A 1 20  ? -4.009  3.341   2.258   1.00 19.60 ? 20   PHE A CZ  1 
ATOM   164 N N   . VAL A 1 21  ? -2.507  0.456   -1.428  1.00 16.29 ? 21   VAL A N   1 
ATOM   165 C CA  . VAL A 1 21  ? -1.243  1.084   -1.789  1.00 15.08 ? 21   VAL A CA  1 
ATOM   166 C C   . VAL A 1 21  ? -1.312  2.608   -1.744  1.00 16.32 ? 21   VAL A C   1 
ATOM   167 O O   . VAL A 1 21  ? -2.005  3.229   -2.549  1.00 18.13 ? 21   VAL A O   1 
ATOM   168 C CB  . VAL A 1 21  ? -0.770  0.662   -3.215  1.00 15.64 ? 21   VAL A CB  1 
ATOM   169 C CG1 . VAL A 1 21  ? 0.566   1.324   -3.536  1.00 12.48 ? 21   VAL A CG1 1 
ATOM   170 C CG2 . VAL A 1 21  ? -0.631  -0.856  -3.304  1.00 14.57 ? 21   VAL A CG2 1 
ATOM   171 N N   . ALA A 1 22  ? -0.612  3.202   -0.784  1.00 15.05 ? 22   ALA A N   1 
ATOM   172 C CA  . ALA A 1 22  ? -0.550  4.655   -0.681  1.00 14.70 ? 22   ALA A CA  1 
ATOM   173 C C   . ALA A 1 22  ? 0.569   4.969   -1.660  1.00 14.99 ? 22   ALA A C   1 
ATOM   174 O O   . ALA A 1 22  ? 1.678   4.442   -1.534  1.00 16.14 ? 22   ALA A O   1 
ATOM   175 C CB  . ALA A 1 22  ? -0.169  5.087   0.730   1.00 13.91 ? 22   ALA A CB  1 
ATOM   176 N N   . SER A 1 23  ? 0.276   5.814   -2.638  1.00 13.13 ? 23   SER A N   1 
ATOM   177 C CA  . SER A 1 23  ? 1.238   6.154   -3.675  1.00 15.12 ? 23   SER A CA  1 
ATOM   178 C C   . SER A 1 23  ? 1.258   7.642   -4.013  1.00 14.52 ? 23   SER A C   1 
ATOM   179 O O   . SER A 1 23  ? 0.532   8.435   -3.425  1.00 16.29 ? 23   SER A O   1 
ATOM   180 C CB  . SER A 1 23  ? 0.883   5.352   -4.932  1.00 16.82 ? 23   SER A CB  1 
ATOM   181 O OG  . SER A 1 23  ? 1.480   5.886   -6.099  1.00 22.14 ? 23   SER A OG  1 
ATOM   182 N N   . LYS A 1 24  ? 2.126   8.008   -4.949  1.00 16.66 ? 24   LYS A N   1 
ATOM   183 C CA  . LYS A 1 24  ? 2.217   9.377   -5.453  1.00 15.94 ? 24   LYS A CA  1 
ATOM   184 C C   . LYS A 1 24  ? 2.486   9.209   -6.941  1.00 16.31 ? 24   LYS A C   1 
ATOM   185 O O   . LYS A 1 24  ? 3.309   8.383   -7.333  1.00 16.15 ? 24   LYS A O   1 
ATOM   186 C CB  . LYS A 1 24  ? 3.325   10.162  -4.743  1.00 14.95 ? 24   LYS A CB  1 
ATOM   187 C CG  . LYS A 1 24  ? 2.929   10.541  -3.321  1.00 14.02 ? 24   LYS A CG  1 
ATOM   188 C CD  . LYS A 1 24  ? 3.938   11.449  -2.634  1.00 17.57 ? 24   LYS A CD  1 
ATOM   189 C CE  . LYS A 1 24  ? 3.460   11.779  -1.227  1.00 17.10 ? 24   LYS A CE  1 
ATOM   190 N NZ  . LYS A 1 24  ? 4.434   12.611  -0.471  1.00 19.48 ? 24   LYS A NZ  1 
ATOM   191 N N   . THR A 1 25  ? 1.767   9.967   -7.767  1.00 18.23 ? 25   THR A N   1 
ATOM   192 C CA  . THR A 1 25  ? 1.882   9.859   -9.222  1.00 20.32 ? 25   THR A CA  1 
ATOM   193 C C   . THR A 1 25  ? 3.281   9.924   -9.818  1.00 19.97 ? 25   THR A C   1 
ATOM   194 O O   . THR A 1 25  ? 3.572   9.233   -10.795 1.00 20.21 ? 25   THR A O   1 
ATOM   195 C CB  . THR A 1 25  ? 1.021   10.933  -9.943  1.00 20.04 ? 25   THR A CB  1 
ATOM   196 O OG1 . THR A 1 25  ? 1.468   12.244  -9.572  1.00 20.56 ? 25   THR A OG1 1 
ATOM   197 C CG2 . THR A 1 25  ? -0.451  10.773  -9.573  1.00 21.88 ? 25   THR A CG2 1 
ATOM   198 N N   . TYR A 1 26  ? 4.143   10.748  -9.235  1.00 19.37 ? 26   TYR A N   1 
ATOM   199 C CA  . TYR A 1 26  ? 5.504   10.922  -9.741  1.00 20.31 ? 26   TYR A CA  1 
ATOM   200 C C   . TYR A 1 26  ? 6.556   10.015  -9.092  1.00 19.50 ? 26   TYR A C   1 
ATOM   201 O O   . TYR A 1 26  ? 7.740   10.115  -9.404  1.00 18.74 ? 26   TYR A O   1 
ATOM   202 C CB  . TYR A 1 26  ? 5.919   12.382  -9.549  1.00 19.86 ? 26   TYR A CB  1 
ATOM   203 C CG  . TYR A 1 26  ? 5.834   12.835  -8.107  1.00 20.73 ? 26   TYR A CG  1 
ATOM   204 C CD1 . TYR A 1 26  ? 6.727   12.354  -7.154  1.00 22.61 ? 26   TYR A CD1 1 
ATOM   205 C CD2 . TYR A 1 26  ? 4.848   13.726  -7.691  1.00 22.25 ? 26   TYR A CD2 1 
ATOM   206 C CE1 . TYR A 1 26  ? 6.643   12.745  -5.819  1.00 23.55 ? 26   TYR A CE1 1 
ATOM   207 C CE2 . TYR A 1 26  ? 4.753   14.128  -6.353  1.00 22.76 ? 26   TYR A CE2 1 
ATOM   208 C CZ  . TYR A 1 26  ? 5.655   13.633  -5.428  1.00 24.12 ? 26   TYR A CZ  1 
ATOM   209 O OH  . TYR A 1 26  ? 5.580   14.032  -4.115  1.00 24.85 ? 26   TYR A OH  1 
ATOM   210 N N   . CYS A 1 27  ? 6.130   9.126   -8.203  1.00 18.67 ? 27   CYS A N   1 
ATOM   211 C CA  . CYS A 1 27  ? 7.073   8.255   -7.509  1.00 17.94 ? 27   CYS A CA  1 
ATOM   212 C C   . CYS A 1 27  ? 7.539   7.031   -8.302  1.00 18.48 ? 27   CYS A C   1 
ATOM   213 O O   . CYS A 1 27  ? 6.751   6.136   -8.599  1.00 16.19 ? 27   CYS A O   1 
ATOM   214 C CB  . CYS A 1 27  ? 6.467   7.805   -6.179  1.00 18.97 ? 27   CYS A CB  1 
ATOM   215 S SG  . CYS A 1 27  ? 7.573   6.776   -5.210  1.00 20.75 ? 27   CYS A SG  1 
ATOM   216 N N   . PRO A 1 28  ? 8.838   6.977   -8.643  1.00 18.18 ? 28   PRO A N   1 
ATOM   217 C CA  . PRO A 1 28  ? 9.408   5.856   -9.403  1.00 19.28 ? 28   PRO A CA  1 
ATOM   218 C C   . PRO A 1 28  ? 9.178   4.504   -8.725  1.00 19.02 ? 28   PRO A C   1 
ATOM   219 O O   . PRO A 1 28  ? 8.951   3.494   -9.388  1.00 18.93 ? 28   PRO A O   1 
ATOM   220 C CB  . PRO A 1 28  ? 10.898  6.201   -9.467  1.00 20.15 ? 28   PRO A CB  1 
ATOM   221 C CG  . PRO A 1 28  ? 10.912  7.695   -9.405  1.00 21.77 ? 28   PRO A CG  1 
ATOM   222 C CD  . PRO A 1 28  ? 9.868   7.992   -8.358  1.00 20.37 ? 28   PRO A CD  1 
ATOM   223 N N   . TYR A 1 29  ? 9.247   4.501   -7.398  1.00 19.60 ? 29   TYR A N   1 
ATOM   224 C CA  . TYR A 1 29  ? 9.071   3.292   -6.601  1.00 19.50 ? 29   TYR A CA  1 
ATOM   225 C C   . TYR A 1 29  ? 7.626   2.811   -6.606  1.00 18.74 ? 29   TYR A C   1 
ATOM   226 O O   . TYR A 1 29  ? 7.360   1.613   -6.523  1.00 18.22 ? 29   TYR A O   1 
ATOM   227 C CB  . TYR A 1 29  ? 9.535   3.562   -5.174  1.00 21.02 ? 29   TYR A CB  1 
ATOM   228 C CG  . TYR A 1 29  ? 10.937  4.126   -5.127  1.00 23.64 ? 29   TYR A CG  1 
ATOM   229 C CD1 . TYR A 1 29  ? 12.046  3.297   -5.279  1.00 24.24 ? 29   TYR A CD1 1 
ATOM   230 C CD2 . TYR A 1 29  ? 11.150  5.493   -4.977  1.00 24.63 ? 29   TYR A CD2 1 
ATOM   231 C CE1 . TYR A 1 29  ? 13.338  3.818   -5.281  1.00 29.14 ? 29   TYR A CE1 1 
ATOM   232 C CE2 . TYR A 1 29  ? 12.439  6.027   -4.978  1.00 28.49 ? 29   TYR A CE2 1 
ATOM   233 C CZ  . TYR A 1 29  ? 13.525  5.185   -5.131  1.00 27.88 ? 29   TYR A CZ  1 
ATOM   234 O OH  . TYR A 1 29  ? 14.797  5.704   -5.133  1.00 33.89 ? 29   TYR A OH  1 
ATOM   235 N N   . SER A 1 30  ? 6.695   3.752   -6.697  1.00 19.27 ? 30   SER A N   1 
ATOM   236 C CA  . SER A 1 30  ? 5.283   3.413   -6.738  1.00 19.14 ? 30   SER A CA  1 
ATOM   237 C C   . SER A 1 30  ? 4.992   2.768   -8.093  1.00 19.86 ? 30   SER A C   1 
ATOM   238 O O   . SER A 1 30  ? 4.277   1.773   -8.164  1.00 20.77 ? 30   SER A O   1 
ATOM   239 C CB  . SER A 1 30  ? 4.425   4.670   -6.543  1.00 19.89 ? 30   SER A CB  1 
ATOM   240 O OG  . SER A 1 30  ? 4.513   5.145   -5.208  1.00 21.15 ? 30   SER A OG  1 
ATOM   241 N N   . HIS A 1 31  ? 5.550   3.334   -9.163  1.00 21.99 ? 31   HIS A N   1 
ATOM   242 C CA  . HIS A 1 31  ? 5.355   2.786   -10.511 1.00 22.80 ? 31   HIS A CA  1 
ATOM   243 C C   . HIS A 1 31  ? 5.877   1.348   -10.526 1.00 21.94 ? 31   HIS A C   1 
ATOM   244 O O   . HIS A 1 31  ? 5.244   0.446   -11.076 1.00 22.85 ? 31   HIS A O   1 
ATOM   245 C CB  . HIS A 1 31  ? 6.136   3.600   -11.553 1.00 27.28 ? 31   HIS A CB  1 
ATOM   246 C CG  . HIS A 1 31  ? 5.705   5.031   -11.667 1.00 31.28 ? 31   HIS A CG  1 
ATOM   247 N ND1 . HIS A 1 31  ? 6.517   6.007   -12.207 1.00 34.64 ? 31   HIS A ND1 1 
ATOM   248 C CD2 . HIS A 1 31  ? 4.550   5.651   -11.324 1.00 33.67 ? 31   HIS A CD2 1 
ATOM   249 C CE1 . HIS A 1 31  ? 5.880   7.166   -12.191 1.00 34.56 ? 31   HIS A CE1 1 
ATOM   250 N NE2 . HIS A 1 31  ? 4.685   6.977   -11.661 1.00 33.85 ? 31   HIS A NE2 1 
ATOM   251 N N   . ALA A 1 32  ? 7.043   1.153   -9.916  1.00 20.18 ? 32   ALA A N   1 
ATOM   252 C CA  . ALA A 1 32  ? 7.674   -0.160  -9.846  1.00 20.59 ? 32   ALA A CA  1 
ATOM   253 C C   . ALA A 1 32  ? 6.817   -1.160  -9.078  1.00 20.27 ? 32   ALA A C   1 
ATOM   254 O O   . ALA A 1 32  ? 6.614   -2.289  -9.528  1.00 20.12 ? 32   ALA A O   1 
ATOM   255 C CB  . ALA A 1 32  ? 9.054   -0.043  -9.194  1.00 19.66 ? 32   ALA A CB  1 
ATOM   256 N N   . ALA A 1 33  ? 6.315   -0.745  -7.918  1.00 18.67 ? 33   ALA A N   1 
ATOM   257 C CA  . ALA A 1 33  ? 5.482   -1.621  -7.097  1.00 19.37 ? 33   ALA A CA  1 
ATOM   258 C C   . ALA A 1 33  ? 4.177   -1.991  -7.795  1.00 19.35 ? 33   ALA A C   1 
ATOM   259 O O   . ALA A 1 33  ? 3.759   -3.150  -7.778  1.00 18.66 ? 33   ALA A O   1 
ATOM   260 C CB  . ALA A 1 33  ? 5.185   -0.955  -5.761  1.00 19.69 ? 33   ALA A CB  1 
ATOM   261 N N   . LEU A 1 34  ? 3.528   -1.003  -8.403  1.00 19.62 ? 34   LEU A N   1 
ATOM   262 C CA  . LEU A 1 34  ? 2.272   -1.244  -9.100  1.00 19.53 ? 34   LEU A CA  1 
ATOM   263 C C   . LEU A 1 34  ? 2.500   -2.106  -10.343 1.00 21.54 ? 34   LEU A C   1 
ATOM   264 O O   . LEU A 1 34  ? 1.688   -2.977  -10.660 1.00 22.48 ? 34   LEU A O   1 
ATOM   265 C CB  . LEU A 1 34  ? 1.621   0.087   -9.475  1.00 20.03 ? 34   LEU A CB  1 
ATOM   266 C CG  . LEU A 1 34  ? 1.200   0.921   -8.261  1.00 19.33 ? 34   LEU A CG  1 
ATOM   267 C CD1 . LEU A 1 34  ? 0.659   2.273   -8.721  1.00 22.30 ? 34   LEU A CD1 1 
ATOM   268 C CD2 . LEU A 1 34  ? 0.146   0.159   -7.458  1.00 18.44 ? 34   LEU A CD2 1 
ATOM   269 N N   . ASN A 1 35  ? 3.604   -1.863  -11.041 1.00 21.69 ? 35   ASN A N   1 
ATOM   270 C CA  . ASN A 1 35  ? 3.944   -2.649  -12.227 1.00 23.90 ? 35   ASN A CA  1 
ATOM   271 C C   . ASN A 1 35  ? 4.090   -4.122  -11.831 1.00 22.66 ? 35   ASN A C   1 
ATOM   272 O O   . ASN A 1 35  ? 3.573   -5.014  -12.504 1.00 19.86 ? 35   ASN A O   1 
ATOM   273 C CB  . ASN A 1 35  ? 5.252   -2.132  -12.838 1.00 26.46 ? 35   ASN A CB  1 
ATOM   274 C CG  . ASN A 1 35  ? 5.805   -3.056  -13.906 1.00 32.98 ? 35   ASN A CG  1 
ATOM   275 O OD1 . ASN A 1 35  ? 6.541   -3.999  -13.610 1.00 36.98 ? 35   ASN A OD1 1 
ATOM   276 N ND2 . ASN A 1 35  ? 5.445   -2.794  -15.157 1.00 34.66 ? 35   ASN A ND2 1 
ATOM   277 N N   . THR A 1 36  ? 4.788   -4.364  -10.725 1.00 23.29 ? 36   THR A N   1 
ATOM   278 C CA  . THR A 1 36  ? 5.002   -5.718  -10.219 1.00 23.29 ? 36   THR A CA  1 
ATOM   279 C C   . THR A 1 36  ? 3.678   -6.396  -9.891  1.00 22.46 ? 36   THR A C   1 
ATOM   280 O O   . THR A 1 36  ? 3.423   -7.525  -10.308 1.00 22.00 ? 36   THR A O   1 
ATOM   281 C CB  . THR A 1 36  ? 5.875   -5.696  -8.952  1.00 22.97 ? 36   THR A CB  1 
ATOM   282 O OG1 . THR A 1 36  ? 7.169   -5.186  -9.281  1.00 25.69 ? 36   THR A OG1 1 
ATOM   283 C CG2 . THR A 1 36  ? 6.022   -7.099  -8.372  1.00 25.97 ? 36   THR A CG2 1 
ATOM   284 N N   . LEU A 1 37  ? 2.840   -5.695  -9.137  1.00 20.82 ? 37   LEU A N   1 
ATOM   285 C CA  . LEU A 1 37  ? 1.535   -6.201  -8.739  1.00 20.84 ? 37   LEU A CA  1 
ATOM   286 C C   . LEU A 1 37  ? 0.598   -6.486  -9.911  1.00 21.95 ? 37   LEU A C   1 
ATOM   287 O O   . LEU A 1 37  ? 0.068   -7.588  -10.042 1.00 22.15 ? 37   LEU A O   1 
ATOM   288 C CB  . LEU A 1 37  ? 0.849   -5.202  -7.798  1.00 18.83 ? 37   LEU A CB  1 
ATOM   289 C CG  . LEU A 1 37  ? 1.435   -5.045  -6.391  1.00 19.78 ? 37   LEU A CG  1 
ATOM   290 C CD1 . LEU A 1 37  ? 0.712   -3.926  -5.658  1.00 20.52 ? 37   LEU A CD1 1 
ATOM   291 C CD2 . LEU A 1 37  ? 1.303   -6.349  -5.629  1.00 18.02 ? 37   LEU A CD2 1 
ATOM   292 N N   . PHE A 1 38  ? 0.396   -5.490  -10.765 1.00 22.89 ? 38   PHE A N   1 
ATOM   293 C CA  . PHE A 1 38  ? -0.520  -5.642  -11.885 1.00 24.44 ? 38   PHE A CA  1 
ATOM   294 C C   . PHE A 1 38  ? -0.026  -6.427  -13.095 1.00 25.97 ? 38   PHE A C   1 
ATOM   295 O O   . PHE A 1 38  ? -0.762  -7.254  -13.638 1.00 26.40 ? 38   PHE A O   1 
ATOM   296 C CB  . PHE A 1 38  ? -1.001  -4.267  -12.350 1.00 23.86 ? 38   PHE A CB  1 
ATOM   297 C CG  . PHE A 1 38  ? -1.761  -3.504  -11.303 1.00 24.44 ? 38   PHE A CG  1 
ATOM   298 C CD1 . PHE A 1 38  ? -2.717  -4.138  -10.515 1.00 24.74 ? 38   PHE A CD1 1 
ATOM   299 C CD2 . PHE A 1 38  ? -1.550  -2.139  -11.132 1.00 23.80 ? 38   PHE A CD2 1 
ATOM   300 C CE1 . PHE A 1 38  ? -3.454  -3.428  -9.576  1.00 25.45 ? 38   PHE A CE1 1 
ATOM   301 C CE2 . PHE A 1 38  ? -2.281  -1.416  -10.193 1.00 23.88 ? 38   PHE A CE2 1 
ATOM   302 C CZ  . PHE A 1 38  ? -3.234  -2.060  -9.413  1.00 25.38 ? 38   PHE A CZ  1 
ATOM   303 N N   . GLU A 1 39  ? 1.207   -6.178  -13.521 1.00 26.41 ? 39   GLU A N   1 
ATOM   304 C CA  . GLU A 1 39  ? 1.732   -6.862  -14.695 1.00 29.90 ? 39   GLU A CA  1 
ATOM   305 C C   . GLU A 1 39  ? 2.490   -8.153  -14.407 1.00 30.51 ? 39   GLU A C   1 
ATOM   306 O O   . GLU A 1 39  ? 2.203   -9.193  -15.002 1.00 30.87 ? 39   GLU A O   1 
ATOM   307 C CB  . GLU A 1 39  ? 2.629   -5.914  -15.493 1.00 32.15 ? 39   GLU A CB  1 
ATOM   308 C CG  . GLU A 1 39  ? 1.989   -4.564  -15.779 1.00 38.04 ? 39   GLU A CG  1 
ATOM   309 C CD  . GLU A 1 39  ? 2.703   -3.802  -16.878 1.00 41.98 ? 39   GLU A CD  1 
ATOM   310 O OE1 . GLU A 1 39  ? 3.952   -3.821  -16.898 1.00 44.79 ? 39   GLU A OE1 1 
ATOM   311 O OE2 . GLU A 1 39  ? 2.015   -3.179  -17.717 1.00 43.07 ? 39   GLU A OE2 1 
ATOM   312 N N   . LYS A 1 40  ? 3.451   -8.094  -13.494 1.00 29.52 ? 40   LYS A N   1 
ATOM   313 C CA  . LYS A 1 40  ? 4.240   -9.272  -13.175 1.00 29.86 ? 40   LYS A CA  1 
ATOM   314 C C   . LYS A 1 40  ? 3.519   -10.320 -12.330 1.00 29.11 ? 40   LYS A C   1 
ATOM   315 O O   . LYS A 1 40  ? 3.690   -11.519 -12.553 1.00 29.91 ? 40   LYS A O   1 
ATOM   316 C CB  . LYS A 1 40  ? 5.555   -8.846  -12.515 1.00 30.75 ? 40   LYS A CB  1 
ATOM   317 C CG  . LYS A 1 40  ? 6.500   -8.155  -13.493 1.00 36.03 ? 40   LYS A CG  1 
ATOM   318 C CD  . LYS A 1 40  ? 7.853   -7.807  -12.889 1.00 38.88 ? 40   LYS A CD  1 
ATOM   319 C CE  . LYS A 1 40  ? 7.780   -6.571  -12.007 1.00 43.42 ? 40   LYS A CE  1 
ATOM   320 N NZ  . LYS A 1 40  ? 9.131   -6.152  -11.533 1.00 45.33 ? 40   LYS A NZ  1 
ATOM   321 N N   . LEU A 1 41  ? 2.698   -9.879  -11.381 1.00 26.91 ? 41   LEU A N   1 
ATOM   322 C CA  . LEU A 1 41  ? 1.978   -10.810 -10.518 1.00 26.17 ? 41   LEU A CA  1 
ATOM   323 C C   . LEU A 1 41  ? 0.538   -11.034 -10.953 1.00 25.80 ? 41   LEU A C   1 
ATOM   324 O O   . LEU A 1 41  ? -0.171  -11.858 -10.374 1.00 25.51 ? 41   LEU A O   1 
ATOM   325 C CB  . LEU A 1 41  ? 2.012   -10.319 -9.067  1.00 26.83 ? 41   LEU A CB  1 
ATOM   326 C CG  . LEU A 1 41  ? 3.387   -10.342 -8.396  1.00 26.34 ? 41   LEU A CG  1 
ATOM   327 C CD1 . LEU A 1 41  ? 3.294   -9.714  -7.009  1.00 29.05 ? 41   LEU A CD1 1 
ATOM   328 C CD2 . LEU A 1 41  ? 3.891   -11.776 -8.312  1.00 29.50 ? 41   LEU A CD2 1 
ATOM   329 N N   . LYS A 1 42  ? 0.111   -10.291 -11.968 1.00 24.98 ? 42   LYS A N   1 
ATOM   330 C CA  . LYS A 1 42  ? -1.236  -10.409 -12.508 1.00 27.69 ? 42   LYS A CA  1 
ATOM   331 C C   . LYS A 1 42  ? -2.358  -10.236 -11.490 1.00 27.54 ? 42   LYS A C   1 
ATOM   332 O O   . LYS A 1 42  ? -3.414  -10.858 -11.608 1.00 26.16 ? 42   LYS A O   1 
ATOM   333 C CB  . LYS A 1 42  ? -1.399  -11.758 -13.211 1.00 29.60 ? 42   LYS A CB  1 
ATOM   334 C CG  . LYS A 1 42  ? -0.444  -11.956 -14.367 1.00 31.84 ? 42   LYS A CG  1 
ATOM   335 C CD  . LYS A 1 42  ? -0.761  -13.230 -15.128 1.00 37.15 ? 42   LYS A CD  1 
ATOM   336 C CE  . LYS A 1 42  ? 0.125   -13.354 -16.356 1.00 40.04 ? 42   LYS A CE  1 
ATOM   337 N NZ  . LYS A 1 42  ? -0.275  -14.493 -17.223 1.00 43.35 ? 42   LYS A NZ  1 
ATOM   338 N N   . VAL A 1 43  ? -2.136  -9.392  -10.491 1.00 26.74 ? 43   VAL A N   1 
ATOM   339 C CA  . VAL A 1 43  ? -3.164  -9.143  -9.488  1.00 25.90 ? 43   VAL A CA  1 
ATOM   340 C C   . VAL A 1 43  ? -4.263  -8.315  -10.146 1.00 26.09 ? 43   VAL A C   1 
ATOM   341 O O   . VAL A 1 43  ? -3.977  -7.329  -10.825 1.00 25.72 ? 43   VAL A O   1 
ATOM   342 C CB  . VAL A 1 43  ? -2.598  -8.350  -8.287  1.00 26.18 ? 43   VAL A CB  1 
ATOM   343 C CG1 . VAL A 1 43  ? -3.720  -8.009  -7.311  1.00 25.16 ? 43   VAL A CG1 1 
ATOM   344 C CG2 . VAL A 1 43  ? -1.511  -9.159  -7.597  1.00 23.69 ? 43   VAL A CG2 1 
ATOM   345 N N   . PRO A 1 44  ? -5.536  -8.715  -9.970  1.00 27.64 ? 44   PRO A N   1 
ATOM   346 C CA  . PRO A 1 44  ? -6.665  -7.982  -10.558 1.00 28.54 ? 44   PRO A CA  1 
ATOM   347 C C   . PRO A 1 44  ? -6.768  -6.571  -9.973  1.00 29.26 ? 44   PRO A C   1 
ATOM   348 O O   . PRO A 1 44  ? -6.677  -6.392  -8.761  1.00 27.85 ? 44   PRO A O   1 
ATOM   349 C CB  . PRO A 1 44  ? -7.868  -8.843  -10.181 1.00 29.35 ? 44   PRO A CB  1 
ATOM   350 C CG  . PRO A 1 44  ? -7.287  -10.221 -10.105 1.00 29.68 ? 44   PRO A CG  1 
ATOM   351 C CD  . PRO A 1 44  ? -5.998  -9.976  -9.366  1.00 28.21 ? 44   PRO A CD  1 
ATOM   352 N N   . ARG A 1 45  ? -6.965  -5.577  -10.836 1.00 30.33 ? 45   ARG A N   1 
ATOM   353 C CA  . ARG A 1 45  ? -7.069  -4.183  -10.405 1.00 31.85 ? 45   ARG A CA  1 
ATOM   354 C C   . ARG A 1 45  ? -8.146  -3.987  -9.336  1.00 32.34 ? 45   ARG A C   1 
ATOM   355 O O   . ARG A 1 45  ? -7.996  -3.163  -8.432  1.00 31.32 ? 45   ARG A O   1 
ATOM   356 C CB  . ARG A 1 45  ? -7.385  -3.288  -11.606 1.00 35.02 ? 45   ARG A CB  1 
ATOM   357 C CG  . ARG A 1 45  ? -6.514  -3.543  -12.830 1.00 38.98 ? 45   ARG A CG  1 
ATOM   358 C CD  . ARG A 1 45  ? -5.399  -2.520  -12.975 1.00 42.46 ? 45   ARG A CD  1 
ATOM   359 N NE  . ARG A 1 45  ? -4.559  -2.805  -14.139 1.00 43.56 ? 45   ARG A NE  1 
ATOM   360 C CZ  . ARG A 1 45  ? -3.576  -2.017  -14.563 1.00 44.44 ? 45   ARG A CZ  1 
ATOM   361 N NH1 . ARG A 1 45  ? -3.305  -0.888  -13.922 1.00 45.00 ? 45   ARG A NH1 1 
ATOM   362 N NH2 . ARG A 1 45  ? -2.855  -2.362  -15.623 1.00 45.68 ? 45   ARG A NH2 1 
ATOM   363 N N   . SER A 1 46  ? -9.232  -4.749  -9.447  1.00 31.58 ? 46   SER A N   1 
ATOM   364 C CA  . SER A 1 46  ? -10.353 -4.660  -8.515  1.00 30.55 ? 46   SER A CA  1 
ATOM   365 C C   . SER A 1 46  ? -10.030 -5.114  -7.093  1.00 30.32 ? 46   SER A C   1 
ATOM   366 O O   . SER A 1 46  ? -10.841 -4.945  -6.182  1.00 30.40 ? 46   SER A O   1 
ATOM   367 C CB  . SER A 1 46  ? -11.532 -5.479  -9.054  1.00 33.10 ? 46   SER A CB  1 
ATOM   368 O OG  . SER A 1 46  ? -11.133 -6.811  -9.340  1.00 32.78 ? 46   SER A OG  1 
ATOM   369 N N   . LYS A 1 47  ? -8.849  -5.694  -6.903  1.00 27.88 ? 47   LYS A N   1 
ATOM   370 C CA  . LYS A 1 47  ? -8.438  -6.166  -5.585  1.00 27.55 ? 47   LYS A CA  1 
ATOM   371 C C   . LYS A 1 47  ? -7.511  -5.157  -4.914  1.00 25.58 ? 47   LYS A C   1 
ATOM   372 O O   . LYS A 1 47  ? -7.118  -5.339  -3.759  1.00 25.95 ? 47   LYS A O   1 
ATOM   373 C CB  . LYS A 1 47  ? -7.697  -7.501  -5.704  1.00 28.03 ? 47   LYS A CB  1 
ATOM   374 C CG  . LYS A 1 47  ? -8.500  -8.641  -6.309  1.00 30.41 ? 47   LYS A CG  1 
ATOM   375 C CD  . LYS A 1 47  ? -9.673  -9.018  -5.429  1.00 33.20 ? 47   LYS A CD  1 
ATOM   376 C CE  . LYS A 1 47  ? -10.280 -10.345 -5.865  1.00 35.40 ? 47   LYS A CE  1 
ATOM   377 N NZ  . LYS A 1 47  ? -11.449 -10.698 -5.016  1.00 35.77 ? 47   LYS A NZ  1 
ATOM   378 N N   . VAL A 1 48  ? -7.169  -4.095  -5.632  1.00 23.77 ? 48   VAL A N   1 
ATOM   379 C CA  . VAL A 1 48  ? -6.242  -3.100  -5.103  1.00 22.38 ? 48   VAL A CA  1 
ATOM   380 C C   . VAL A 1 48  ? -6.772  -1.670  -5.059  1.00 22.37 ? 48   VAL A C   1 
ATOM   381 O O   . VAL A 1 48  ? -7.321  -1.175  -6.042  1.00 23.15 ? 48   VAL A O   1 
ATOM   382 C CB  . VAL A 1 48  ? -4.934  -3.074  -5.939  1.00 20.92 ? 48   VAL A CB  1 
ATOM   383 C CG1 . VAL A 1 48  ? -3.927  -2.126  -5.311  1.00 19.33 ? 48   VAL A CG1 1 
ATOM   384 C CG2 . VAL A 1 48  ? -4.354  -4.476  -6.060  1.00 21.50 ? 48   VAL A CG2 1 
ATOM   385 N N   . LEU A 1 49  ? -6.607  -1.015  -3.912  1.00 19.12 ? 49   LEU A N   1 
ATOM   386 C CA  . LEU A 1 49  ? -7.004  0.378   -3.785  1.00 18.79 ? 49   LEU A CA  1 
ATOM   387 C C   . LEU A 1 49  ? -5.689  1.148   -3.847  1.00 17.91 ? 49   LEU A C   1 
ATOM   388 O O   . LEU A 1 49  ? -4.817  0.960   -2.995  1.00 16.87 ? 49   LEU A O   1 
ATOM   389 C CB  . LEU A 1 49  ? -7.699  0.662   -2.446  1.00 16.95 ? 49   LEU A CB  1 
ATOM   390 C CG  . LEU A 1 49  ? -8.024  2.149   -2.216  1.00 19.08 ? 49   LEU A CG  1 
ATOM   391 C CD1 . LEU A 1 49  ? -9.058  2.620   -3.239  1.00 20.37 ? 49   LEU A CD1 1 
ATOM   392 C CD2 . LEU A 1 49  ? -8.544  2.366   -0.806  1.00 16.58 ? 49   LEU A CD2 1 
ATOM   393 N N   . VAL A 1 50  ? -5.540  1.987   -4.868  1.00 17.03 ? 50   VAL A N   1 
ATOM   394 C CA  . VAL A 1 50  ? -4.333  2.786   -5.039  1.00 19.01 ? 50   VAL A CA  1 
ATOM   395 C C   . VAL A 1 50  ? -4.673  4.253   -4.818  1.00 21.00 ? 50   VAL A C   1 
ATOM   396 O O   . VAL A 1 50  ? -5.426  4.841   -5.592  1.00 21.41 ? 50   VAL A O   1 
ATOM   397 C CB  . VAL A 1 50  ? -3.741  2.649   -6.465  1.00 22.20 ? 50   VAL A CB  1 
ATOM   398 C CG1 . VAL A 1 50  ? -2.507  3.541   -6.598  1.00 21.58 ? 50   VAL A CG1 1 
ATOM   399 C CG2 . VAL A 1 50  ? -3.380  1.192   -6.755  1.00 19.77 ? 50   VAL A CG2 1 
ATOM   400 N N   . LEU A 1 51  ? -4.119  4.841   -3.765  1.00 18.47 ? 51   LEU A N   1 
ATOM   401 C CA  . LEU A 1 51  ? -4.369  6.241   -3.463  1.00 17.98 ? 51   LEU A CA  1 
ATOM   402 C C   . LEU A 1 51  ? -3.159  7.094   -3.845  1.00 18.29 ? 51   LEU A C   1 
ATOM   403 O O   . LEU A 1 51  ? -2.051  6.877   -3.345  1.00 17.55 ? 51   LEU A O   1 
ATOM   404 C CB  . LEU A 1 51  ? -4.667  6.417   -1.967  1.00 19.05 ? 51   LEU A CB  1 
ATOM   405 C CG  . LEU A 1 51  ? -5.794  5.586   -1.348  1.00 20.82 ? 51   LEU A CG  1 
ATOM   406 C CD1 . LEU A 1 51  ? -5.949  5.977   0.113   1.00 20.62 ? 51   LEU A CD1 1 
ATOM   407 C CD2 . LEU A 1 51  ? -7.100  5.823   -2.106  1.00 20.14 ? 51   LEU A CD2 1 
ATOM   408 N N   . GLN A 1 52  ? -3.367  8.046   -4.747  1.00 16.17 ? 52   GLN A N   1 
ATOM   409 C CA  . GLN A 1 52  ? -2.293  8.942   -5.160  1.00 17.36 ? 52   GLN A CA  1 
ATOM   410 C C   . GLN A 1 52  ? -2.441  10.125  -4.218  1.00 18.14 ? 52   GLN A C   1 
ATOM   411 O O   . GLN A 1 52  ? -3.220  11.044  -4.473  1.00 17.54 ? 52   GLN A O   1 
ATOM   412 C CB  . GLN A 1 52  ? -2.482  9.387   -6.613  1.00 18.26 ? 52   GLN A CB  1 
ATOM   413 C CG  . GLN A 1 52  ? -2.422  8.252   -7.633  1.00 20.15 ? 52   GLN A CG  1 
ATOM   414 C CD  . GLN A 1 52  ? -1.076  7.541   -7.662  1.00 19.09 ? 52   GLN A CD  1 
ATOM   415 O OE1 . GLN A 1 52  ? -0.134  7.931   -6.972  1.00 18.93 ? 52   GLN A OE1 1 
ATOM   416 N NE2 . GLN A 1 52  ? -0.981  6.491   -8.471  1.00 20.15 ? 52   GLN A NE2 1 
ATOM   417 N N   . LEU A 1 53  ? -1.697  10.086  -3.120  1.00 16.28 ? 53   LEU A N   1 
ATOM   418 C CA  . LEU A 1 53  ? -1.782  11.120  -2.095  1.00 17.82 ? 53   LEU A CA  1 
ATOM   419 C C   . LEU A 1 53  ? -1.510  12.550  -2.563  1.00 18.52 ? 53   LEU A C   1 
ATOM   420 O O   . LEU A 1 53  ? -2.118  13.494  -2.053  1.00 19.99 ? 53   LEU A O   1 
ATOM   421 C CB  . LEU A 1 53  ? -0.851  10.769  -0.930  1.00 16.92 ? 53   LEU A CB  1 
ATOM   422 C CG  . LEU A 1 53  ? -0.969  9.344   -0.362  1.00 18.63 ? 53   LEU A CG  1 
ATOM   423 C CD1 . LEU A 1 53  ? -0.045  9.205   0.845   1.00 17.89 ? 53   LEU A CD1 1 
ATOM   424 C CD2 . LEU A 1 53  ? -2.402  9.043   0.036   1.00 14.89 ? 53   LEU A CD2 1 
ATOM   425 N N   . ASN A 1 54  ? -0.610  12.717  -3.526  1.00 18.03 ? 54   ASN A N   1 
ATOM   426 C CA  . ASN A 1 54  ? -0.285  14.053  -4.012  1.00 20.33 ? 54   ASN A CA  1 
ATOM   427 C C   . ASN A 1 54  ? -1.438  14.687  -4.790  1.00 22.67 ? 54   ASN A C   1 
ATOM   428 O O   . ASN A 1 54  ? -1.401  15.880  -5.086  1.00 20.92 ? 54   ASN A O   1 
ATOM   429 C CB  . ASN A 1 54  ? 0.980   14.012  -4.885  1.00 19.93 ? 54   ASN A CB  1 
ATOM   430 C CG  . ASN A 1 54  ? 0.803   13.180  -6.132  1.00 19.42 ? 54   ASN A CG  1 
ATOM   431 O OD1 . ASN A 1 54  ? 0.397   12.022  -6.064  1.00 18.25 ? 54   ASN A OD1 1 
ATOM   432 N ND2 . ASN A 1 54  ? 1.116   13.765  -7.284  1.00 19.28 ? 54   ASN A ND2 1 
ATOM   433 N N   . ASP A 1 55  ? -2.454  13.886  -5.111  1.00 23.31 ? 55   ASP A N   1 
ATOM   434 C CA  . ASP A 1 55  ? -3.624  14.369  -5.844  1.00 26.93 ? 55   ASP A CA  1 
ATOM   435 C C   . ASP A 1 55  ? -4.871  14.407  -4.971  1.00 26.28 ? 55   ASP A C   1 
ATOM   436 O O   . ASP A 1 55  ? -5.968  14.623  -5.478  1.00 30.01 ? 55   ASP A O   1 
ATOM   437 C CB  . ASP A 1 55  ? -3.926  13.481  -7.058  1.00 28.81 ? 55   ASP A CB  1 
ATOM   438 C CG  . ASP A 1 55  ? -2.965  13.700  -8.204  1.00 31.85 ? 55   ASP A CG  1 
ATOM   439 O OD1 . ASP A 1 55  ? -2.476  14.835  -8.369  1.00 34.13 ? 55   ASP A OD1 1 
ATOM   440 O OD2 . ASP A 1 55  ? -2.715  12.739  -8.959  1.00 37.34 ? 55   ASP A OD2 1 
ATOM   441 N N   . MET A 1 56  ? -4.705  14.202  -3.669  1.00 25.63 ? 56   MET A N   1 
ATOM   442 C CA  . MET A 1 56  ? -5.831  14.186  -2.743  1.00 25.00 ? 56   MET A CA  1 
ATOM   443 C C   . MET A 1 56  ? -5.758  15.273  -1.677  1.00 25.36 ? 56   MET A C   1 
ATOM   444 O O   . MET A 1 56  ? -4.686  15.566  -1.143  1.00 24.64 ? 56   MET A O   1 
ATOM   445 C CB  . MET A 1 56  ? -5.905  12.830  -2.048  1.00 24.94 ? 56   MET A CB  1 
ATOM   446 C CG  . MET A 1 56  ? -6.100  11.663  -2.989  1.00 23.59 ? 56   MET A CG  1 
ATOM   447 S SD  . MET A 1 56  ? -5.847  10.139  -2.116  1.00 26.59 ? 56   MET A SD  1 
ATOM   448 C CE  . MET A 1 56  ? -7.372  10.041  -1.176  1.00 23.62 ? 56   MET A CE  1 
ATOM   449 N N   . LYS A 1 57  ? -6.909  15.851  -1.353  1.00 25.33 ? 57   LYS A N   1 
ATOM   450 C CA  . LYS A 1 57  ? -6.978  16.895  -0.338  1.00 26.74 ? 57   LYS A CA  1 
ATOM   451 C C   . LYS A 1 57  ? -6.394  16.415  0.986   1.00 26.53 ? 57   LYS A C   1 
ATOM   452 O O   . LYS A 1 57  ? -5.645  17.136  1.647   1.00 26.65 ? 57   LYS A O   1 
ATOM   453 C CB  . LYS A 1 57  ? -8.427  17.325  -0.115  1.00 27.66 ? 57   LYS A CB  1 
ATOM   454 C CG  . LYS A 1 57  ? -8.591  18.311  1.029   1.00 29.98 ? 57   LYS A CG  1 
ATOM   455 C CD  . LYS A 1 57  ? -10.037 18.707  1.223   1.00 32.61 ? 57   LYS A CD  1 
ATOM   456 C CE  . LYS A 1 57  ? -10.182 19.652  2.400   1.00 32.91 ? 57   LYS A CE  1 
ATOM   457 N NZ  . LYS A 1 57  ? -11.592 20.095  2.571   1.00 35.64 ? 57   LYS A NZ  1 
ATOM   458 N N   . GLU A 1 58  ? -6.737  15.189  1.359   1.00 24.74 ? 58   GLU A N   1 
ATOM   459 C CA  . GLU A 1 58  ? -6.276  14.605  2.612   1.00 27.34 ? 58   GLU A CA  1 
ATOM   460 C C   . GLU A 1 58  ? -4.986  13.804  2.460   1.00 24.77 ? 58   GLU A C   1 
ATOM   461 O O   . GLU A 1 58  ? -4.569  13.113  3.389   1.00 24.52 ? 58   GLU A O   1 
ATOM   462 C CB  . GLU A 1 58  ? -7.374  13.706  3.188   1.00 30.57 ? 58   GLU A CB  1 
ATOM   463 C CG  . GLU A 1 58  ? -7.690  13.971  4.648   1.00 41.14 ? 58   GLU A CG  1 
ATOM   464 C CD  . GLU A 1 58  ? -8.177  15.391  4.898   1.00 44.30 ? 58   GLU A CD  1 
ATOM   465 O OE1 . GLU A 1 58  ? -7.406  16.344  4.655   1.00 48.09 ? 58   GLU A OE1 1 
ATOM   466 O OE2 . GLU A 1 58  ? -9.335  15.554  5.341   1.00 47.92 ? 58   GLU A OE2 1 
ATOM   467 N N   . GLY A 1 59  ? -4.354  13.909  1.295   1.00 24.08 ? 59   GLY A N   1 
ATOM   468 C CA  . GLY A 1 59  ? -3.121  13.184  1.042   1.00 21.94 ? 59   GLY A CA  1 
ATOM   469 C C   . GLY A 1 59  ? -2.102  13.315  2.157   1.00 22.68 ? 59   GLY A C   1 
ATOM   470 O O   . GLY A 1 59  ? -1.563  12.319  2.635   1.00 20.94 ? 59   GLY A O   1 
ATOM   471 N N   . ALA A 1 60  ? -1.837  14.546  2.581   1.00 22.27 ? 60   ALA A N   1 
ATOM   472 C CA  . ALA A 1 60  ? -0.873  14.789  3.649   1.00 22.68 ? 60   ALA A CA  1 
ATOM   473 C C   . ALA A 1 60  ? -1.301  14.150  4.970   1.00 22.21 ? 60   ALA A C   1 
ATOM   474 O O   . ALA A 1 60  ? -0.486  13.538  5.659   1.00 19.89 ? 60   ALA A O   1 
ATOM   475 C CB  . ALA A 1 60  ? -0.668  16.289  3.835   1.00 23.02 ? 60   ALA A CB  1 
ATOM   476 N N   . ASP A 1 61  ? -2.575  14.294  5.328   1.00 24.06 ? 61   ASP A N   1 
ATOM   477 C CA  . ASP A 1 61  ? -3.079  13.714  6.573   1.00 24.51 ? 61   ASP A CA  1 
ATOM   478 C C   . ASP A 1 61  ? -2.992  12.195  6.541   1.00 22.36 ? 61   ASP A C   1 
ATOM   479 O O   . ASP A 1 61  ? -2.707  11.556  7.555   1.00 22.47 ? 61   ASP A O   1 
ATOM   480 C CB  . ASP A 1 61  ? -4.534  14.116  6.818   1.00 28.52 ? 61   ASP A CB  1 
ATOM   481 C CG  . ASP A 1 61  ? -4.681  15.577  7.182   1.00 34.26 ? 61   ASP A CG  1 
ATOM   482 O OD1 . ASP A 1 61  ? -3.832  16.089  7.944   1.00 35.88 ? 61   ASP A OD1 1 
ATOM   483 O OD2 . ASP A 1 61  ? -5.654  16.207  6.720   1.00 36.89 ? 61   ASP A OD2 1 
ATOM   484 N N   . ILE A 1 62  ? -3.251  11.619  5.373   1.00 20.22 ? 62   ILE A N   1 
ATOM   485 C CA  . ILE A 1 62  ? -3.193  10.174  5.228   1.00 18.81 ? 62   ILE A CA  1 
ATOM   486 C C   . ILE A 1 62  ? -1.761  9.671   5.393   1.00 17.74 ? 62   ILE A C   1 
ATOM   487 O O   . ILE A 1 62  ? -1.530  8.664   6.062   1.00 16.63 ? 62   ILE A O   1 
ATOM   488 C CB  . ILE A 1 62  ? -3.757  9.728   3.861   1.00 19.55 ? 62   ILE A CB  1 
ATOM   489 C CG1 . ILE A 1 62  ? -5.260  10.026  3.806   1.00 19.90 ? 62   ILE A CG1 1 
ATOM   490 C CG2 . ILE A 1 62  ? -3.503  8.234   3.655   1.00 19.99 ? 62   ILE A CG2 1 
ATOM   491 C CD1 . ILE A 1 62  ? -5.899  9.773   2.452   1.00 21.94 ? 62   ILE A CD1 1 
ATOM   492 N N   . GLN A 1 63  ? -0.796  10.368  4.800   1.00 15.44 ? 63   GLN A N   1 
ATOM   493 C CA  . GLN A 1 63  ? 0.591   9.937   4.932   1.00 16.93 ? 63   GLN A CA  1 
ATOM   494 C C   . GLN A 1 63  ? 1.046   10.035  6.394   1.00 18.36 ? 63   GLN A C   1 
ATOM   495 O O   . GLN A 1 63  ? 1.817   9.200   6.865   1.00 18.73 ? 63   GLN A O   1 
ATOM   496 C CB  . GLN A 1 63  ? 1.512   10.760  4.022   1.00 17.53 ? 63   GLN A CB  1 
ATOM   497 C CG  . GLN A 1 63  ? 2.958   10.256  3.999   1.00 17.97 ? 63   GLN A CG  1 
ATOM   498 C CD  . GLN A 1 63  ? 3.783   10.821  2.846   1.00 20.94 ? 63   GLN A CD  1 
ATOM   499 O OE1 . GLN A 1 63  ? 3.372   11.766  2.172   1.00 20.77 ? 63   GLN A OE1 1 
ATOM   500 N NE2 . GLN A 1 63  ? 4.960   10.243  2.625   1.00 20.19 ? 63   GLN A NE2 1 
ATOM   501 N N   . ALA A 1 64  ? 0.561   11.043  7.115   1.00 19.98 ? 64   ALA A N   1 
ATOM   502 C CA  . ALA A 1 64  ? 0.922   11.200  8.525   1.00 20.16 ? 64   ALA A CA  1 
ATOM   503 C C   . ALA A 1 64  ? 0.244   10.109  9.359   1.00 20.10 ? 64   ALA A C   1 
ATOM   504 O O   . ALA A 1 64  ? 0.830   9.581   10.305  1.00 20.34 ? 64   ALA A O   1 
ATOM   505 C CB  . ALA A 1 64  ? 0.510   12.581  9.027   1.00 22.21 ? 64   ALA A CB  1 
ATOM   506 N N   . ALA A 1 65  ? -0.991  9.771   9.004   1.00 18.99 ? 65   ALA A N   1 
ATOM   507 C CA  . ALA A 1 65  ? -1.725  8.729   9.712   1.00 17.39 ? 65   ALA A CA  1 
ATOM   508 C C   . ALA A 1 65  ? -0.964  7.418   9.580   1.00 18.33 ? 65   ALA A C   1 
ATOM   509 O O   . ALA A 1 65  ? -0.799  6.679   10.553  1.00 19.89 ? 65   ALA A O   1 
ATOM   510 C CB  . ALA A 1 65  ? -3.122  8.583   9.130   1.00 18.01 ? 65   ALA A CB  1 
ATOM   511 N N   . LEU A 1 66  ? -0.495  7.138   8.365   1.00 17.45 ? 66   LEU A N   1 
ATOM   512 C CA  . LEU A 1 66  ? 0.255   5.920   8.086   1.00 15.70 ? 66   LEU A CA  1 
ATOM   513 C C   . LEU A 1 66  ? 1.533   5.859   8.913   1.00 16.97 ? 66   LEU A C   1 
ATOM   514 O O   . LEU A 1 66  ? 1.923   4.792   9.392   1.00 15.71 ? 66   LEU A O   1 
ATOM   515 C CB  . LEU A 1 66  ? 0.575   5.834   6.587   1.00 16.50 ? 66   LEU A CB  1 
ATOM   516 C CG  . LEU A 1 66  ? -0.623  5.518   5.681   1.00 16.32 ? 66   LEU A CG  1 
ATOM   517 C CD1 . LEU A 1 66  ? -0.279  5.798   4.229   1.00 15.59 ? 66   LEU A CD1 1 
ATOM   518 C CD2 . LEU A 1 66  ? -1.015  4.057   5.866   1.00 17.66 ? 66   LEU A CD2 1 
ATOM   519 N N   . TYR A 1 67  ? 2.199   6.996   9.084   1.00 17.84 ? 67   TYR A N   1 
ATOM   520 C CA  . TYR A 1 67  ? 3.409   6.997   9.893   1.00 20.37 ? 67   TYR A CA  1 
ATOM   521 C C   . TYR A 1 67  ? 3.023   6.644   11.329  1.00 22.30 ? 67   TYR A C   1 
ATOM   522 O O   . TYR A 1 67  ? 3.725   5.895   12.012  1.00 23.76 ? 67   TYR A O   1 
ATOM   523 C CB  . TYR A 1 67  ? 4.093   8.366   9.864   1.00 22.23 ? 67   TYR A CB  1 
ATOM   524 C CG  . TYR A 1 67  ? 5.196   8.468   10.892  1.00 25.73 ? 67   TYR A CG  1 
ATOM   525 C CD1 . TYR A 1 67  ? 4.981   9.109   12.111  1.00 28.09 ? 67   TYR A CD1 1 
ATOM   526 C CD2 . TYR A 1 67  ? 6.427   7.855   10.677  1.00 27.50 ? 67   TYR A CD2 1 
ATOM   527 C CE1 . TYR A 1 67  ? 5.967   9.134   13.096  1.00 31.19 ? 67   TYR A CE1 1 
ATOM   528 C CE2 . TYR A 1 67  ? 7.420   7.871   11.656  1.00 30.58 ? 67   TYR A CE2 1 
ATOM   529 C CZ  . TYR A 1 67  ? 7.180   8.510   12.861  1.00 31.18 ? 67   TYR A CZ  1 
ATOM   530 O OH  . TYR A 1 67  ? 8.148   8.509   13.836  1.00 36.19 ? 67   TYR A OH  1 
ATOM   531 N N   . GLU A 1 68  ? 1.899   7.190   11.775  1.00 24.42 ? 68   GLU A N   1 
ATOM   532 C CA  . GLU A 1 68  ? 1.391   6.942   13.119  1.00 29.66 ? 68   GLU A CA  1 
ATOM   533 C C   . GLU A 1 68  ? 1.110   5.453   13.320  1.00 29.44 ? 68   GLU A C   1 
ATOM   534 O O   . GLU A 1 68  ? 1.422   4.880   14.362  1.00 29.64 ? 68   GLU A O   1 
ATOM   535 C CB  . GLU A 1 68  ? 0.090   7.720   13.327  1.00 33.84 ? 68   GLU A CB  1 
ATOM   536 C CG  . GLU A 1 68  ? -0.083  8.311   14.706  1.00 41.83 ? 68   GLU A CG  1 
ATOM   537 C CD  . GLU A 1 68  ? 0.728   9.578   14.890  1.00 47.17 ? 68   GLU A CD  1 
ATOM   538 O OE1 . GLU A 1 68  ? 0.733   10.124  16.016  1.00 50.46 ? 68   GLU A OE1 1 
ATOM   539 O OE2 . GLU A 1 68  ? 1.354   10.030  13.906  1.00 49.08 ? 68   GLU A OE2 1 
ATOM   540 N N   . ILE A 1 69  ? 0.527   4.837   12.299  1.00 28.34 ? 69   ILE A N   1 
ATOM   541 C CA  . ILE A 1 69  ? 0.152   3.430   12.330  1.00 26.79 ? 69   ILE A CA  1 
ATOM   542 C C   . ILE A 1 69  ? 1.286   2.411   12.220  1.00 26.94 ? 69   ILE A C   1 
ATOM   543 O O   . ILE A 1 69  ? 1.377   1.495   13.040  1.00 24.87 ? 69   ILE A O   1 
ATOM   544 C CB  . ILE A 1 69  ? -0.875  3.142   11.208  1.00 26.85 ? 69   ILE A CB  1 
ATOM   545 C CG1 . ILE A 1 69  ? -2.176  3.889   11.502  1.00 25.20 ? 69   ILE A CG1 1 
ATOM   546 C CG2 . ILE A 1 69  ? -1.121  1.645   11.078  1.00 28.98 ? 69   ILE A CG2 1 
ATOM   547 C CD1 . ILE A 1 69  ? -3.170  3.847   10.362  1.00 25.66 ? 69   ILE A CD1 1 
ATOM   548 N N   . ASN A 1 70  ? 2.144   2.569   11.215  1.00 26.22 ? 70   ASN A N   1 
ATOM   549 C CA  . ASN A 1 70  ? 3.230   1.624   10.988  1.00 26.17 ? 70   ASN A CA  1 
ATOM   550 C C   . ASN A 1 70  ? 4.655   2.184   11.064  1.00 25.67 ? 70   ASN A C   1 
ATOM   551 O O   . ASN A 1 70  ? 5.622   1.440   10.891  1.00 25.54 ? 70   ASN A O   1 
ATOM   552 C CB  . ASN A 1 70  ? 3.015   0.925   9.638   1.00 26.91 ? 70   ASN A CB  1 
ATOM   553 C CG  . ASN A 1 70  ? 2.844   1.907   8.478   1.00 29.60 ? 70   ASN A CG  1 
ATOM   554 O OD1 . ASN A 1 70  ? 1.978   1.728   7.617   1.00 32.44 ? 70   ASN A OD1 1 
ATOM   555 N ND2 . ASN A 1 70  ? 3.675   2.937   8.446   1.00 27.42 ? 70   ASN A ND2 1 
ATOM   556 N N   . GLY A 1 71  ? 4.786   3.483   11.315  1.00 23.04 ? 71   GLY A N   1 
ATOM   557 C CA  . GLY A 1 71  ? 6.107   4.082   11.419  1.00 23.01 ? 71   GLY A CA  1 
ATOM   558 C C   . GLY A 1 71  ? 6.835   4.350   10.109  1.00 22.79 ? 71   GLY A C   1 
ATOM   559 O O   . GLY A 1 71  ? 7.974   4.827   10.113  1.00 21.30 ? 71   GLY A O   1 
ATOM   560 N N   . GLN A 1 72  ? 6.199   4.050   8.981   1.00 20.80 ? 72   GLN A N   1 
ATOM   561 C CA  . GLN A 1 72  ? 6.844   4.288   7.692   1.00 21.53 ? 72   GLN A CA  1 
ATOM   562 C C   . GLN A 1 72  ? 6.538   5.703   7.227   1.00 21.19 ? 72   GLN A C   1 
ATOM   563 O O   . GLN A 1 72  ? 5.428   6.190   7.409   1.00 20.44 ? 72   GLN A O   1 
ATOM   564 C CB  . GLN A 1 72  ? 6.356   3.284   6.652   1.00 20.95 ? 72   GLN A CB  1 
ATOM   565 C CG  . GLN A 1 72  ? 7.086   3.383   5.322   1.00 20.05 ? 72   GLN A CG  1 
ATOM   566 C CD  . GLN A 1 72  ? 6.647   2.318   4.344   1.00 21.23 ? 72   GLN A CD  1 
ATOM   567 O OE1 . GLN A 1 72  ? 6.634   1.130   4.672   1.00 23.01 ? 72   GLN A OE1 1 
ATOM   568 N NE2 . GLN A 1 72  ? 6.290   2.733   3.133   1.00 17.38 ? 72   GLN A NE2 1 
ATOM   569 N N   . ARG A 1 73  ? 7.529   6.359   6.633   1.00 22.45 ? 73   ARG A N   1 
ATOM   570 C CA  . ARG A 1 73  ? 7.363   7.729   6.157   1.00 23.78 ? 73   ARG A CA  1 
ATOM   571 C C   . ARG A 1 73  ? 7.287   7.874   4.638   1.00 21.97 ? 73   ARG A C   1 
ATOM   572 O O   . ARG A 1 73  ? 6.851   8.905   4.137   1.00 22.67 ? 73   ARG A O   1 
ATOM   573 C CB  . ARG A 1 73  ? 8.517   8.609   6.658   1.00 27.67 ? 73   ARG A CB  1 
ATOM   574 C CG  . ARG A 1 73  ? 8.501   8.946   8.140   1.00 32.08 ? 73   ARG A CG  1 
ATOM   575 C CD  . ARG A 1 73  ? 9.131   10.322  8.365   1.00 37.35 ? 73   ARG A CD  1 
ATOM   576 N NE  . ARG A 1 73  ? 9.094   10.749  9.762   1.00 40.38 ? 73   ARG A NE  1 
ATOM   577 C CZ  . ARG A 1 73  ? 9.858   10.237  10.721  1.00 42.45 ? 73   ARG A CZ  1 
ATOM   578 N NH1 . ARG A 1 73  ? 10.727  9.276   10.436  1.00 43.97 ? 73   ARG A NH1 1 
ATOM   579 N NH2 . ARG A 1 73  ? 9.757   10.687  11.965  1.00 44.59 ? 73   ARG A NH2 1 
ATOM   580 N N   . THR A 1 74  ? 7.704   6.852   3.905   1.00 21.13 ? 74   THR A N   1 
ATOM   581 C CA  . THR A 1 74  ? 7.724   6.938   2.447   1.00 19.45 ? 74   THR A CA  1 
ATOM   582 C C   . THR A 1 74  ? 6.587   6.230   1.710   1.00 17.85 ? 74   THR A C   1 
ATOM   583 O O   . THR A 1 74  ? 5.847   5.442   2.297   1.00 16.66 ? 74   THR A O   1 
ATOM   584 C CB  . THR A 1 74  ? 9.060   6.375   1.907   1.00 20.16 ? 74   THR A CB  1 
ATOM   585 O OG1 . THR A 1 74  ? 9.168   4.985   2.252   1.00 19.33 ? 74   THR A OG1 1 
ATOM   586 C CG2 . THR A 1 74  ? 10.248  7.128   2.511   1.00 21.17 ? 74   THR A CG2 1 
ATOM   587 N N   . VAL A 1 75  ? 6.443   6.547   0.422   1.00 16.90 ? 75   VAL A N   1 
ATOM   588 C CA  . VAL A 1 75  ? 5.461   5.886   -0.439  1.00 16.44 ? 75   VAL A CA  1 
ATOM   589 C C   . VAL A 1 75  ? 6.309   5.164   -1.483  1.00 16.02 ? 75   VAL A C   1 
ATOM   590 O O   . VAL A 1 75  ? 7.411   5.610   -1.799  1.00 17.31 ? 75   VAL A O   1 
ATOM   591 C CB  . VAL A 1 75  ? 4.511   6.887   -1.161  1.00 17.50 ? 75   VAL A CB  1 
ATOM   592 C CG1 . VAL A 1 75  ? 3.674   7.634   -0.140  1.00 17.14 ? 75   VAL A CG1 1 
ATOM   593 C CG2 . VAL A 1 75  ? 5.313   7.858   -2.030  1.00 18.97 ? 75   VAL A CG2 1 
ATOM   594 N N   . PRO A 1 76  ? 5.824   4.033   -2.023  1.00 16.90 ? 76   PRO A N   1 
ATOM   595 C CA  . PRO A 1 76  ? 4.545   3.382   -1.735  1.00 15.19 ? 76   PRO A CA  1 
ATOM   596 C C   . PRO A 1 76  ? 4.513   2.758   -0.348  1.00 17.28 ? 76   PRO A C   1 
ATOM   597 O O   . PRO A 1 76  ? 5.546   2.357   0.186   1.00 13.65 ? 76   PRO A O   1 
ATOM   598 C CB  . PRO A 1 76  ? 4.440   2.331   -2.835  1.00 16.46 ? 76   PRO A CB  1 
ATOM   599 C CG  . PRO A 1 76  ? 5.887   1.929   -3.039  1.00 16.60 ? 76   PRO A CG  1 
ATOM   600 C CD  . PRO A 1 76  ? 6.588   3.268   -3.030  1.00 16.24 ? 76   PRO A CD  1 
ATOM   601 N N   . ASN A 1 77  ? 3.322   2.704   0.236   1.00 16.63 ? 77   ASN A N   1 
ATOM   602 C CA  . ASN A 1 77  ? 3.130   2.098   1.547   1.00 17.85 ? 77   ASN A CA  1 
ATOM   603 C C   . ASN A 1 77  ? 2.062   1.049   1.269   1.00 18.61 ? 77   ASN A C   1 
ATOM   604 O O   . ASN A 1 77  ? 0.878   1.358   1.125   1.00 18.08 ? 77   ASN A O   1 
ATOM   605 C CB  . ASN A 1 77  ? 2.654   3.143   2.558   1.00 18.36 ? 77   ASN A CB  1 
ATOM   606 C CG  . ASN A 1 77  ? 2.950   2.741   3.994   1.00 20.04 ? 77   ASN A CG  1 
ATOM   607 O OD1 . ASN A 1 77  ? 3.117   3.596   4.868   1.00 22.45 ? 77   ASN A OD1 1 
ATOM   608 N ND2 . ASN A 1 77  ? 3.011   1.442   4.244   1.00 15.34 ? 77   ASN A ND2 1 
ATOM   609 N N   . ILE A 1 78  ? 2.517   -0.195  1.176   1.00 18.60 ? 78   ILE A N   1 
ATOM   610 C CA  . ILE A 1 78  ? 1.686   -1.343  0.836   1.00 16.43 ? 78   ILE A CA  1 
ATOM   611 C C   . ILE A 1 78  ? 1.207   -2.240  1.977   1.00 16.91 ? 78   ILE A C   1 
ATOM   612 O O   . ILE A 1 78  ? 1.959   -2.556  2.900   1.00 14.29 ? 78   ILE A O   1 
ATOM   613 C CB  . ILE A 1 78  ? 2.456   -2.247  -0.155  1.00 17.31 ? 78   ILE A CB  1 
ATOM   614 C CG1 . ILE A 1 78  ? 3.027   -1.394  -1.293  1.00 17.08 ? 78   ILE A CG1 1 
ATOM   615 C CG2 . ILE A 1 78  ? 1.544   -3.350  -0.679  1.00 18.22 ? 78   ILE A CG2 1 
ATOM   616 C CD1 . ILE A 1 78  ? 4.197   -2.046  -2.031  1.00 18.03 ? 78   ILE A CD1 1 
ATOM   617 N N   . TYR A 1 79  ? -0.054  -2.653  1.879   1.00 17.26 ? 79   TYR A N   1 
ATOM   618 C CA  . TYR A 1 79  ? -0.671  -3.574  2.831   1.00 17.49 ? 79   TYR A CA  1 
ATOM   619 C C   . TYR A 1 79  ? -1.332  -4.669  2.000   1.00 17.39 ? 79   TYR A C   1 
ATOM   620 O O   . TYR A 1 79  ? -1.926  -4.382  0.962   1.00 16.88 ? 79   TYR A O   1 
ATOM   621 C CB  . TYR A 1 79  ? -1.769  -2.898  3.656   1.00 19.36 ? 79   TYR A CB  1 
ATOM   622 C CG  . TYR A 1 79  ? -1.300  -2.129  4.866   1.00 20.73 ? 79   TYR A CG  1 
ATOM   623 C CD1 . TYR A 1 79  ? -0.803  -0.833  4.747   1.00 21.97 ? 79   TYR A CD1 1 
ATOM   624 C CD2 . TYR A 1 79  ? -1.373  -2.694  6.138   1.00 21.83 ? 79   TYR A CD2 1 
ATOM   625 C CE1 . TYR A 1 79  ? -0.393  -0.117  5.871   1.00 22.65 ? 79   TYR A CE1 1 
ATOM   626 C CE2 . TYR A 1 79  ? -0.966  -1.992  7.263   1.00 23.81 ? 79   TYR A CE2 1 
ATOM   627 C CZ  . TYR A 1 79  ? -0.478  -0.706  7.124   1.00 23.19 ? 79   TYR A CZ  1 
ATOM   628 O OH  . TYR A 1 79  ? -0.072  -0.012  8.240   1.00 26.79 ? 79   TYR A OH  1 
ATOM   629 N N   . ILE A 1 80  ? -1.217  -5.916  2.441   1.00 18.65 ? 80   ILE A N   1 
ATOM   630 C CA  . ILE A 1 80  ? -1.856  -7.024  1.742   1.00 20.18 ? 80   ILE A CA  1 
ATOM   631 C C   . ILE A 1 80  ? -2.656  -7.773  2.793   1.00 21.44 ? 80   ILE A C   1 
ATOM   632 O O   . ILE A 1 80  ? -2.097  -8.320  3.739   1.00 21.15 ? 80   ILE A O   1 
ATOM   633 C CB  . ILE A 1 80  ? -0.828  -7.965  1.072   1.00 19.66 ? 80   ILE A CB  1 
ATOM   634 C CG1 . ILE A 1 80  ? -0.082  -7.209  -0.037  1.00 19.89 ? 80   ILE A CG1 1 
ATOM   635 C CG2 . ILE A 1 80  ? -1.550  -9.180  0.466   1.00 21.02 ? 80   ILE A CG2 1 
ATOM   636 C CD1 . ILE A 1 80  ? 0.950   -8.043  -0.791  1.00 17.89 ? 80   ILE A CD1 1 
ATOM   637 N N   . ASN A 1 81  ? -3.973  -7.769  2.630   1.00 24.22 ? 81   ASN A N   1 
ATOM   638 C CA  . ASN A 1 81  ? -4.864  -8.418  3.580   1.00 26.77 ? 81   ASN A CA  1 
ATOM   639 C C   . ASN A 1 81  ? -4.659  -7.884  4.993   1.00 27.44 ? 81   ASN A C   1 
ATOM   640 O O   . ASN A 1 81  ? -4.572  -8.650  5.956   1.00 25.89 ? 81   ASN A O   1 
ATOM   641 C CB  . ASN A 1 81  ? -4.673  -9.935  3.541   1.00 30.26 ? 81   ASN A CB  1 
ATOM   642 C CG  . ASN A 1 81  ? -5.545  -10.597 2.493   1.00 32.77 ? 81   ASN A CG  1 
ATOM   643 O OD1 . ASN A 1 81  ? -5.204  -11.648 1.953   1.00 37.65 ? 81   ASN A OD1 1 
ATOM   644 N ND2 . ASN A 1 81  ? -6.691  -9.987  2.210   1.00 33.00 ? 81   ASN A ND2 1 
ATOM   645 N N   . GLY A 1 82  ? -4.579  -6.558  5.104   1.00 26.25 ? 82   GLY A N   1 
ATOM   646 C CA  . GLY A 1 82  ? -4.411  -5.926  6.398   1.00 25.46 ? 82   GLY A CA  1 
ATOM   647 C C   . GLY A 1 82  ? -3.030  -6.036  7.008   1.00 27.34 ? 82   GLY A C   1 
ATOM   648 O O   . GLY A 1 82  ? -2.774  -5.434  8.052   1.00 27.52 ? 82   GLY A O   1 
ATOM   649 N N   . LYS A 1 83  ? -2.143  -6.804  6.375   1.00 25.25 ? 83   LYS A N   1 
ATOM   650 C CA  . LYS A 1 83  ? -0.781  -6.964  6.874   1.00 25.36 ? 83   LYS A CA  1 
ATOM   651 C C   . LYS A 1 83  ? 0.137   -5.955  6.187   1.00 22.54 ? 83   LYS A C   1 
ATOM   652 O O   . LYS A 1 83  ? 0.149   -5.857  4.963   1.00 19.64 ? 83   LYS A O   1 
ATOM   653 C CB  . LYS A 1 83  ? -0.259  -8.376  6.601   1.00 27.84 ? 83   LYS A CB  1 
ATOM   654 C CG  . LYS A 1 83  ? 1.156   -8.578  7.115   1.00 32.82 ? 83   LYS A CG  1 
ATOM   655 C CD  . LYS A 1 83  ? 1.771   -9.885  6.664   1.00 35.58 ? 83   LYS A CD  1 
ATOM   656 C CE  . LYS A 1 83  ? 3.199   -9.989  7.186   1.00 38.16 ? 83   LYS A CE  1 
ATOM   657 N NZ  . LYS A 1 83  ? 3.906   -11.190 6.671   1.00 40.30 ? 83   LYS A NZ  1 
ATOM   658 N N   . HIS A 1 84  ? 0.908   -5.217  6.977   1.00 22.03 ? 84   HIS A N   1 
ATOM   659 C CA  . HIS A 1 84  ? 1.813   -4.210  6.434   1.00 21.35 ? 84   HIS A CA  1 
ATOM   660 C C   . HIS A 1 84  ? 3.007   -4.838  5.730   1.00 21.49 ? 84   HIS A C   1 
ATOM   661 O O   . HIS A 1 84  ? 3.773   -5.584  6.343   1.00 22.61 ? 84   HIS A O   1 
ATOM   662 C CB  . HIS A 1 84  ? 2.326   -3.291  7.546   1.00 19.38 ? 84   HIS A CB  1 
ATOM   663 C CG  . HIS A 1 84  ? 3.135   -2.135  7.041   1.00 19.46 ? 84   HIS A CG  1 
ATOM   664 N ND1 . HIS A 1 84  ? 4.352   -1.781  7.581   1.00 18.70 ? 84   HIS A ND1 1 
ATOM   665 C CD2 . HIS A 1 84  ? 2.900   -1.256  6.037   1.00 19.04 ? 84   HIS A CD2 1 
ATOM   666 C CE1 . HIS A 1 84  ? 4.833   -0.735  6.932   1.00 21.78 ? 84   HIS A CE1 1 
ATOM   667 N NE2 . HIS A 1 84  ? 3.970   -0.397  5.989   1.00 19.36 ? 84   HIS A NE2 1 
ATOM   668 N N   . ILE A 1 85  ? 3.169   -4.541  4.443   1.00 20.50 ? 85   ILE A N   1 
ATOM   669 C CA  . ILE A 1 85  ? 4.303   -5.077  3.690   1.00 20.15 ? 85   ILE A CA  1 
ATOM   670 C C   . ILE A 1 85  ? 5.456   -4.066  3.715   1.00 19.48 ? 85   ILE A C   1 
ATOM   671 O O   . ILE A 1 85  ? 6.591   -4.412  4.027   1.00 18.62 ? 85   ILE A O   1 
ATOM   672 C CB  . ILE A 1 85  ? 3.918   -5.402  2.212   1.00 20.43 ? 85   ILE A CB  1 
ATOM   673 C CG1 . ILE A 1 85  ? 3.178   -6.742  2.132   1.00 24.58 ? 85   ILE A CG1 1 
ATOM   674 C CG2 . ILE A 1 85  ? 5.177   -5.535  1.357   1.00 22.58 ? 85   ILE A CG2 1 
ATOM   675 C CD1 . ILE A 1 85  ? 1.960   -6.841  2.977   1.00 25.52 ? 85   ILE A CD1 1 
ATOM   676 N N   . GLY A 1 86  ? 5.151   -2.813  3.405   1.00 18.94 ? 86   GLY A N   1 
ATOM   677 C CA  . GLY A 1 86  ? 6.176   -1.786  3.405   1.00 19.38 ? 86   GLY A CA  1 
ATOM   678 C C   . GLY A 1 86  ? 6.245   -1.073  2.071   1.00 19.70 ? 86   GLY A C   1 
ATOM   679 O O   . GLY A 1 86  ? 5.211   -0.785  1.470   1.00 18.51 ? 86   GLY A O   1 
ATOM   680 N N   . GLY A 1 87  ? 7.459   -0.793  1.606   1.00 18.53 ? 87   GLY A N   1 
ATOM   681 C CA  . GLY A 1 87  ? 7.623   -0.103  0.337   1.00 17.32 ? 87   GLY A CA  1 
ATOM   682 C C   . GLY A 1 87  ? 7.954   -1.049  -0.798  1.00 17.99 ? 87   GLY A C   1 
ATOM   683 O O   . GLY A 1 87  ? 7.778   -2.264  -0.670  1.00 17.23 ? 87   GLY A O   1 
ATOM   684 N N   . ASN A 1 88  ? 8.431   -0.505  -1.914  1.00 16.45 ? 88   ASN A N   1 
ATOM   685 C CA  . ASN A 1 88  ? 8.770   -1.345  -3.052  1.00 17.61 ? 88   ASN A CA  1 
ATOM   686 C C   . ASN A 1 88  ? 9.888   -2.324  -2.700  1.00 18.01 ? 88   ASN A C   1 
ATOM   687 O O   . ASN A 1 88  ? 9.808   -3.504  -3.034  1.00 17.88 ? 88   ASN A O   1 
ATOM   688 C CB  . ASN A 1 88  ? 9.196   -0.502  -4.251  1.00 18.25 ? 88   ASN A CB  1 
ATOM   689 C CG  . ASN A 1 88  ? 9.469   -1.346  -5.477  1.00 21.23 ? 88   ASN A CG  1 
ATOM   690 O OD1 . ASN A 1 88  ? 8.578   -2.029  -5.982  1.00 19.47 ? 88   ASN A OD1 1 
ATOM   691 N ND2 . ASN A 1 88  ? 10.705  -1.313  -5.957  1.00 21.65 ? 88   ASN A ND2 1 
ATOM   692 N N   . ASP A 1 89  ? 10.932  -1.843  -2.036  1.00 19.77 ? 89   ASP A N   1 
ATOM   693 C CA  . ASP A 1 89  ? 12.033  -2.728  -1.660  1.00 21.42 ? 89   ASP A CA  1 
ATOM   694 C C   . ASP A 1 89  ? 11.526  -3.898  -0.810  1.00 21.03 ? 89   ASP A C   1 
ATOM   695 O O   . ASP A 1 89  ? 11.979  -5.031  -0.967  1.00 20.47 ? 89   ASP A O   1 
ATOM   696 C CB  . ASP A 1 89  ? 13.133  -1.960  -0.910  1.00 21.53 ? 89   ASP A CB  1 
ATOM   697 C CG  . ASP A 1 89  ? 12.589  -1.006  0.142   1.00 26.21 ? 89   ASP A CG  1 
ATOM   698 O OD1 . ASP A 1 89  ? 11.448  -1.184  0.617   1.00 28.16 ? 89   ASP A OD1 1 
ATOM   699 O OD2 . ASP A 1 89  ? 13.329  -0.070  0.511   1.00 27.64 ? 89   ASP A OD2 1 
ATOM   700 N N   . ASP A 1 90  ? 10.576  -3.622  0.079   1.00 22.24 ? 90   ASP A N   1 
ATOM   701 C CA  . ASP A 1 90  ? 10.004  -4.664  0.931   1.00 23.29 ? 90   ASP A CA  1 
ATOM   702 C C   . ASP A 1 90  ? 9.250   -5.671  0.070   1.00 22.68 ? 90   ASP A C   1 
ATOM   703 O O   . ASP A 1 90  ? 9.354   -6.882  0.270   1.00 20.44 ? 90   ASP A O   1 
ATOM   704 C CB  . ASP A 1 90  ? 9.053   -4.047  1.959   1.00 24.98 ? 90   ASP A CB  1 
ATOM   705 C CG  . ASP A 1 90  ? 9.766   -3.152  2.951   1.00 28.03 ? 90   ASP A CG  1 
ATOM   706 O OD1 . ASP A 1 90  ? 9.491   -1.933  2.972   1.00 29.57 ? 90   ASP A OD1 1 
ATOM   707 O OD2 . ASP A 1 90  ? 10.609  -3.668  3.716   1.00 32.31 ? 90   ASP A OD2 1 
ATOM   708 N N   . LEU A 1 91  ? 8.495   -5.166  -0.899  1.00 21.10 ? 91   LEU A N   1 
ATOM   709 C CA  . LEU A 1 91  ? 7.729   -6.028  -1.786  1.00 19.78 ? 91   LEU A CA  1 
ATOM   710 C C   . LEU A 1 91  ? 8.655   -6.938  -2.593  1.00 19.54 ? 91   LEU A C   1 
ATOM   711 O O   . LEU A 1 91  ? 8.402   -8.135  -2.728  1.00 18.74 ? 91   LEU A O   1 
ATOM   712 C CB  . LEU A 1 91  ? 6.882   -5.182  -2.741  1.00 19.25 ? 91   LEU A CB  1 
ATOM   713 C CG  . LEU A 1 91  ? 5.934   -5.955  -3.668  1.00 20.38 ? 91   LEU A CG  1 
ATOM   714 C CD1 . LEU A 1 91  ? 4.887   -6.695  -2.842  1.00 19.33 ? 91   LEU A CD1 1 
ATOM   715 C CD2 . LEU A 1 91  ? 5.266   -4.988  -4.637  1.00 20.05 ? 91   LEU A CD2 1 
ATOM   716 N N   . GLN A 1 92  ? 9.729   -6.367  -3.127  1.00 20.53 ? 92   GLN A N   1 
ATOM   717 C CA  . GLN A 1 92  ? 10.677  -7.137  -3.932  1.00 21.73 ? 92   GLN A CA  1 
ATOM   718 C C   . GLN A 1 92  ? 11.404  -8.169  -3.075  1.00 20.59 ? 92   GLN A C   1 
ATOM   719 O O   . GLN A 1 92  ? 11.711  -9.264  -3.539  1.00 22.89 ? 92   GLN A O   1 
ATOM   720 C CB  . GLN A 1 92  ? 11.703  -6.204  -4.582  1.00 22.35 ? 92   GLN A CB  1 
ATOM   721 C CG  . GLN A 1 92  ? 11.118  -5.076  -5.429  1.00 23.89 ? 92   GLN A CG  1 
ATOM   722 C CD  . GLN A 1 92  ? 10.171  -5.566  -6.513  1.00 27.44 ? 92   GLN A CD  1 
ATOM   723 O OE1 . GLN A 1 92  ? 10.362  -6.643  -7.083  1.00 26.61 ? 92   GLN A OE1 1 
ATOM   724 N NE2 . GLN A 1 92  ? 9.148   -4.762  -6.815  1.00 24.72 ? 92   GLN A NE2 1 
ATOM   725 N N   . GLU A 1 93  ? 11.687  -7.796  -1.831  1.00 21.37 ? 93   GLU A N   1 
ATOM   726 C CA  . GLU A 1 93  ? 12.370  -8.662  -0.867  1.00 23.87 ? 93   GLU A CA  1 
ATOM   727 C C   . GLU A 1 93  ? 11.565  -9.948  -0.637  1.00 22.59 ? 93   GLU A C   1 
ATOM   728 O O   . GLU A 1 93  ? 12.111  -11.052 -0.687  1.00 20.38 ? 93   GLU A O   1 
ATOM   729 C CB  . GLU A 1 93  ? 12.555  -7.886  0.447   1.00 26.24 ? 93   GLU A CB  1 
ATOM   730 C CG  . GLU A 1 93  ? 12.701  -8.706  1.727   1.00 33.55 ? 93   GLU A CG  1 
ATOM   731 C CD  . GLU A 1 93  ? 14.143  -8.902  2.175   1.00 36.40 ? 93   GLU A CD  1 
ATOM   732 O OE1 . GLU A 1 93  ? 14.964  -7.966  2.012   1.00 37.44 ? 93   GLU A OE1 1 
ATOM   733 O OE2 . GLU A 1 93  ? 14.451  -9.989  2.711   1.00 37.69 ? 93   GLU A OE2 1 
ATOM   734 N N   . LEU A 1 94  ? 10.265  -9.799  -0.398  1.00 21.61 ? 94   LEU A N   1 
ATOM   735 C CA  . LEU A 1 94  ? 9.395   -10.949 -0.161  1.00 22.89 ? 94   LEU A CA  1 
ATOM   736 C C   . LEU A 1 94  ? 9.340   -11.882 -1.363  1.00 24.34 ? 94   LEU A C   1 
ATOM   737 O O   . LEU A 1 94  ? 9.169   -13.093 -1.213  1.00 25.50 ? 94   LEU A O   1 
ATOM   738 C CB  . LEU A 1 94  ? 7.980   -10.480 0.199   1.00 21.74 ? 94   LEU A CB  1 
ATOM   739 C CG  . LEU A 1 94  ? 7.819   -9.872  1.596   1.00 24.39 ? 94   LEU A CG  1 
ATOM   740 C CD1 . LEU A 1 94  ? 6.452   -9.210  1.724   1.00 24.95 ? 94   LEU A CD1 1 
ATOM   741 C CD2 . LEU A 1 94  ? 7.981   -10.968 2.645   1.00 24.54 ? 94   LEU A CD2 1 
ATOM   742 N N   . ARG A 1 95  ? 9.477   -11.323 -2.560  1.00 25.12 ? 95   ARG A N   1 
ATOM   743 C CA  . ARG A 1 95  ? 9.450   -12.143 -3.765  1.00 28.67 ? 95   ARG A CA  1 
ATOM   744 C C   . ARG A 1 95  ? 10.706  -12.990 -3.872  1.00 28.77 ? 95   ARG A C   1 
ATOM   745 O O   . ARG A 1 95  ? 10.654  -14.147 -4.279  1.00 31.31 ? 95   ARG A O   1 
ATOM   746 C CB  . ARG A 1 95  ? 9.338   -11.275 -5.018  1.00 31.77 ? 95   ARG A CB  1 
ATOM   747 C CG  . ARG A 1 95  ? 7.935   -10.824 -5.348  1.00 35.56 ? 95   ARG A CG  1 
ATOM   748 C CD  . ARG A 1 95  ? 7.768   -10.710 -6.857  1.00 38.82 ? 95   ARG A CD  1 
ATOM   749 N NE  . ARG A 1 95  ? 8.626   -9.679  -7.428  1.00 41.43 ? 95   ARG A NE  1 
ATOM   750 C CZ  . ARG A 1 95  ? 8.878   -9.549  -8.728  1.00 42.72 ? 95   ARG A CZ  1 
ATOM   751 N NH1 . ARG A 1 95  ? 8.343   -10.394 -9.599  1.00 43.07 ? 95   ARG A NH1 1 
ATOM   752 N NH2 . ARG A 1 95  ? 9.657   -8.565  -9.157  1.00 43.12 ? 95   ARG A NH2 1 
ATOM   753 N N   . GLU A 1 96  ? 11.836  -12.398 -3.503  1.00 29.28 ? 96   GLU A N   1 
ATOM   754 C CA  . GLU A 1 96  ? 13.120  -13.076 -3.572  1.00 29.40 ? 96   GLU A CA  1 
ATOM   755 C C   . GLU A 1 96  ? 13.277  -14.175 -2.524  1.00 27.90 ? 96   GLU A C   1 
ATOM   756 O O   . GLU A 1 96  ? 13.989  -15.150 -2.754  1.00 28.41 ? 96   GLU A O   1 
ATOM   757 C CB  . GLU A 1 96  ? 14.236  -12.042 -3.446  1.00 31.09 ? 96   GLU A CB  1 
ATOM   758 C CG  . GLU A 1 96  ? 14.102  -10.932 -4.479  1.00 34.77 ? 96   GLU A CG  1 
ATOM   759 C CD  . GLU A 1 96  ? 15.084  -9.798  -4.272  1.00 37.36 ? 96   GLU A CD  1 
ATOM   760 O OE1 . GLU A 1 96  ? 15.222  -9.326  -3.123  1.00 38.43 ? 96   GLU A OE1 1 
ATOM   761 O OE2 . GLU A 1 96  ? 15.706  -9.366  -5.264  1.00 40.03 ? 96   GLU A OE2 1 
ATOM   762 N N   . THR A 1 97  ? 12.614  -14.028 -1.381  1.00 25.02 ? 97   THR A N   1 
ATOM   763 C CA  . THR A 1 97  ? 12.688  -15.045 -0.336  1.00 22.77 ? 97   THR A CA  1 
ATOM   764 C C   . THR A 1 97  ? 11.586  -16.086 -0.546  1.00 23.80 ? 97   THR A C   1 
ATOM   765 O O   . THR A 1 97  ? 11.496  -17.067 0.189   1.00 22.93 ? 97   THR A O   1 
ATOM   766 C CB  . THR A 1 97  ? 12.531  -14.433 1.065   1.00 22.92 ? 97   THR A CB  1 
ATOM   767 O OG1 . THR A 1 97  ? 11.264  -13.777 1.161   1.00 20.94 ? 97   THR A OG1 1 
ATOM   768 C CG2 . THR A 1 97  ? 13.641  -13.433 1.339   1.00 21.62 ? 97   THR A CG2 1 
ATOM   769 N N   . GLY A 1 98  ? 10.753  -15.862 -1.557  1.00 22.78 ? 98   GLY A N   1 
ATOM   770 C CA  . GLY A 1 98  ? 9.676   -16.790 -1.858  1.00 24.04 ? 98   GLY A CA  1 
ATOM   771 C C   . GLY A 1 98  ? 8.539   -16.777 -0.854  1.00 24.89 ? 98   GLY A C   1 
ATOM   772 O O   . GLY A 1 98  ? 7.848   -17.784 -0.675  1.00 25.99 ? 98   GLY A O   1 
ATOM   773 N N   . GLU A 1 99  ? 8.329   -15.638 -0.205  1.00 22.76 ? 99   GLU A N   1 
ATOM   774 C CA  . GLU A 1 99  ? 7.272   -15.525 0.790   1.00 23.37 ? 99   GLU A CA  1 
ATOM   775 C C   . GLU A 1 99  ? 6.066   -14.712 0.333   1.00 23.76 ? 99   GLU A C   1 
ATOM   776 O O   . GLU A 1 99  ? 5.043   -14.687 1.013   1.00 23.70 ? 99   GLU A O   1 
ATOM   777 C CB  . GLU A 1 99  ? 7.842   -14.923 2.074   1.00 24.54 ? 99   GLU A CB  1 
ATOM   778 C CG  . GLU A 1 99  ? 8.964   -15.759 2.675   1.00 27.28 ? 99   GLU A CG  1 
ATOM   779 C CD  . GLU A 1 99  ? 9.661   -15.069 3.827   1.00 29.10 ? 99   GLU A CD  1 
ATOM   780 O OE1 . GLU A 1 99  ? 10.339  -14.044 3.590   1.00 27.57 ? 99   GLU A OE1 1 
ATOM   781 O OE2 . GLU A 1 99  ? 9.533   -15.555 4.970   1.00 31.32 ? 99   GLU A OE2 1 
ATOM   782 N N   . LEU A 1 100 ? 6.171   -14.052 -0.815  1.00 23.88 ? 100  LEU A N   1 
ATOM   783 C CA  . LEU A 1 100 ? 5.052   -13.249 -1.302  1.00 24.71 ? 100  LEU A CA  1 
ATOM   784 C C   . LEU A 1 100 ? 3.901   -14.108 -1.817  1.00 26.54 ? 100  LEU A C   1 
ATOM   785 O O   . LEU A 1 100 ? 2.735   -13.805 -1.572  1.00 25.71 ? 100  LEU A O   1 
ATOM   786 C CB  . LEU A 1 100 ? 5.511   -12.291 -2.407  1.00 22.90 ? 100  LEU A CB  1 
ATOM   787 C CG  . LEU A 1 100 ? 4.433   -11.320 -2.902  1.00 20.55 ? 100  LEU A CG  1 
ATOM   788 C CD1 . LEU A 1 100 ? 3.974   -10.418 -1.757  1.00 21.70 ? 100  LEU A CD1 1 
ATOM   789 C CD2 . LEU A 1 100 ? 4.986   -10.493 -4.039  1.00 21.05 ? 100  LEU A CD2 1 
ATOM   790 N N   . GLU A 1 101 ? 4.229   -15.187 -2.520  1.00 28.74 ? 101  GLU A N   1 
ATOM   791 C CA  . GLU A 1 101 ? 3.213   -16.076 -3.070  1.00 30.84 ? 101  GLU A CA  1 
ATOM   792 C C   . GLU A 1 101 ? 2.179   -16.544 -2.050  1.00 31.03 ? 101  GLU A C   1 
ATOM   793 O O   . GLU A 1 101 ? 0.983   -16.551 -2.335  1.00 32.31 ? 101  GLU A O   1 
ATOM   794 C CB  . GLU A 1 101 ? 3.880   -17.290 -3.724  1.00 35.19 ? 101  GLU A CB  1 
ATOM   795 C CG  . GLU A 1 101 ? 4.577   -16.976 -5.045  1.00 39.24 ? 101  GLU A CG  1 
ATOM   796 C CD  . GLU A 1 101 ? 3.599   -16.567 -6.132  1.00 40.24 ? 101  GLU A CD  1 
ATOM   797 O OE1 . GLU A 1 101 ? 2.676   -17.354 -6.420  1.00 43.21 ? 101  GLU A OE1 1 
ATOM   798 O OE2 . GLU A 1 101 ? 3.752   -15.465 -6.701  1.00 42.22 ? 101  GLU A OE2 1 
ATOM   799 N N   . GLU A 1 102 ? 2.630   -16.938 -0.863  1.00 30.82 ? 102  GLU A N   1 
ATOM   800 C CA  . GLU A 1 102 ? 1.706   -17.400 0.160   1.00 32.83 ? 102  GLU A CA  1 
ATOM   801 C C   . GLU A 1 102 ? 0.769   -16.275 0.595   1.00 32.28 ? 102  GLU A C   1 
ATOM   802 O O   . GLU A 1 102 ? -0.367  -16.526 0.994   1.00 30.63 ? 102  GLU A O   1 
ATOM   803 C CB  . GLU A 1 102 ? 2.469   -17.947 1.372   1.00 36.95 ? 102  GLU A CB  1 
ATOM   804 C CG  . GLU A 1 102 ? 3.269   -16.912 2.145   1.00 43.70 ? 102  GLU A CG  1 
ATOM   805 C CD  . GLU A 1 102 ? 4.062   -17.525 3.286   1.00 47.87 ? 102  GLU A CD  1 
ATOM   806 O OE1 . GLU A 1 102 ? 3.463   -18.259 4.104   1.00 49.51 ? 102  GLU A OE1 1 
ATOM   807 O OE2 . GLU A 1 102 ? 5.285   -17.269 3.369   1.00 50.02 ? 102  GLU A OE2 1 
ATOM   808 N N   . LEU A 1 103 ? 1.239   -15.035 0.509   1.00 30.69 ? 103  LEU A N   1 
ATOM   809 C CA  . LEU A 1 103 ? 0.414   -13.896 0.898   1.00 30.19 ? 103  LEU A CA  1 
ATOM   810 C C   . LEU A 1 103 ? -0.632  -13.565 -0.171  1.00 29.78 ? 103  LEU A C   1 
ATOM   811 O O   . LEU A 1 103 ? -1.732  -13.117 0.149   1.00 30.15 ? 103  LEU A O   1 
ATOM   812 C CB  . LEU A 1 103 ? 1.287   -12.664 1.163   1.00 29.47 ? 103  LEU A CB  1 
ATOM   813 C CG  . LEU A 1 103 ? 2.331   -12.747 2.282   1.00 30.07 ? 103  LEU A CG  1 
ATOM   814 C CD1 . LEU A 1 103 ? 2.966   -11.375 2.477   1.00 30.61 ? 103  LEU A CD1 1 
ATOM   815 C CD2 . LEU A 1 103 ? 1.680   -13.211 3.578   1.00 30.41 ? 103  LEU A CD2 1 
ATOM   816 N N   . LEU A 1 104 ? -0.292  -13.798 -1.435  1.00 30.85 ? 104  LEU A N   1 
ATOM   817 C CA  . LEU A 1 104 ? -1.209  -13.503 -2.537  1.00 32.60 ? 104  LEU A CA  1 
ATOM   818 C C   . LEU A 1 104 ? -2.212  -14.604 -2.862  1.00 35.97 ? 104  LEU A C   1 
ATOM   819 O O   . LEU A 1 104 ? -3.227  -14.343 -3.509  1.00 36.91 ? 104  LEU A O   1 
ATOM   820 C CB  . LEU A 1 104 ? -0.425  -13.168 -3.807  1.00 30.37 ? 104  LEU A CB  1 
ATOM   821 C CG  . LEU A 1 104 ? 0.448   -11.913 -3.797  1.00 29.08 ? 104  LEU A CG  1 
ATOM   822 C CD1 . LEU A 1 104 ? 1.172   -11.795 -5.125  1.00 26.29 ? 104  LEU A CD1 1 
ATOM   823 C CD2 . LEU A 1 104 ? -0.413  -10.685 -3.543  1.00 27.87 ? 104  LEU A CD2 1 
ATOM   824 N N   . GLU A 1 105 ? -1.937  -15.831 -2.428  1.00 39.07 ? 105  GLU A N   1 
ATOM   825 C CA  . GLU A 1 105 ? -2.837  -16.945 -2.710  1.00 42.30 ? 105  GLU A CA  1 
ATOM   826 C C   . GLU A 1 105 ? -4.315  -16.626 -2.491  1.00 44.05 ? 105  GLU A C   1 
ATOM   827 O O   . GLU A 1 105 ? -5.116  -16.728 -3.420  1.00 44.60 ? 105  GLU A O   1 
ATOM   828 C CB  . GLU A 1 105 ? -2.453  -18.174 -1.886  1.00 43.82 ? 105  GLU A CB  1 
ATOM   829 C CG  . GLU A 1 105 ? -1.310  -18.974 -2.477  1.00 47.21 ? 105  GLU A CG  1 
ATOM   830 C CD  . GLU A 1 105 ? -1.137  -20.318 -1.799  1.00 48.80 ? 105  GLU A CD  1 
ATOM   831 O OE1 . GLU A 1 105 ? -2.117  -21.095 -1.771  1.00 49.56 ? 105  GLU A OE1 1 
ATOM   832 O OE2 . GLU A 1 105 ? -0.025  -20.596 -1.300  1.00 50.65 ? 105  GLU A OE2 1 
ATOM   833 N N   . PRO A 1 106 ? -4.696  -16.231 -1.265  1.00 45.15 ? 106  PRO A N   1 
ATOM   834 C CA  . PRO A 1 106 ? -6.103  -15.913 -0.997  1.00 46.43 ? 106  PRO A CA  1 
ATOM   835 C C   . PRO A 1 106 ? -6.674  -14.796 -1.876  1.00 48.00 ? 106  PRO A C   1 
ATOM   836 O O   . PRO A 1 106 ? -7.892  -14.676 -2.027  1.00 49.10 ? 106  PRO A O   1 
ATOM   837 C CB  . PRO A 1 106 ? -6.095  -15.549 0.487   1.00 46.30 ? 106  PRO A CB  1 
ATOM   838 C CG  . PRO A 1 106 ? -4.718  -14.985 0.689   1.00 46.18 ? 106  PRO A CG  1 
ATOM   839 C CD  . PRO A 1 106 ? -3.863  -15.956 -0.081  1.00 45.40 ? 106  PRO A CD  1 
ATOM   840 N N   . ILE A 1 107 ? -5.794  -13.988 -2.457  1.00 48.90 ? 107  ILE A N   1 
ATOM   841 C CA  . ILE A 1 107 ? -6.208  -12.883 -3.320  1.00 49.64 ? 107  ILE A CA  1 
ATOM   842 C C   . ILE A 1 107 ? -6.277  -13.315 -4.784  1.00 50.34 ? 107  ILE A C   1 
ATOM   843 O O   . ILE A 1 107 ? -7.081  -12.791 -5.556  1.00 50.64 ? 107  ILE A O   1 
ATOM   844 C CB  . ILE A 1 107 ? -5.232  -11.683 -3.197  1.00 48.61 ? 107  ILE A CB  1 
ATOM   845 C CG1 . ILE A 1 107 ? -5.305  -11.097 -1.785  1.00 48.31 ? 107  ILE A CG1 1 
ATOM   846 C CG2 . ILE A 1 107 ? -5.571  -10.619 -4.233  1.00 49.34 ? 107  ILE A CG2 1 
ATOM   847 C CD1 . ILE A 1 107 ? -4.377  -9.922  -1.559  1.00 46.96 ? 107  ILE A CD1 1 
ATOM   848 N N   . LEU A 1 108 ? -5.429  -14.265 -5.163  1.00 50.66 ? 108  LEU A N   1 
ATOM   849 C CA  . LEU A 1 108 ? -5.405  -14.761 -6.534  1.00 50.88 ? 108  LEU A CA  1 
ATOM   850 C C   . LEU A 1 108 ? -6.303  -15.987 -6.685  1.00 51.28 ? 108  LEU A C   1 
ATOM   851 O O   . LEU A 1 108 ? -7.367  -16.072 -6.071  1.00 50.69 ? 108  LEU A O   1 
ATOM   852 C CB  . LEU A 1 108 ? -3.972  -15.114 -6.945  1.00 50.79 ? 108  LEU A CB  1 
ATOM   853 C CG  . LEU A 1 108 ? -2.962  -13.964 -7.019  1.00 50.85 ? 108  LEU A CG  1 
ATOM   854 C CD1 . LEU A 1 108 ? -1.599  -14.508 -7.411  1.00 50.44 ? 108  LEU A CD1 1 
ATOM   855 C CD2 . LEU A 1 108 ? -3.427  -12.929 -8.032  1.00 51.24 ? 108  LEU A CD2 1 
HETATM 856 N N1  . GSH B 2 .   ? 13.167  2.342   -0.449  1.00 20.43 ? 1000 GSH A N1  1 
HETATM 857 C CA1 . GSH B 2 .   ? 11.808  2.928   -0.622  1.00 20.88 ? 1000 GSH A CA1 1 
HETATM 858 C C1  . GSH B 2 .   ? 10.947  2.005   -1.482  1.00 19.14 ? 1000 GSH A C1  1 
HETATM 859 O O11 . GSH B 2 .   ? 11.512  1.124   -2.165  1.00 19.70 ? 1000 GSH A O11 1 
HETATM 860 O O12 . GSH B 2 .   ? 9.713   2.165   -1.457  1.00 17.88 ? 1000 GSH A O12 1 
HETATM 861 C CB1 . GSH B 2 .   ? 11.924  4.320   -1.264  1.00 21.64 ? 1000 GSH A CB1 1 
HETATM 862 C CG1 . GSH B 2 .   ? 10.597  5.059   -1.491  1.00 19.21 ? 1000 GSH A CG1 1 
HETATM 863 C CD1 . GSH B 2 .   ? 10.779  6.570   -1.642  1.00 19.20 ? 1000 GSH A CD1 1 
HETATM 864 O OE1 . GSH B 2 .   ? 11.895  7.072   -1.515  1.00 18.48 ? 1000 GSH A OE1 1 
HETATM 865 N N2  . GSH B 2 .   ? 9.692   7.289   -1.917  1.00 18.53 ? 1000 GSH A N2  1 
HETATM 866 C CA2 . GSH B 2 .   ? 9.732   8.748   -2.045  1.00 19.54 ? 1000 GSH A CA2 1 
HETATM 867 C C2  . GSH B 2 .   ? 9.170   9.354   -0.765  1.00 18.96 ? 1000 GSH A C2  1 
HETATM 868 O O2  . GSH B 2 .   ? 8.257   8.796   -0.154  1.00 15.97 ? 1000 GSH A O2  1 
HETATM 869 C CB2 . GSH B 2 .   ? 8.875   9.231   -3.221  1.00 18.55 ? 1000 GSH A CB2 1 
HETATM 870 S SG2 . GSH B 2 .   ? 9.526   8.867   -4.846  1.00 24.01 ? 1000 GSH A SG2 1 
HETATM 871 N N3  . GSH B 2 .   ? 9.705   10.498  -0.360  1.00 18.12 ? 1000 GSH A N3  1 
HETATM 872 C CA3 . GSH B 2 .   ? 9.210   11.128  0.849   1.00 19.91 ? 1000 GSH A CA3 1 
HETATM 873 C C3  . GSH B 2 .   ? 7.792   11.643  0.672   1.00 21.86 ? 1000 GSH A C3  1 
HETATM 874 O O31 . GSH B 2 .   ? 7.298   11.636  -0.476  1.00 22.68 ? 1000 GSH A O31 1 
HETATM 875 O O32 . GSH B 2 .   ? 7.172   12.065  1.674   1.00 21.19 ? 1000 GSH A O32 1 
HETATM 876 O O   . HOH C 3 .   ? -6.127  15.014  10.884  1.00 44.91 ? 2001 HOH A O   1 
HETATM 877 O O   . HOH C 3 .   ? -11.350 13.025  15.260  1.00 36.04 ? 2002 HOH A O   1 
HETATM 878 O O   . HOH C 3 .   ? -13.232 8.674   15.323  1.00 45.18 ? 2003 HOH A O   1 
HETATM 879 O O   . HOH C 3 .   ? -6.314  -1.560  9.182   1.00 33.56 ? 2004 HOH A O   1 
HETATM 880 O O   . HOH C 3 .   ? -8.200  2.874   16.004  1.00 43.22 ? 2005 HOH A O   1 
HETATM 881 O O   . HOH C 3 .   ? -6.274  0.474   18.138  1.00 53.09 ? 2006 HOH A O   1 
HETATM 882 O O   . HOH C 3 .   ? -2.462  4.500   16.752  1.00 54.96 ? 2007 HOH A O   1 
HETATM 883 O O   . HOH C 3 .   ? -4.975  -4.492  2.982   1.00 21.43 ? 2008 HOH A O   1 
HETATM 884 O O   . HOH C 3 .   ? -14.783 1.066   1.148   1.00 44.16 ? 2009 HOH A O   1 
HETATM 885 O O   . HOH C 3 .   ? -12.304 0.293   -3.311  1.00 41.11 ? 2010 HOH A O   1 
HETATM 886 O O   . HOH C 3 .   ? -7.630  -6.372  3.576   1.00 33.34 ? 2011 HOH A O   1 
HETATM 887 O O   . HOH C 3 .   ? -10.377 -5.610  -2.318  1.00 32.51 ? 2012 HOH A O   1 
HETATM 888 O O   . HOH C 3 .   ? 0.880   15.336  -0.525  1.00 43.16 ? 2013 HOH A O   1 
HETATM 889 O O   . HOH C 3 .   ? 3.667   16.349  -3.468  1.00 27.45 ? 2014 HOH A O   1 
HETATM 890 O O   . HOH C 3 .   ? 13.932  4.520   -9.197  1.00 44.27 ? 2015 HOH A O   1 
HETATM 891 O O   . HOH C 3 .   ? 10.650  -9.765  4.979   1.00 40.44 ? 2016 HOH A O   1 
HETATM 892 O O   . HOH C 3 .   ? 4.396   -20.674 -0.910  1.00 38.83 ? 2017 HOH A O   1 
HETATM 893 O O   . HOH C 3 .   ? 0.101   -16.909 -16.105 1.00 41.65 ? 2018 HOH A O   1 
HETATM 894 O O   . HOH C 3 .   ? 1.601   -13.586 -18.992 1.00 65.10 ? 2019 HOH A O   1 
HETATM 895 O O   . HOH C 3 .   ? -5.047  0.589   -11.834 1.00 53.94 ? 2020 HOH A O   1 
HETATM 896 O O   . HOH C 3 .   ? -6.914  -0.522  -8.695  1.00 36.51 ? 2021 HOH A O   1 
HETATM 897 O O   . HOH C 3 .   ? -10.234 -1.203  -6.443  1.00 47.66 ? 2022 HOH A O   1 
HETATM 898 O O   . HOH C 3 .   ? -7.431  2.045   -6.941  1.00 31.51 ? 2023 HOH A O   1 
HETATM 899 O O   . HOH C 3 .   ? -6.031  8.481   -5.890  1.00 24.40 ? 2024 HOH A O   1 
HETATM 900 O O   . HOH C 3 .   ? -1.861  16.078  -1.458  1.00 41.16 ? 2025 HOH A O   1 
HETATM 901 O O   . HOH C 3 .   ? 1.933   16.379  -7.729  1.00 38.56 ? 2026 HOH A O   1 
HETATM 902 O O   . HOH C 3 .   ? -0.880  17.640  -7.851  1.00 47.20 ? 2027 HOH A O   1 
HETATM 903 O O   . HOH C 3 .   ? -2.802  17.152  1.222   1.00 28.79 ? 2028 HOH A O   1 
HETATM 904 O O   . HOH C 3 .   ? 2.196   14.151  5.739   1.00 26.69 ? 2029 HOH A O   1 
HETATM 905 O O   . HOH C 3 .   ? -4.262  16.518  4.384   1.00 31.01 ? 2030 HOH A O   1 
HETATM 906 O O   . HOH C 3 .   ? 1.261   13.145  1.491   1.00 33.75 ? 2031 HOH A O   1 
HETATM 907 O O   . HOH C 3 .   ? 3.930   7.948   6.058   1.00 20.81 ? 2032 HOH A O   1 
HETATM 908 O O   . HOH C 3 .   ? 5.034   5.336   14.538  1.00 37.12 ? 2033 HOH A O   1 
HETATM 909 O O   . HOH C 3 .   ? 4.965   1.034   14.579  1.00 47.78 ? 2034 HOH A O   1 
HETATM 910 O O   . HOH C 3 .   ? 7.751   0.728   9.044   1.00 43.03 ? 2035 HOH A O   1 
HETATM 911 O O   . HOH C 3 .   ? 11.071  7.247   12.309  1.00 55.47 ? 2036 HOH A O   1 
HETATM 912 O O   . HOH C 3 .   ? 10.154  5.284   6.210   1.00 32.74 ? 2037 HOH A O   1 
HETATM 913 O O   . HOH C 3 .   ? 4.865   12.895  10.430  1.00 51.15 ? 2038 HOH A O   1 
HETATM 914 O O   . HOH C 3 .   ? 3.427   6.217   3.659   1.00 18.91 ? 2039 HOH A O   1 
HETATM 915 O O   . HOH C 3 .   ? 11.262  3.789   3.688   1.00 37.65 ? 2040 HOH A O   1 
HETATM 916 O O   . HOH C 3 .   ? -1.088  -10.773 3.990   1.00 28.63 ? 2041 HOH A O   1 
HETATM 917 O O   . HOH C 3 .   ? -7.776  -6.748  6.759   1.00 48.78 ? 2042 HOH A O   1 
HETATM 918 O O   . HOH C 3 .   ? 6.480   -11.357 5.928   1.00 42.20 ? 2043 HOH A O   1 
HETATM 919 O O   . HOH C 3 .   ? 7.368   -6.766  4.831   1.00 25.45 ? 2044 HOH A O   1 
HETATM 920 O O   . HOH C 3 .   ? 11.768  -2.635  -8.370  1.00 40.90 ? 2045 HOH A O   1 
HETATM 921 O O   . HOH C 3 .   ? 10.360  1.216   2.303   1.00 39.86 ? 2046 HOH A O   1 
HETATM 922 O O   . HOH C 3 .   ? 14.694  -5.701  -1.494  1.00 24.47 ? 2047 HOH A O   1 
HETATM 923 O O   . HOH C 3 .   ? 9.808   -7.511  3.121   1.00 26.32 ? 2048 HOH A O   1 
HETATM 924 O O   . HOH C 3 .   ? 9.499   0.053   5.165   1.00 45.19 ? 2049 HOH A O   1 
HETATM 925 O O   . HOH C 3 .   ? 11.967  -11.425 2.820   1.00 44.56 ? 2050 HOH A O   1 
HETATM 926 O O   . HOH C 3 .   ? 16.009  -15.312 -4.328  1.00 39.19 ? 2051 HOH A O   1 
HETATM 927 O O   . HOH C 3 .   ? 11.343  -19.492 1.142   1.00 27.25 ? 2052 HOH A O   1 
HETATM 928 O O   . HOH C 3 .   ? 5.211   -17.883 -0.108  1.00 34.25 ? 2053 HOH A O   1 
HETATM 929 O O   . HOH C 3 .   ? 7.081   -15.329 -3.598  1.00 31.21 ? 2054 HOH A O   1 
HETATM 930 O O   . HOH C 3 .   ? -0.031  -16.938 -5.149  1.00 42.91 ? 2055 HOH A O   1 
HETATM 931 O O   . HOH C 3 .   ? 5.162   -13.927 4.680   1.00 52.34 ? 2056 HOH A O   1 
HETATM 932 O O   . HOH C 3 .   ? -2.806  -12.955 2.738   1.00 39.97 ? 2057 HOH A O   1 
HETATM 933 O O   . HOH C 3 .   ? 14.009  -3.004  -4.696  1.00 44.32 ? 3001 HOH A O   1 
HETATM 934 O O   . HOH C 3 .   ? 11.029  10.654  4.366   1.00 38.56 ? 3002 HOH A O   1 
HETATM 935 O O   . HOH C 3 .   ? 8.186   3.181   0.351   1.00 17.34 ? 3003 HOH A O   1 
HETATM 936 O O   . HOH C 3 .   ? 13.864  7.424   0.721   1.00 47.16 ? 3004 HOH A O   1 
HETATM 937 O O   . HOH C 3 .   ? 12.846  0.074   -4.422  1.00 26.47 ? 3005 HOH A O   1 
HETATM 938 O O   . HOH C 3 .   ? 5.307   14.205  2.326   1.00 35.52 ? 3006 HOH A O   1 
HETATM 939 O O   . HOH C 3 .   ? 8.686   12.850  -2.496  0.50 28.42 ? 3007 HOH A O   1 
HETATM 940 O O   . HOH C 3 .   ? 8.307   12.017  4.113   1.00 29.94 ? 3008 HOH A O   1 
# 
